data_1SXG
#
_entry.id   1SXG
#
_cell.length_a   375.390
_cell.length_b   60.140
_cell.length_c   75.650
_cell.angle_alpha   90.00
_cell.angle_beta   95.59
_cell.angle_gamma   90.00
#
_symmetry.space_group_name_H-M   'C 1 2 1'
#
loop_
_entity.id
_entity.type
_entity.pdbx_description
1 polymer 'Glucose-resistance amylase regulator'
2 non-polymer '2-PHENYLAMINO-ETHANESULFONIC ACID'
3 water water
#
_entity_poly.entity_id   1
_entity_poly.type   'polypeptide(L)'
_entity_poly.pdbx_seq_one_letter_code
;RGLASKKTTTVGVIIPDISNIFYAELARGIEDIATMYKYNIILSNSDQNQDKELHLLNNMLGKQVDGIIFMSGNVTEEHV
EELKKSPVPVVLAASIESTNQIPSVTIDYEQAAFDAVQSLIDSGHKNIAFVSGTLEEPINHAKKVKGYKRALTESGLPVR
DSYIVEGDYTYDSGIEAVEKLLEEDEKPTAIFVGTDEMALGVIHGAQDRGLNVPNDLEIIGFDNTRLSTMVRPQLTSVVQ
PMYDIGAVAMRLLTKYMNKETVDSSIVQLPHRIEFRQSTK
;
_entity_poly.pdbx_strand_id   A,D,B,I,P,F
#
# COMPACT_ATOMS: atom_id res chain seq x y z
N LYS A 6 -36.93 12.59 -20.63
CA LYS A 6 -36.03 12.88 -21.78
C LYS A 6 -34.99 13.91 -21.37
N LYS A 7 -35.46 15.07 -20.90
CA LYS A 7 -34.56 16.15 -20.50
C LYS A 7 -33.42 15.66 -19.61
N THR A 8 -32.22 15.65 -20.15
CA THR A 8 -31.10 15.18 -19.36
C THR A 8 -31.10 15.87 -18.02
N THR A 9 -30.97 15.09 -16.96
CA THR A 9 -30.93 15.63 -15.60
C THR A 9 -29.50 15.98 -15.21
N THR A 10 -29.32 17.12 -14.55
CA THR A 10 -27.99 17.54 -14.11
C THR A 10 -27.95 17.87 -12.60
N VAL A 11 -27.00 17.28 -11.88
CA VAL A 11 -26.91 17.55 -10.46
C VAL A 11 -25.67 18.38 -10.16
N GLY A 12 -25.82 19.25 -9.18
CA GLY A 12 -24.74 20.13 -8.79
C GLY A 12 -24.08 19.57 -7.57
N VAL A 13 -22.76 19.69 -7.52
CA VAL A 13 -22.02 19.19 -6.38
C VAL A 13 -21.07 20.26 -5.88
N ILE A 14 -21.12 20.54 -4.59
CA ILE A 14 -20.19 21.51 -4.07
C ILE A 14 -19.37 20.93 -2.96
N ILE A 15 -18.07 21.18 -3.05
CA ILE A 15 -17.14 20.72 -2.06
C ILE A 15 -16.57 21.96 -1.40
N PRO A 16 -16.17 21.83 -0.12
CA PRO A 16 -15.60 22.94 0.63
C PRO A 16 -14.22 23.40 0.16
N ASP A 17 -13.41 22.50 -0.36
CA ASP A 17 -12.10 22.90 -0.83
C ASP A 17 -11.28 21.89 -1.63
N ILE A 18 -10.19 22.36 -2.19
CA ILE A 18 -9.27 21.54 -2.98
C ILE A 18 -8.26 20.85 -2.06
N SER A 19 -8.10 21.40 -0.85
CA SER A 19 -7.17 20.84 0.14
C SER A 19 -7.56 19.43 0.55
N ASN A 20 -8.44 19.33 1.54
CA ASN A 20 -8.93 18.06 2.09
C ASN A 20 -9.37 17.09 0.99
N ILE A 21 -8.43 16.29 0.49
CA ILE A 21 -8.70 15.37 -0.59
C ILE A 21 -9.84 14.40 -0.34
N PHE A 22 -10.34 14.29 0.88
CA PHE A 22 -11.44 13.36 1.09
C PHE A 22 -12.68 13.88 0.35
N TYR A 23 -12.95 15.17 0.48
CA TYR A 23 -14.09 15.76 -0.19
C TYR A 23 -14.04 15.52 -1.70
N ALA A 24 -12.89 15.78 -2.29
CA ALA A 24 -12.70 15.60 -3.73
C ALA A 24 -12.95 14.14 -4.15
N GLU A 25 -12.41 13.22 -3.36
CA GLU A 25 -12.60 11.80 -3.63
C GLU A 25 -14.08 11.49 -3.56
N LEU A 26 -14.76 12.00 -2.54
CA LEU A 26 -16.20 11.77 -2.39
C LEU A 26 -16.95 12.37 -3.59
N ALA A 27 -16.53 13.55 -4.03
CA ALA A 27 -17.18 14.18 -5.17
C ALA A 27 -17.03 13.24 -6.34
N ARG A 28 -15.85 12.66 -6.47
CA ARG A 28 -15.61 11.72 -7.54
C ARG A 28 -16.50 10.51 -7.37
N GLY A 29 -16.67 10.07 -6.13
CA GLY A 29 -17.52 8.92 -5.88
C GLY A 29 -18.95 9.24 -6.30
N ILE A 30 -19.38 10.45 -6.01
CA ILE A 30 -20.72 10.88 -6.36
C ILE A 30 -20.87 10.91 -7.88
N GLU A 31 -19.93 11.54 -8.55
CA GLU A 31 -19.96 11.60 -10.00
C GLU A 31 -20.08 10.20 -10.61
N ASP A 32 -19.36 9.25 -10.04
CA ASP A 32 -19.41 7.88 -10.53
C ASP A 32 -20.82 7.31 -10.52
N ILE A 33 -21.45 7.34 -9.35
CA ILE A 33 -22.78 6.83 -9.19
C ILE A 33 -23.73 7.60 -10.11
N ALA A 34 -23.45 8.88 -10.28
CA ALA A 34 -24.29 9.71 -11.10
C ALA A 34 -24.25 9.29 -12.57
N THR A 35 -23.07 8.88 -13.02
CA THR A 35 -22.92 8.46 -14.41
C THR A 35 -23.84 7.31 -14.78
N MET A 36 -24.10 6.41 -13.83
CA MET A 36 -24.97 5.27 -14.10
C MET A 36 -26.44 5.67 -14.14
N TYR A 37 -26.78 6.74 -13.43
CA TYR A 37 -28.14 7.26 -13.46
C TYR A 37 -28.24 7.97 -14.81
N LYS A 38 -27.07 8.30 -15.35
CA LYS A 38 -26.93 9.00 -16.62
C LYS A 38 -27.12 10.49 -16.44
N TYR A 39 -26.92 10.96 -15.21
CA TYR A 39 -27.04 12.37 -14.86
C TYR A 39 -25.81 13.17 -15.27
N ASN A 40 -25.94 14.48 -15.25
CA ASN A 40 -24.83 15.38 -15.53
C ASN A 40 -24.38 15.89 -14.18
N ILE A 41 -23.10 16.24 -14.09
CA ILE A 41 -22.56 16.73 -12.85
C ILE A 41 -21.74 17.99 -13.02
N ILE A 42 -22.08 19.00 -12.25
CA ILE A 42 -21.36 20.27 -12.22
C ILE A 42 -20.76 20.37 -10.81
N LEU A 43 -19.46 20.57 -10.74
CA LEU A 43 -18.76 20.63 -9.47
C LEU A 43 -18.22 22.05 -9.19
N SER A 44 -18.57 22.61 -8.05
CA SER A 44 -18.10 23.94 -7.65
C SER A 44 -17.35 23.84 -6.34
N ASN A 45 -16.43 24.77 -6.12
CA ASN A 45 -15.64 24.79 -4.90
C ASN A 45 -15.91 26.07 -4.12
N SER A 46 -16.19 25.95 -2.83
CA SER A 46 -16.51 27.12 -2.01
C SER A 46 -15.43 27.69 -1.09
N ASP A 47 -14.30 27.01 -0.91
CA ASP A 47 -13.25 27.51 0.00
C ASP A 47 -13.82 27.79 1.40
N GLN A 48 -14.90 27.09 1.72
CA GLN A 48 -15.62 27.19 2.99
C GLN A 48 -15.93 28.61 3.53
N ASN A 49 -16.33 29.54 2.67
CA ASN A 49 -16.78 30.82 3.19
C ASN A 49 -18.26 30.87 2.78
N GLN A 50 -19.11 30.84 3.80
CA GLN A 50 -20.56 30.85 3.63
C GLN A 50 -21.06 31.58 2.39
N ASP A 51 -20.57 32.79 2.21
CA ASP A 51 -20.97 33.61 1.07
C ASP A 51 -20.91 32.81 -0.21
N LYS A 52 -19.72 32.36 -0.59
CA LYS A 52 -19.56 31.59 -1.81
C LYS A 52 -20.47 30.37 -1.75
N GLU A 53 -20.57 29.72 -0.59
CA GLU A 53 -21.45 28.55 -0.43
C GLU A 53 -22.88 28.96 -0.74
N LEU A 54 -23.33 30.04 -0.09
CA LEU A 54 -24.68 30.54 -0.28
C LEU A 54 -24.93 31.06 -1.70
N HIS A 55 -23.91 31.63 -2.32
CA HIS A 55 -24.08 32.14 -3.68
C HIS A 55 -24.11 30.96 -4.64
N LEU A 56 -23.25 29.97 -4.38
CA LEU A 56 -23.20 28.77 -5.21
C LEU A 56 -24.61 28.19 -5.31
N LEU A 57 -25.41 28.39 -4.27
CA LEU A 57 -26.79 27.93 -4.26
C LEU A 57 -27.63 28.71 -5.28
N ASN A 58 -27.10 29.85 -5.70
CA ASN A 58 -27.73 30.74 -6.67
C ASN A 58 -27.03 30.59 -8.06
N ASN A 59 -25.80 30.06 -8.06
CA ASN A 59 -25.05 29.83 -9.29
C ASN A 59 -25.42 28.46 -9.84
N MET A 60 -25.87 27.56 -8.96
CA MET A 60 -26.27 26.21 -9.35
C MET A 60 -27.65 26.20 -9.98
N LEU A 61 -28.53 27.08 -9.53
CA LEU A 61 -29.88 27.16 -10.08
C LEU A 61 -29.76 27.92 -11.40
N GLY A 62 -29.04 29.03 -11.36
CA GLY A 62 -28.84 29.82 -12.57
C GLY A 62 -28.23 28.95 -13.65
N LYS A 63 -27.43 27.97 -13.23
CA LYS A 63 -26.80 27.03 -14.14
C LYS A 63 -27.72 25.84 -14.33
N GLN A 64 -29.00 26.07 -14.01
CA GLN A 64 -30.10 25.09 -14.16
C GLN A 64 -29.81 23.63 -13.76
N VAL A 65 -29.38 23.42 -12.52
CA VAL A 65 -29.16 22.07 -12.07
C VAL A 65 -30.47 21.63 -11.42
N ASP A 66 -30.79 20.36 -11.54
CA ASP A 66 -32.03 19.81 -10.98
C ASP A 66 -31.92 19.37 -9.51
N GLY A 67 -30.69 19.29 -9.01
CA GLY A 67 -30.48 18.86 -7.64
C GLY A 67 -29.04 19.09 -7.23
N ILE A 68 -28.83 19.18 -5.92
CA ILE A 68 -27.50 19.44 -5.39
C ILE A 68 -27.06 18.56 -4.23
N ILE A 69 -25.82 18.10 -4.29
CA ILE A 69 -25.24 17.36 -3.18
C ILE A 69 -24.31 18.45 -2.67
N PHE A 70 -24.54 18.84 -1.41
CA PHE A 70 -23.82 19.90 -0.72
C PHE A 70 -22.93 19.33 0.39
N MET A 71 -21.62 19.58 0.30
CA MET A 71 -20.67 19.14 1.31
C MET A 71 -20.23 20.41 2.05
N SER A 72 -20.01 20.31 3.36
CA SER A 72 -19.60 21.49 4.13
C SER A 72 -19.20 21.19 5.57
N GLY A 73 -18.27 21.98 6.06
CA GLY A 73 -17.77 21.83 7.41
C GLY A 73 -18.45 22.68 8.46
N ASN A 74 -19.49 23.41 8.07
CA ASN A 74 -20.24 24.23 9.02
C ASN A 74 -21.55 24.70 8.42
N VAL A 75 -22.57 23.85 8.51
CA VAL A 75 -23.86 24.21 7.98
C VAL A 75 -24.56 24.89 9.14
N THR A 76 -24.35 26.20 9.20
CA THR A 76 -24.90 27.07 10.21
C THR A 76 -26.38 27.20 10.04
N GLU A 77 -27.03 27.68 11.08
CA GLU A 77 -28.47 27.83 11.06
C GLU A 77 -28.85 28.82 9.97
N GLU A 78 -27.93 29.68 9.59
CA GLU A 78 -28.20 30.62 8.51
C GLU A 78 -28.29 29.82 7.21
N HIS A 79 -27.32 28.92 7.02
CA HIS A 79 -27.30 28.05 5.84
C HIS A 79 -28.67 27.42 5.73
N VAL A 80 -29.04 26.71 6.79
CA VAL A 80 -30.31 26.02 6.88
C VAL A 80 -31.48 26.80 6.33
N GLU A 81 -31.53 28.10 6.63
CA GLU A 81 -32.65 28.92 6.17
C GLU A 81 -32.68 29.09 4.66
N GLU A 82 -31.57 29.56 4.10
CA GLU A 82 -31.47 29.76 2.67
C GLU A 82 -31.74 28.42 1.99
N LEU A 83 -31.24 27.36 2.62
CA LEU A 83 -31.37 25.99 2.14
C LEU A 83 -32.83 25.55 2.00
N LYS A 84 -33.58 25.63 3.10
CA LYS A 84 -34.98 25.24 3.07
C LYS A 84 -35.75 25.96 1.96
N LYS A 85 -35.33 27.19 1.66
CA LYS A 85 -35.97 28.00 0.62
C LYS A 85 -35.58 27.59 -0.78
N SER A 86 -34.49 26.82 -0.89
CA SER A 86 -33.98 26.38 -2.17
C SER A 86 -35.05 25.99 -3.19
N PRO A 87 -34.80 26.22 -4.49
CA PRO A 87 -35.75 25.88 -5.56
C PRO A 87 -35.60 24.41 -5.88
N VAL A 88 -34.35 23.98 -6.04
CA VAL A 88 -34.01 22.60 -6.34
C VAL A 88 -33.68 21.84 -5.07
N PRO A 89 -33.90 20.52 -5.06
CA PRO A 89 -33.59 19.73 -3.88
C PRO A 89 -32.09 19.66 -3.60
N VAL A 90 -31.72 19.71 -2.32
CA VAL A 90 -30.32 19.63 -1.95
C VAL A 90 -30.20 18.73 -0.74
N VAL A 91 -29.21 17.86 -0.74
CA VAL A 91 -29.00 16.99 0.40
C VAL A 91 -27.52 17.04 0.73
N LEU A 92 -27.21 16.89 2.01
CA LEU A 92 -25.82 16.93 2.46
C LEU A 92 -25.16 15.57 2.34
N ALA A 93 -23.85 15.60 2.18
CA ALA A 93 -23.05 14.40 2.10
C ALA A 93 -21.89 14.68 3.02
N ALA A 94 -21.66 13.78 3.97
CA ALA A 94 -20.56 13.87 4.93
C ALA A 94 -20.47 15.23 5.61
N SER A 95 -21.61 15.69 6.11
CA SER A 95 -21.66 16.98 6.77
C SER A 95 -22.74 16.98 7.83
N ILE A 96 -22.34 17.30 9.05
CA ILE A 96 -23.27 17.34 10.16
C ILE A 96 -24.05 18.67 10.11
N GLU A 97 -25.35 18.57 10.39
CA GLU A 97 -26.27 19.70 10.39
C GLU A 97 -27.23 19.37 11.54
N SER A 98 -26.68 19.44 12.75
CA SER A 98 -27.32 19.12 14.03
C SER A 98 -28.81 19.27 14.23
N THR A 99 -29.44 20.21 13.53
CA THR A 99 -30.88 20.38 13.69
C THR A 99 -31.65 19.25 13.03
N ASN A 100 -31.04 18.60 12.05
CA ASN A 100 -31.66 17.51 11.33
C ASN A 100 -32.85 18.00 10.49
N GLN A 101 -32.76 19.23 9.99
CA GLN A 101 -33.83 19.80 9.17
C GLN A 101 -33.53 19.75 7.66
N ILE A 102 -32.37 19.24 7.27
CA ILE A 102 -32.08 19.13 5.85
C ILE A 102 -31.71 17.69 5.57
N PRO A 103 -32.14 17.17 4.42
CA PRO A 103 -31.82 15.78 4.08
C PRO A 103 -30.31 15.62 4.07
N SER A 104 -29.83 14.55 4.71
CA SER A 104 -28.40 14.33 4.76
C SER A 104 -28.04 12.89 4.93
N VAL A 105 -26.84 12.54 4.49
CA VAL A 105 -26.29 11.19 4.62
C VAL A 105 -24.82 11.33 5.04
N THR A 106 -24.50 10.71 6.17
CA THR A 106 -23.16 10.74 6.76
C THR A 106 -23.03 9.49 7.62
N ILE A 107 -21.88 9.31 8.26
CA ILE A 107 -21.68 8.19 9.17
C ILE A 107 -21.77 8.87 10.51
N ASP A 108 -21.84 8.08 11.58
CA ASP A 108 -21.86 8.68 12.93
C ASP A 108 -20.41 8.93 13.39
N TYR A 109 -19.89 10.10 13.07
CA TYR A 109 -18.52 10.45 13.42
C TYR A 109 -18.14 10.23 14.89
N GLU A 110 -19.08 10.53 15.78
CA GLU A 110 -18.87 10.36 17.22
C GLU A 110 -18.47 8.91 17.51
N GLN A 111 -19.24 7.95 17.00
CA GLN A 111 -18.96 6.51 17.17
C GLN A 111 -17.66 6.11 16.49
N ALA A 112 -17.41 6.68 15.31
CA ALA A 112 -16.18 6.36 14.60
C ALA A 112 -14.99 6.69 15.53
N ALA A 113 -14.91 7.95 15.94
CA ALA A 113 -13.87 8.45 16.82
C ALA A 113 -13.71 7.57 18.06
N PHE A 114 -14.83 7.26 18.72
CA PHE A 114 -14.83 6.41 19.91
C PHE A 114 -14.28 5.02 19.58
N ASP A 115 -14.78 4.42 18.50
CA ASP A 115 -14.30 3.09 18.12
C ASP A 115 -12.79 3.13 17.88
N ALA A 116 -12.31 4.19 17.22
CA ALA A 116 -10.90 4.34 16.92
C ALA A 116 -10.05 4.36 18.21
N VAL A 117 -10.35 5.28 19.13
CA VAL A 117 -9.61 5.36 20.37
C VAL A 117 -9.83 4.07 21.18
N GLN A 118 -11.06 3.58 21.20
CA GLN A 118 -11.33 2.35 21.92
C GLN A 118 -10.35 1.31 21.41
N SER A 119 -10.18 1.30 20.09
CA SER A 119 -9.26 0.37 19.45
C SER A 119 -7.91 0.40 20.15
N LEU A 120 -7.41 1.59 20.39
CA LEU A 120 -6.13 1.78 21.03
C LEU A 120 -6.17 1.48 22.52
N ILE A 121 -7.31 1.73 23.18
CA ILE A 121 -7.41 1.42 24.61
C ILE A 121 -7.11 -0.04 24.73
N ASP A 122 -7.80 -0.83 23.90
CA ASP A 122 -7.66 -2.28 23.90
C ASP A 122 -6.28 -2.79 23.52
N SER A 123 -5.46 -1.94 22.91
CA SER A 123 -4.11 -2.32 22.52
C SER A 123 -3.24 -2.16 23.75
N GLY A 124 -3.78 -1.46 24.76
CA GLY A 124 -3.05 -1.25 25.99
C GLY A 124 -2.63 0.19 26.25
N HIS A 125 -3.03 1.10 25.38
CA HIS A 125 -2.66 2.49 25.56
C HIS A 125 -3.52 3.15 26.61
N LYS A 126 -2.88 3.88 27.50
CA LYS A 126 -3.59 4.57 28.55
C LYS A 126 -3.64 6.06 28.28
N ASN A 127 -2.57 6.64 27.75
CA ASN A 127 -2.68 8.06 27.42
C ASN A 127 -2.47 8.29 25.91
N ILE A 128 -3.62 8.52 25.28
CA ILE A 128 -3.79 8.72 23.84
C ILE A 128 -4.17 10.16 23.51
N ALA A 129 -3.42 10.79 22.61
CA ALA A 129 -3.69 12.15 22.22
C ALA A 129 -4.61 12.22 20.99
N PHE A 130 -5.12 13.41 20.68
CA PHE A 130 -6.01 13.63 19.53
C PHE A 130 -5.66 14.86 18.69
N VAL A 131 -5.23 14.65 17.45
CA VAL A 131 -4.90 15.79 16.60
C VAL A 131 -6.06 15.99 15.67
N SER A 132 -6.76 17.10 15.83
CA SER A 132 -7.92 17.34 15.01
C SER A 132 -7.82 18.47 14.02
N GLY A 133 -8.95 18.73 13.38
CA GLY A 133 -9.02 19.80 12.43
C GLY A 133 -9.60 21.01 13.14
N THR A 134 -9.80 22.08 12.38
CA THR A 134 -10.35 23.32 12.88
C THR A 134 -11.49 23.05 13.84
N LEU A 135 -11.23 23.29 15.12
CA LEU A 135 -12.20 23.07 16.18
C LEU A 135 -13.54 23.73 15.97
N GLU A 136 -13.56 24.86 15.28
CA GLU A 136 -14.80 25.57 15.05
C GLU A 136 -15.84 24.76 14.30
N GLU A 137 -15.38 23.80 13.50
CA GLU A 137 -16.29 22.96 12.73
C GLU A 137 -16.97 21.89 13.58
N PRO A 138 -18.27 21.73 13.41
CA PRO A 138 -19.01 20.72 14.18
C PRO A 138 -18.45 19.30 14.16
N ILE A 139 -18.16 18.71 13.00
CA ILE A 139 -17.62 17.34 12.98
C ILE A 139 -16.48 17.14 13.99
N ASN A 140 -15.83 18.23 14.35
CA ASN A 140 -14.73 18.16 15.29
C ASN A 140 -15.13 18.41 16.73
N HIS A 141 -15.47 19.65 17.05
CA HIS A 141 -15.82 20.00 18.42
C HIS A 141 -17.05 19.29 18.94
N ALA A 142 -17.93 18.87 18.04
CA ALA A 142 -19.16 18.24 18.45
C ALA A 142 -19.25 16.73 18.32
N LYS A 143 -18.37 16.14 17.54
CA LYS A 143 -18.44 14.69 17.31
C LYS A 143 -17.15 13.89 17.54
N LYS A 144 -16.10 14.28 16.84
CA LYS A 144 -14.81 13.60 16.94
C LYS A 144 -14.14 13.85 18.28
N VAL A 145 -14.17 15.09 18.78
CA VAL A 145 -13.56 15.38 20.07
C VAL A 145 -14.33 14.59 21.13
N LYS A 146 -15.65 14.55 20.99
CA LYS A 146 -16.54 13.87 21.94
C LYS A 146 -16.48 12.35 21.94
N GLY A 147 -16.28 11.75 20.77
CA GLY A 147 -16.18 10.31 20.70
C GLY A 147 -14.83 9.91 21.25
N TYR A 148 -13.87 10.81 21.14
CA TYR A 148 -12.54 10.56 21.65
C TYR A 148 -12.60 10.58 23.17
N LYS A 149 -13.12 11.69 23.72
CA LYS A 149 -13.24 11.82 25.16
C LYS A 149 -14.13 10.70 25.76
N ARG A 150 -15.20 10.35 25.07
CA ARG A 150 -16.05 9.30 25.60
C ARG A 150 -15.20 8.04 25.82
N ALA A 151 -14.46 7.63 24.78
CA ALA A 151 -13.61 6.44 24.83
C ALA A 151 -12.70 6.44 26.05
N LEU A 152 -11.98 7.55 26.25
CA LEU A 152 -11.08 7.64 27.39
C LEU A 152 -11.82 7.61 28.72
N THR A 153 -12.76 8.54 28.94
CA THR A 153 -13.48 8.55 30.20
C THR A 153 -14.16 7.22 30.49
N GLU A 154 -14.76 6.59 29.49
CA GLU A 154 -15.44 5.31 29.73
C GLU A 154 -14.44 4.27 30.24
N SER A 155 -13.20 4.35 29.81
CA SER A 155 -12.18 3.41 30.26
C SER A 155 -11.43 3.96 31.47
N GLY A 156 -12.00 4.99 32.06
CA GLY A 156 -11.41 5.60 33.24
C GLY A 156 -10.03 6.14 33.01
N LEU A 157 -9.80 6.73 31.84
CA LEU A 157 -8.51 7.31 31.52
C LEU A 157 -8.60 8.82 31.72
N PRO A 158 -7.45 9.50 31.88
CA PRO A 158 -7.50 10.95 32.07
C PRO A 158 -7.69 11.71 30.76
N VAL A 159 -8.35 12.85 30.84
CA VAL A 159 -8.55 13.66 29.64
C VAL A 159 -7.79 14.98 29.81
N ARG A 160 -6.62 15.04 29.20
CA ARG A 160 -5.77 16.23 29.27
C ARG A 160 -6.17 17.18 28.15
N ASP A 161 -6.15 18.49 28.41
CA ASP A 161 -6.47 19.46 27.38
C ASP A 161 -5.33 19.46 26.37
N SER A 162 -4.10 19.45 26.90
CA SER A 162 -2.90 19.45 26.09
C SER A 162 -2.80 18.19 25.20
N TYR A 163 -3.71 17.24 25.36
CA TYR A 163 -3.65 16.05 24.54
C TYR A 163 -4.57 16.11 23.35
N ILE A 164 -5.13 17.27 23.10
CA ILE A 164 -5.99 17.46 21.94
C ILE A 164 -5.47 18.70 21.22
N VAL A 165 -4.81 18.48 20.09
CA VAL A 165 -4.24 19.58 19.33
C VAL A 165 -4.93 19.84 18.00
N GLU A 166 -5.24 21.11 17.79
CA GLU A 166 -5.93 21.56 16.60
C GLU A 166 -4.93 21.82 15.48
N GLY A 167 -5.22 21.25 14.31
CA GLY A 167 -4.38 21.45 13.15
C GLY A 167 -5.29 22.08 12.12
N ASP A 168 -4.79 22.33 10.92
CA ASP A 168 -5.63 22.95 9.90
C ASP A 168 -5.79 22.09 8.65
N TYR A 169 -5.79 20.77 8.82
CA TYR A 169 -5.96 19.82 7.73
C TYR A 169 -4.82 19.72 6.74
N THR A 170 -3.76 20.49 6.95
CA THR A 170 -2.63 20.40 6.04
C THR A 170 -1.69 19.36 6.59
N TYR A 171 -0.88 18.80 5.73
CA TYR A 171 0.07 17.81 6.17
C TYR A 171 1.03 18.47 7.17
N ASP A 172 1.42 19.71 6.93
CA ASP A 172 2.32 20.37 7.87
C ASP A 172 1.77 20.53 9.29
N SER A 173 0.47 20.80 9.41
CA SER A 173 -0.11 21.00 10.73
C SER A 173 0.05 19.71 11.53
N GLY A 174 0.00 18.58 10.83
CA GLY A 174 0.16 17.29 11.47
C GLY A 174 1.54 17.14 12.09
N ILE A 175 2.57 17.52 11.33
CA ILE A 175 3.93 17.44 11.84
C ILE A 175 4.02 18.28 13.10
N GLU A 176 3.71 19.57 12.98
CA GLU A 176 3.80 20.43 14.14
C GLU A 176 3.01 19.87 15.31
N ALA A 177 1.92 19.18 15.01
CA ALA A 177 1.11 18.61 16.05
C ALA A 177 1.86 17.53 16.84
N VAL A 178 2.59 16.65 16.16
CA VAL A 178 3.33 15.60 16.86
C VAL A 178 4.47 16.20 17.67
N GLU A 179 5.04 17.29 17.18
CA GLU A 179 6.11 17.92 17.91
C GLU A 179 5.58 18.50 19.21
N LYS A 180 4.51 19.27 19.13
CA LYS A 180 3.92 19.84 20.33
C LYS A 180 3.68 18.71 21.31
N LEU A 181 3.05 17.64 20.83
CA LEU A 181 2.74 16.50 21.67
C LEU A 181 3.97 15.81 22.26
N LEU A 182 5.05 15.74 21.49
CA LEU A 182 6.26 15.12 21.99
C LEU A 182 7.02 16.04 22.92
N GLU A 183 6.58 17.29 23.04
CA GLU A 183 7.22 18.23 23.96
C GLU A 183 6.43 18.16 25.25
N GLU A 184 5.53 17.17 25.34
CA GLU A 184 4.70 17.03 26.52
C GLU A 184 5.36 16.31 27.68
N ASP A 185 4.88 16.62 28.89
CA ASP A 185 5.39 16.02 30.12
C ASP A 185 5.52 14.55 29.77
N GLU A 186 4.39 13.83 29.81
CA GLU A 186 4.43 12.44 29.43
C GLU A 186 3.82 12.35 28.03
N LYS A 187 4.61 11.81 27.11
CA LYS A 187 4.22 11.67 25.71
C LYS A 187 3.03 10.75 25.52
N PRO A 188 2.43 10.78 24.33
CA PRO A 188 1.30 9.88 24.13
C PRO A 188 1.90 8.65 23.46
N THR A 189 1.29 7.48 23.67
CA THR A 189 1.77 6.29 23.03
C THR A 189 0.89 6.01 21.81
N ALA A 190 -0.21 6.74 21.70
CA ALA A 190 -1.09 6.58 20.56
C ALA A 190 -1.77 7.90 20.27
N ILE A 191 -1.81 8.27 18.98
CA ILE A 191 -2.46 9.50 18.59
C ILE A 191 -3.50 9.25 17.49
N PHE A 192 -4.72 9.66 17.76
CA PHE A 192 -5.81 9.53 16.82
C PHE A 192 -5.82 10.84 16.06
N VAL A 193 -5.84 10.78 14.74
CA VAL A 193 -5.85 11.99 13.94
C VAL A 193 -7.15 12.12 13.15
N GLY A 194 -7.69 13.33 13.10
CA GLY A 194 -8.93 13.60 12.39
C GLY A 194 -9.02 13.30 10.89
N THR A 195 -7.93 13.37 10.14
CA THR A 195 -7.97 13.03 8.70
C THR A 195 -6.63 12.42 8.27
N ASP A 196 -6.65 11.65 7.20
CA ASP A 196 -5.43 11.01 6.74
C ASP A 196 -4.23 11.92 6.51
N GLU A 197 -4.38 13.01 5.77
CA GLU A 197 -3.22 13.87 5.51
C GLU A 197 -2.51 14.41 6.75
N MET A 198 -3.24 14.82 7.78
CA MET A 198 -2.55 15.30 8.97
C MET A 198 -1.88 14.08 9.57
N ALA A 199 -2.59 12.96 9.54
CA ALA A 199 -2.09 11.71 10.06
C ALA A 199 -0.73 11.42 9.43
N LEU A 200 -0.65 11.49 8.11
CA LEU A 200 0.62 11.26 7.44
C LEU A 200 1.69 12.20 8.01
N GLY A 201 1.28 13.41 8.36
CA GLY A 201 2.21 14.36 8.95
C GLY A 201 2.62 13.97 10.36
N VAL A 202 1.71 13.31 11.06
CA VAL A 202 2.00 12.84 12.40
C VAL A 202 3.05 11.73 12.34
N ILE A 203 2.82 10.76 11.45
CA ILE A 203 3.73 9.64 11.27
C ILE A 203 5.11 10.18 11.03
N HIS A 204 5.21 11.04 10.02
CA HIS A 204 6.49 11.59 9.62
C HIS A 204 7.24 12.36 10.68
N GLY A 205 6.56 13.28 11.37
CA GLY A 205 7.24 14.02 12.41
C GLY A 205 7.74 13.06 13.47
N ALA A 206 6.90 12.09 13.85
CA ALA A 206 7.29 11.15 14.86
C ALA A 206 8.47 10.35 14.35
N GLN A 207 8.47 10.02 13.06
CA GLN A 207 9.55 9.26 12.43
C GLN A 207 10.85 10.04 12.27
N ASP A 208 10.76 11.36 12.17
CA ASP A 208 11.94 12.22 12.06
C ASP A 208 12.59 12.48 13.42
N ARG A 209 11.80 12.41 14.49
CA ARG A 209 12.33 12.61 15.83
C ARG A 209 13.05 11.34 16.26
N GLY A 210 12.70 10.21 15.66
CA GLY A 210 13.35 8.97 16.02
C GLY A 210 12.43 7.90 16.56
N LEU A 211 11.13 8.20 16.62
CA LEU A 211 10.14 7.25 17.11
C LEU A 211 9.71 6.35 15.98
N ASN A 212 9.33 5.11 16.33
CA ASN A 212 8.88 4.10 15.36
C ASN A 212 7.39 3.85 15.44
N VAL A 213 6.75 3.82 14.28
CA VAL A 213 5.32 3.55 14.19
C VAL A 213 5.22 2.11 13.64
N PRO A 214 4.47 1.23 14.32
CA PRO A 214 3.67 1.38 15.54
C PRO A 214 4.34 0.99 16.86
N ASN A 215 5.59 0.53 16.80
CA ASN A 215 6.30 0.07 17.99
C ASN A 215 6.54 1.07 19.10
N ASP A 216 6.38 2.37 18.84
CA ASP A 216 6.59 3.37 19.87
C ASP A 216 5.37 4.30 19.95
N LEU A 217 4.73 4.50 18.81
CA LEU A 217 3.57 5.38 18.71
C LEU A 217 2.58 4.81 17.72
N GLU A 218 1.42 4.36 18.19
CA GLU A 218 0.42 3.84 17.27
C GLU A 218 -0.41 5.04 16.80
N ILE A 219 -0.77 5.05 15.53
CA ILE A 219 -1.55 6.16 14.98
C ILE A 219 -2.71 5.72 14.12
N ILE A 220 -3.88 6.33 14.30
CA ILE A 220 -5.01 5.98 13.43
C ILE A 220 -5.43 7.30 12.79
N GLY A 221 -5.80 7.25 11.51
CA GLY A 221 -6.23 8.42 10.79
C GLY A 221 -7.72 8.37 10.52
N PHE A 222 -8.20 9.20 9.60
CA PHE A 222 -9.64 9.23 9.32
C PHE A 222 -9.95 9.62 7.88
N ASP A 223 -10.99 8.98 7.34
CA ASP A 223 -11.49 9.20 5.97
C ASP A 223 -11.10 8.05 5.04
N ASN A 224 -9.95 7.44 5.33
CA ASN A 224 -9.46 6.34 4.52
C ASN A 224 -9.41 6.79 3.07
N THR A 225 -8.58 7.81 2.82
CA THR A 225 -8.41 8.36 1.50
C THR A 225 -7.24 7.62 0.82
N ARG A 226 -6.88 8.04 -0.38
CA ARG A 226 -5.81 7.40 -1.12
C ARG A 226 -4.50 7.44 -0.34
N LEU A 227 -4.28 8.53 0.40
CA LEU A 227 -3.06 8.69 1.18
C LEU A 227 -2.83 7.55 2.19
N SER A 228 -3.92 6.89 2.58
CA SER A 228 -3.87 5.81 3.55
C SER A 228 -2.84 4.74 3.26
N THR A 229 -2.70 4.37 1.98
CA THR A 229 -1.77 3.33 1.57
C THR A 229 -0.55 3.88 0.87
N MET A 230 -0.43 5.21 0.90
CA MET A 230 0.70 5.88 0.30
C MET A 230 1.71 6.32 1.37
N VAL A 231 1.84 5.50 2.40
CA VAL A 231 2.81 5.78 3.44
C VAL A 231 3.28 4.51 4.05
N ARG A 232 4.40 4.63 4.76
CA ARG A 232 5.03 3.54 5.49
C ARG A 232 5.24 4.06 6.92
N PRO A 233 4.63 3.39 7.90
CA PRO A 233 3.77 2.23 7.72
C PRO A 233 2.38 2.63 7.22
N GLN A 234 1.78 1.79 6.38
CA GLN A 234 0.47 2.09 5.87
C GLN A 234 -0.43 2.43 7.03
N LEU A 235 -1.21 3.48 6.85
CA LEU A 235 -2.10 4.03 7.86
C LEU A 235 -3.43 3.34 8.07
N THR A 236 -3.66 2.81 9.27
CA THR A 236 -4.96 2.21 9.56
C THR A 236 -5.82 3.47 9.67
N SER A 237 -7.04 3.43 9.15
CA SER A 237 -7.87 4.64 9.15
C SER A 237 -9.34 4.35 9.20
N VAL A 238 -10.09 5.24 9.84
CA VAL A 238 -11.53 5.07 9.93
C VAL A 238 -12.09 5.23 8.51
N VAL A 239 -12.90 4.28 8.11
CA VAL A 239 -13.47 4.32 6.78
C VAL A 239 -14.82 5.00 6.73
N GLN A 240 -14.93 6.00 5.87
CA GLN A 240 -16.18 6.69 5.66
C GLN A 240 -16.47 6.26 4.21
N PRO A 241 -17.27 5.19 4.02
CA PRO A 241 -17.63 4.64 2.71
C PRO A 241 -18.14 5.65 1.70
N MET A 242 -17.23 6.17 0.89
CA MET A 242 -17.56 7.18 -0.11
C MET A 242 -18.61 6.77 -1.13
N TYR A 243 -18.62 5.51 -1.55
CA TYR A 243 -19.63 5.10 -2.53
C TYR A 243 -20.99 4.87 -1.86
N ASP A 244 -20.99 4.43 -0.61
CA ASP A 244 -22.25 4.26 0.10
C ASP A 244 -22.87 5.65 0.19
N ILE A 245 -22.05 6.61 0.63
CA ILE A 245 -22.49 8.01 0.77
C ILE A 245 -23.07 8.47 -0.59
N GLY A 246 -22.27 8.33 -1.64
CA GLY A 246 -22.72 8.73 -2.97
C GLY A 246 -24.03 8.08 -3.40
N ALA A 247 -24.15 6.77 -3.26
CA ALA A 247 -25.36 6.04 -3.65
C ALA A 247 -26.63 6.50 -2.94
N VAL A 248 -26.59 6.50 -1.61
CA VAL A 248 -27.72 6.91 -0.77
C VAL A 248 -28.09 8.34 -1.12
N ALA A 249 -27.11 9.22 -1.13
CA ALA A 249 -27.34 10.60 -1.50
C ALA A 249 -28.05 10.73 -2.86
N MET A 250 -27.74 9.84 -3.82
CA MET A 250 -28.38 9.90 -5.15
C MET A 250 -29.83 9.43 -5.15
N ARG A 251 -30.12 8.28 -4.55
CA ARG A 251 -31.51 7.85 -4.54
C ARG A 251 -32.32 8.91 -3.84
N LEU A 252 -31.76 9.42 -2.74
CA LEU A 252 -32.43 10.44 -1.94
C LEU A 252 -32.70 11.67 -2.79
N LEU A 253 -31.66 12.20 -3.40
CA LEU A 253 -31.81 13.37 -4.24
C LEU A 253 -32.72 13.12 -5.44
N THR A 254 -32.66 11.91 -6.01
CA THR A 254 -33.49 11.55 -7.17
C THR A 254 -34.95 11.54 -6.77
N LYS A 255 -35.24 10.88 -5.66
CA LYS A 255 -36.60 10.83 -5.17
C LYS A 255 -37.08 12.27 -5.16
N TYR A 256 -36.31 13.12 -4.51
CA TYR A 256 -36.69 14.51 -4.43
C TYR A 256 -36.94 15.08 -5.83
N MET A 257 -35.94 15.02 -6.71
CA MET A 257 -36.12 15.55 -8.05
C MET A 257 -37.41 15.07 -8.72
N ASN A 258 -37.81 13.83 -8.46
CA ASN A 258 -39.02 13.29 -9.06
C ASN A 258 -40.22 13.51 -8.17
N LYS A 259 -40.09 14.46 -7.27
CA LYS A 259 -41.13 14.84 -6.33
C LYS A 259 -41.79 13.70 -5.60
N GLU A 260 -40.95 12.78 -5.13
CA GLU A 260 -41.39 11.64 -4.37
C GLU A 260 -41.27 11.92 -2.88
N THR A 261 -41.44 10.88 -2.08
CA THR A 261 -41.39 11.05 -0.64
C THR A 261 -40.22 10.31 0.02
N VAL A 262 -39.69 10.93 1.06
CA VAL A 262 -38.58 10.36 1.79
C VAL A 262 -39.01 10.00 3.21
N ASP A 263 -39.06 8.71 3.47
CA ASP A 263 -39.47 8.19 4.78
C ASP A 263 -38.34 8.37 5.80
N SER A 264 -37.11 8.39 5.30
CA SER A 264 -35.90 8.56 6.11
C SER A 264 -35.08 9.61 5.35
N SER A 265 -35.14 10.85 5.80
CA SER A 265 -34.42 11.95 5.15
C SER A 265 -33.01 12.16 5.71
N ILE A 266 -32.82 11.77 6.96
CA ILE A 266 -31.55 11.91 7.62
C ILE A 266 -30.97 10.52 7.81
N VAL A 267 -30.33 10.00 6.78
CA VAL A 267 -29.75 8.67 6.82
C VAL A 267 -28.30 8.65 7.32
N GLN A 268 -27.99 7.69 8.19
CA GLN A 268 -26.64 7.55 8.72
C GLN A 268 -26.07 6.17 8.37
N LEU A 269 -25.07 6.15 7.50
CA LEU A 269 -24.47 4.91 7.06
C LEU A 269 -23.43 4.35 8.00
N PRO A 270 -23.31 3.03 8.04
CA PRO A 270 -22.31 2.41 8.93
C PRO A 270 -20.86 2.76 8.59
N HIS A 271 -19.96 2.45 9.52
CA HIS A 271 -18.54 2.73 9.32
C HIS A 271 -17.71 1.57 9.84
N ARG A 272 -16.46 1.52 9.38
CA ARG A 272 -15.54 0.49 9.78
C ARG A 272 -14.15 1.13 9.87
N ILE A 273 -13.19 0.42 10.46
CA ILE A 273 -11.81 0.90 10.60
C ILE A 273 -10.95 -0.02 9.74
N GLU A 274 -10.28 0.53 8.73
CA GLU A 274 -9.40 -0.30 7.90
C GLU A 274 -8.06 -0.32 8.64
N PHE A 275 -7.74 -1.48 9.19
CA PHE A 275 -6.51 -1.65 9.94
C PHE A 275 -5.30 -2.03 9.09
N ARG A 276 -4.24 -1.24 9.22
CA ARG A 276 -3.01 -1.51 8.46
C ARG A 276 -1.77 -1.61 9.39
N GLN A 277 -0.64 -1.00 9.01
CA GLN A 277 0.57 -1.08 9.83
C GLN A 277 0.86 0.05 10.79
N SER A 278 -0.04 1.02 10.88
CA SER A 278 0.19 2.14 11.78
C SER A 278 -0.27 1.77 13.20
N THR A 279 -0.75 0.55 13.35
CA THR A 279 -1.21 0.05 14.65
C THR A 279 -0.64 -1.35 14.79
N LYS A 280 -0.23 -1.71 16.01
CA LYS A 280 0.30 -3.05 16.26
C LYS A 280 -0.84 -4.05 16.11
N THR B 8 -21.84 38.64 -14.98
CA THR B 8 -22.00 37.24 -14.46
C THR B 8 -21.10 36.22 -15.16
N THR B 9 -19.83 36.58 -15.30
CA THR B 9 -18.83 35.74 -15.96
C THR B 9 -18.60 34.45 -15.20
N THR B 10 -18.47 33.36 -15.94
CA THR B 10 -18.22 32.07 -15.34
C THR B 10 -17.48 31.17 -16.34
N VAL B 11 -16.34 30.63 -15.90
CA VAL B 11 -15.55 29.76 -16.76
C VAL B 11 -15.58 28.32 -16.29
N GLY B 12 -15.62 27.41 -17.26
CA GLY B 12 -15.63 26.00 -16.94
C GLY B 12 -14.22 25.48 -17.16
N VAL B 13 -13.83 24.45 -16.43
CA VAL B 13 -12.52 23.87 -16.62
C VAL B 13 -12.64 22.35 -16.65
N ILE B 14 -11.93 21.74 -17.59
CA ILE B 14 -11.93 20.30 -17.75
C ILE B 14 -10.57 19.68 -17.40
N ILE B 15 -10.47 19.00 -16.26
CA ILE B 15 -9.23 18.32 -15.92
C ILE B 15 -9.62 16.86 -15.81
N PRO B 16 -8.63 15.97 -15.74
CA PRO B 16 -9.14 14.60 -15.63
C PRO B 16 -9.47 14.07 -14.23
N ASP B 17 -9.05 14.77 -13.16
CA ASP B 17 -9.36 14.29 -11.80
C ASP B 17 -9.02 15.25 -10.65
N ILE B 18 -10.00 16.06 -10.25
CA ILE B 18 -9.87 17.02 -9.16
C ILE B 18 -9.36 16.40 -7.86
N SER B 19 -9.72 15.14 -7.59
CA SER B 19 -9.27 14.51 -6.36
C SER B 19 -7.76 14.24 -6.37
N ASN B 20 -7.17 14.19 -7.56
CA ASN B 20 -5.73 13.96 -7.65
C ASN B 20 -4.97 15.23 -7.25
N ILE B 21 -4.22 15.17 -6.16
CA ILE B 21 -3.47 16.32 -5.69
C ILE B 21 -2.79 17.11 -6.81
N PHE B 22 -2.41 16.44 -7.88
CA PHE B 22 -1.73 17.12 -8.97
C PHE B 22 -2.60 18.13 -9.70
N TYR B 23 -3.77 17.70 -10.15
CA TYR B 23 -4.69 18.57 -10.87
C TYR B 23 -5.34 19.58 -9.95
N ALA B 24 -5.29 19.31 -8.66
CA ALA B 24 -5.89 20.20 -7.68
C ALA B 24 -5.04 21.46 -7.47
N GLU B 25 -3.73 21.33 -7.58
CA GLU B 25 -2.86 22.48 -7.40
C GLU B 25 -3.08 23.46 -8.54
N LEU B 26 -3.36 22.92 -9.71
CA LEU B 26 -3.61 23.72 -10.89
C LEU B 26 -4.92 24.44 -10.62
N ALA B 27 -5.90 23.67 -10.17
CA ALA B 27 -7.22 24.22 -9.85
C ALA B 27 -7.13 25.35 -8.84
N ARG B 28 -6.09 25.33 -8.01
CA ARG B 28 -5.89 26.34 -7.00
C ARG B 28 -5.60 27.72 -7.64
N GLY B 29 -4.74 27.72 -8.65
CA GLY B 29 -4.44 28.97 -9.33
C GLY B 29 -5.61 29.39 -10.20
N ILE B 30 -6.30 28.40 -10.76
CA ILE B 30 -7.44 28.72 -11.60
C ILE B 30 -8.40 29.50 -10.70
N GLU B 31 -8.74 28.89 -9.58
CA GLU B 31 -9.66 29.46 -8.60
C GLU B 31 -9.26 30.82 -8.03
N ASP B 32 -7.96 31.05 -7.82
CA ASP B 32 -7.51 32.33 -7.27
C ASP B 32 -7.68 33.50 -8.21
N ILE B 33 -7.19 33.37 -9.43
CA ILE B 33 -7.38 34.45 -10.38
C ILE B 33 -8.89 34.58 -10.51
N ALA B 34 -9.59 33.46 -10.38
CA ALA B 34 -11.04 33.45 -10.47
C ALA B 34 -11.68 34.37 -9.45
N THR B 35 -11.29 34.26 -8.19
CA THR B 35 -11.88 35.15 -7.20
C THR B 35 -11.39 36.59 -7.36
N MET B 36 -10.12 36.75 -7.76
CA MET B 36 -9.58 38.10 -7.95
C MET B 36 -10.49 38.86 -8.93
N TYR B 37 -10.74 38.26 -10.08
CA TYR B 37 -11.58 38.88 -11.11
C TYR B 37 -13.06 38.69 -10.77
N LYS B 38 -13.36 38.19 -9.57
CA LYS B 38 -14.76 37.98 -9.23
C LYS B 38 -15.39 37.07 -10.30
N TYR B 39 -14.86 35.86 -10.49
CA TYR B 39 -15.39 34.95 -11.49
C TYR B 39 -15.86 33.59 -10.95
N ASN B 40 -16.85 33.02 -11.60
CA ASN B 40 -17.33 31.70 -11.18
C ASN B 40 -16.54 30.63 -11.92
N ILE B 41 -16.37 29.49 -11.25
CA ILE B 41 -15.64 28.39 -11.86
C ILE B 41 -16.49 27.14 -11.75
N ILE B 42 -16.43 26.29 -12.77
CA ILE B 42 -17.17 25.03 -12.77
C ILE B 42 -16.17 23.94 -13.18
N LEU B 43 -16.00 22.89 -12.36
CA LEU B 43 -15.07 21.84 -12.76
C LEU B 43 -15.77 20.65 -13.33
N SER B 44 -15.07 19.96 -14.24
CA SER B 44 -15.56 18.75 -14.88
C SER B 44 -14.43 17.73 -14.83
N ASN B 45 -14.76 16.51 -14.42
CA ASN B 45 -13.75 15.48 -14.33
C ASN B 45 -13.80 14.61 -15.56
N SER B 46 -12.64 14.42 -16.17
CA SER B 46 -12.56 13.62 -17.39
C SER B 46 -12.05 12.18 -17.29
N ASP B 47 -11.11 11.95 -16.39
CA ASP B 47 -10.48 10.64 -16.21
C ASP B 47 -9.71 10.33 -17.46
N GLN B 48 -9.38 11.41 -18.18
CA GLN B 48 -8.64 11.36 -19.42
C GLN B 48 -9.26 10.45 -20.46
N ASN B 49 -10.56 10.24 -20.33
CA ASN B 49 -11.30 9.43 -21.27
C ASN B 49 -11.82 10.33 -22.37
N GLN B 50 -11.27 10.16 -23.56
CA GLN B 50 -11.60 10.93 -24.74
C GLN B 50 -13.11 11.20 -24.92
N ASP B 51 -13.88 10.14 -24.92
CA ASP B 51 -15.32 10.26 -25.09
C ASP B 51 -15.93 11.20 -24.07
N LYS B 52 -15.39 11.19 -22.85
CA LYS B 52 -15.89 12.03 -21.78
C LYS B 52 -15.44 13.46 -21.98
N GLU B 53 -14.27 13.64 -22.61
CA GLU B 53 -13.76 14.96 -22.87
C GLU B 53 -14.70 15.68 -23.80
N LEU B 54 -15.04 15.03 -24.92
CA LEU B 54 -15.94 15.62 -25.92
C LEU B 54 -17.24 16.02 -25.22
N HIS B 55 -17.75 15.08 -24.44
CA HIS B 55 -18.97 15.26 -23.68
C HIS B 55 -18.90 16.48 -22.74
N LEU B 56 -17.85 16.50 -21.92
CA LEU B 56 -17.67 17.58 -20.96
C LEU B 56 -17.59 18.89 -21.72
N LEU B 57 -17.01 18.85 -22.92
CA LEU B 57 -16.91 20.05 -23.73
C LEU B 57 -18.29 20.55 -24.17
N ASN B 58 -19.13 19.61 -24.59
CA ASN B 58 -20.46 19.99 -25.03
C ASN B 58 -21.31 20.50 -23.88
N ASN B 59 -21.22 19.80 -22.75
CA ASN B 59 -21.98 20.19 -21.58
C ASN B 59 -21.58 21.61 -21.16
N MET B 60 -20.27 21.90 -21.14
CA MET B 60 -19.77 23.22 -20.78
C MET B 60 -20.40 24.30 -21.69
N LEU B 61 -20.40 24.05 -23.00
CA LEU B 61 -20.96 25.02 -23.93
C LEU B 61 -22.44 25.12 -23.68
N GLY B 62 -23.02 23.99 -23.34
CA GLY B 62 -24.45 23.96 -23.07
C GLY B 62 -24.82 24.77 -21.85
N LYS B 63 -23.85 25.06 -21.00
CA LYS B 63 -24.12 25.82 -19.79
C LYS B 63 -23.73 27.29 -19.90
N GLN B 64 -23.52 27.73 -21.13
CA GLN B 64 -23.16 29.11 -21.41
C GLN B 64 -21.92 29.67 -20.73
N VAL B 65 -20.93 28.84 -20.44
CA VAL B 65 -19.70 29.36 -19.83
C VAL B 65 -19.08 30.32 -20.83
N ASP B 66 -18.36 31.31 -20.32
CA ASP B 66 -17.76 32.33 -21.19
C ASP B 66 -16.33 32.00 -21.60
N GLY B 67 -15.77 30.99 -20.98
CA GLY B 67 -14.42 30.57 -21.28
C GLY B 67 -14.23 29.19 -20.74
N ILE B 68 -13.19 28.52 -21.21
CA ILE B 68 -12.93 27.17 -20.77
C ILE B 68 -11.44 26.94 -20.63
N ILE B 69 -11.04 26.34 -19.52
CA ILE B 69 -9.66 26.00 -19.34
C ILE B 69 -9.72 24.48 -19.49
N PHE B 70 -8.92 23.94 -20.42
CA PHE B 70 -8.89 22.50 -20.69
C PHE B 70 -7.49 21.95 -20.45
N MET B 71 -7.43 20.76 -19.86
CA MET B 71 -6.18 20.08 -19.61
C MET B 71 -6.47 18.60 -19.95
N SER B 72 -5.57 17.96 -20.70
CA SER B 72 -5.76 16.56 -21.12
C SER B 72 -4.48 15.83 -21.40
N GLY B 73 -4.44 14.53 -21.08
CA GLY B 73 -3.25 13.73 -21.33
C GLY B 73 -2.91 13.58 -22.81
N ASN B 74 -3.94 13.62 -23.65
CA ASN B 74 -3.73 13.49 -25.07
C ASN B 74 -4.69 14.34 -25.89
N VAL B 75 -4.18 15.45 -26.41
CA VAL B 75 -5.01 16.34 -27.22
C VAL B 75 -4.92 15.90 -28.67
N THR B 76 -5.85 15.03 -29.09
CA THR B 76 -5.85 14.55 -30.46
C THR B 76 -6.15 15.64 -31.46
N GLU B 77 -6.06 15.24 -32.72
CA GLU B 77 -6.30 16.10 -33.87
C GLU B 77 -7.78 16.39 -34.01
N GLU B 78 -8.61 15.44 -33.57
CA GLU B 78 -10.06 15.58 -33.62
C GLU B 78 -10.46 16.61 -32.57
N HIS B 79 -9.67 16.63 -31.49
CA HIS B 79 -9.88 17.53 -30.37
C HIS B 79 -9.74 18.98 -30.84
N VAL B 80 -8.59 19.31 -31.43
CA VAL B 80 -8.36 20.67 -31.89
C VAL B 80 -9.44 21.05 -32.88
N GLU B 81 -9.88 20.09 -33.67
CA GLU B 81 -10.93 20.33 -34.63
C GLU B 81 -12.13 20.85 -33.88
N GLU B 82 -12.71 20.01 -33.03
CA GLU B 82 -13.89 20.42 -32.27
C GLU B 82 -13.65 21.60 -31.33
N LEU B 83 -12.42 21.76 -30.88
CA LEU B 83 -12.10 22.83 -29.96
C LEU B 83 -12.05 24.14 -30.75
N LYS B 84 -11.83 24.03 -32.06
CA LYS B 84 -11.78 25.21 -32.94
C LYS B 84 -13.18 25.75 -33.12
N LYS B 85 -14.16 24.86 -33.09
CA LYS B 85 -15.55 25.27 -33.26
C LYS B 85 -16.08 26.01 -32.04
N SER B 86 -15.25 26.22 -31.02
CA SER B 86 -15.74 26.88 -29.81
C SER B 86 -16.07 28.36 -29.89
N PRO B 87 -17.31 28.71 -29.53
CA PRO B 87 -17.82 30.09 -29.53
C PRO B 87 -17.24 30.86 -28.34
N VAL B 88 -16.69 30.12 -27.37
CA VAL B 88 -16.07 30.74 -26.20
C VAL B 88 -14.57 30.42 -26.17
N PRO B 89 -13.76 31.37 -25.68
CA PRO B 89 -12.32 31.10 -25.63
C PRO B 89 -12.00 29.81 -24.88
N VAL B 90 -10.97 29.13 -25.36
CA VAL B 90 -10.52 27.88 -24.77
C VAL B 90 -9.02 28.01 -24.65
N VAL B 91 -8.48 27.69 -23.48
CA VAL B 91 -7.04 27.74 -23.28
C VAL B 91 -6.65 26.42 -22.65
N LEU B 92 -5.63 25.77 -23.22
CA LEU B 92 -5.16 24.49 -22.73
C LEU B 92 -4.17 24.71 -21.61
N ALA B 93 -4.39 24.03 -20.49
CA ALA B 93 -3.48 24.16 -19.36
C ALA B 93 -2.66 22.88 -19.19
N ALA B 94 -1.35 23.04 -19.03
CA ALA B 94 -0.44 21.92 -18.82
C ALA B 94 -0.69 20.76 -19.75
N SER B 95 -0.96 21.06 -21.01
CA SER B 95 -1.22 20.01 -21.97
C SER B 95 -0.53 20.38 -23.25
N ILE B 96 -0.01 19.39 -23.97
CA ILE B 96 0.69 19.71 -25.20
C ILE B 96 -0.09 19.44 -26.47
N GLU B 97 0.05 20.35 -27.43
CA GLU B 97 -0.57 20.19 -28.75
C GLU B 97 0.30 20.99 -29.74
N SER B 98 1.21 20.27 -30.39
CA SER B 98 2.19 20.78 -31.35
C SER B 98 1.84 21.96 -32.28
N THR B 99 0.69 21.90 -32.93
CA THR B 99 0.28 22.97 -33.84
C THR B 99 0.21 24.35 -33.18
N ASN B 100 0.04 24.38 -31.85
CA ASN B 100 -0.05 25.65 -31.13
C ASN B 100 -1.19 26.49 -31.69
N GLN B 101 -2.30 25.87 -32.07
CA GLN B 101 -3.39 26.67 -32.60
C GLN B 101 -4.54 26.86 -31.62
N ILE B 102 -4.28 26.49 -30.37
CA ILE B 102 -5.21 26.64 -29.26
C ILE B 102 -4.28 27.27 -28.24
N PRO B 103 -4.55 28.51 -27.81
CA PRO B 103 -3.61 29.07 -26.82
C PRO B 103 -3.37 28.12 -25.65
N SER B 104 -2.17 28.16 -25.09
CA SER B 104 -1.85 27.28 -23.99
C SER B 104 -0.63 27.71 -23.18
N VAL B 105 -0.65 27.38 -21.89
CA VAL B 105 0.46 27.71 -21.01
C VAL B 105 0.99 26.42 -20.41
N THR B 106 2.29 26.19 -20.62
CA THR B 106 2.96 24.98 -20.18
C THR B 106 4.42 25.24 -19.82
N ILE B 107 5.22 24.17 -19.86
CA ILE B 107 6.66 24.27 -19.59
C ILE B 107 7.34 23.33 -20.58
N ASP B 108 8.64 23.48 -20.78
CA ASP B 108 9.31 22.62 -21.72
C ASP B 108 9.49 21.24 -21.10
N TYR B 109 8.50 20.38 -21.29
CA TYR B 109 8.56 19.04 -20.74
C TYR B 109 9.75 18.23 -21.22
N GLU B 110 10.16 18.42 -22.46
CA GLU B 110 11.29 17.65 -22.98
C GLU B 110 12.58 18.04 -22.24
N GLN B 111 12.75 19.34 -22.01
CA GLN B 111 13.92 19.86 -21.30
C GLN B 111 13.89 19.55 -19.80
N ALA B 112 12.71 19.69 -19.20
CA ALA B 112 12.59 19.42 -17.78
C ALA B 112 12.98 17.98 -17.56
N ALA B 113 12.49 17.09 -18.42
CA ALA B 113 12.80 15.66 -18.29
C ALA B 113 14.30 15.44 -18.43
N PHE B 114 14.86 16.04 -19.47
CA PHE B 114 16.29 15.92 -19.74
C PHE B 114 17.11 16.36 -18.53
N ASP B 115 16.85 17.58 -18.06
CA ASP B 115 17.56 18.12 -16.90
C ASP B 115 17.53 17.15 -15.74
N ALA B 116 16.37 16.55 -15.51
CA ALA B 116 16.22 15.61 -14.43
C ALA B 116 17.19 14.43 -14.52
N VAL B 117 17.11 13.67 -15.63
CA VAL B 117 17.98 12.51 -15.81
C VAL B 117 19.43 12.95 -15.95
N GLN B 118 19.60 14.22 -16.32
CA GLN B 118 20.93 14.77 -16.49
C GLN B 118 21.61 14.94 -15.13
N SER B 119 20.90 15.53 -14.18
CA SER B 119 21.46 15.71 -12.84
C SER B 119 21.95 14.34 -12.40
N LEU B 120 21.17 13.32 -12.68
CA LEU B 120 21.53 11.97 -12.32
C LEU B 120 22.81 11.53 -13.00
N ILE B 121 22.97 11.83 -14.30
CA ILE B 121 24.19 11.44 -15.02
C ILE B 121 25.40 12.03 -14.31
N ASP B 122 25.27 13.30 -13.92
CA ASP B 122 26.36 14.01 -13.26
C ASP B 122 26.86 13.30 -12.01
N SER B 123 25.93 12.80 -11.20
CA SER B 123 26.29 12.11 -9.98
C SER B 123 26.94 10.77 -10.30
N GLY B 124 27.25 10.58 -11.59
CA GLY B 124 27.88 9.35 -12.03
C GLY B 124 26.97 8.17 -12.19
N HIS B 125 25.71 8.42 -12.58
CA HIS B 125 24.77 7.32 -12.77
C HIS B 125 24.83 6.87 -14.22
N LYS B 126 24.99 5.58 -14.44
CA LYS B 126 25.08 5.06 -15.81
C LYS B 126 23.81 4.33 -16.16
N ASN B 127 23.37 3.44 -15.28
CA ASN B 127 22.14 2.72 -15.56
C ASN B 127 20.95 3.38 -14.86
N ILE B 128 20.37 4.34 -15.59
CA ILE B 128 19.24 5.16 -15.15
C ILE B 128 17.95 4.70 -15.82
N ALA B 129 16.91 4.42 -15.05
CA ALA B 129 15.65 3.96 -15.66
C ALA B 129 14.59 5.07 -15.71
N PHE B 130 13.44 4.73 -16.28
CA PHE B 130 12.34 5.67 -16.39
C PHE B 130 11.00 5.00 -16.14
N VAL B 131 10.33 5.43 -15.07
CA VAL B 131 9.01 4.90 -14.76
C VAL B 131 8.05 5.97 -15.29
N SER B 132 7.52 5.71 -16.47
CA SER B 132 6.64 6.65 -17.13
C SER B 132 5.18 6.28 -17.02
N GLY B 133 4.34 7.13 -17.58
CA GLY B 133 2.92 6.88 -17.59
C GLY B 133 2.57 6.49 -19.02
N THR B 134 1.33 6.11 -19.26
CA THR B 134 0.84 5.71 -20.57
C THR B 134 1.67 6.34 -21.68
N LEU B 135 2.49 5.53 -22.33
CA LEU B 135 3.36 6.00 -23.41
C LEU B 135 2.55 6.55 -24.55
N GLU B 136 1.32 6.05 -24.69
CA GLU B 136 0.46 6.49 -25.77
C GLU B 136 0.24 7.99 -25.70
N GLU B 137 0.50 8.56 -24.52
CA GLU B 137 0.30 9.99 -24.33
C GLU B 137 1.48 10.82 -24.82
N PRO B 138 1.19 11.87 -25.62
CA PRO B 138 2.20 12.77 -26.18
C PRO B 138 3.24 13.33 -25.21
N ILE B 139 2.78 13.81 -24.06
CA ILE B 139 3.70 14.36 -23.07
C ILE B 139 4.78 13.32 -22.76
N ASN B 140 4.40 12.04 -22.87
CA ASN B 140 5.32 10.97 -22.57
C ASN B 140 6.20 10.61 -23.75
N HIS B 141 5.64 9.87 -24.71
CA HIS B 141 6.41 9.43 -25.86
C HIS B 141 7.07 10.57 -26.61
N ALA B 142 6.41 11.72 -26.67
CA ALA B 142 6.98 12.83 -27.41
C ALA B 142 7.70 13.93 -26.62
N LYS B 143 7.76 13.82 -25.30
CA LYS B 143 8.43 14.86 -24.55
C LYS B 143 9.33 14.39 -23.41
N LYS B 144 8.74 13.71 -22.44
CA LYS B 144 9.50 13.20 -21.30
C LYS B 144 10.35 12.01 -21.73
N VAL B 145 9.74 10.98 -22.29
CA VAL B 145 10.49 9.81 -22.73
C VAL B 145 11.63 10.25 -23.64
N LYS B 146 11.28 11.09 -24.62
CA LYS B 146 12.24 11.62 -25.57
C LYS B 146 13.43 12.21 -24.82
N GLY B 147 13.17 13.25 -24.02
CA GLY B 147 14.23 13.89 -23.27
C GLY B 147 15.07 12.97 -22.39
N TYR B 148 14.47 11.89 -21.92
CA TYR B 148 15.19 10.94 -21.07
C TYR B 148 16.17 10.17 -21.93
N LYS B 149 15.82 9.97 -23.19
CA LYS B 149 16.68 9.25 -24.10
C LYS B 149 17.77 10.17 -24.62
N ARG B 150 17.46 11.46 -24.70
CA ARG B 150 18.44 12.39 -25.18
C ARG B 150 19.56 12.58 -24.18
N ALA B 151 19.18 12.73 -22.92
CA ALA B 151 20.18 12.92 -21.87
C ALA B 151 21.09 11.69 -21.86
N LEU B 152 20.46 10.52 -21.95
CA LEU B 152 21.19 9.27 -21.95
C LEU B 152 22.13 9.17 -23.14
N THR B 153 21.64 9.40 -24.36
CA THR B 153 22.52 9.29 -25.51
C THR B 153 23.55 10.42 -25.60
N GLU B 154 23.14 11.67 -25.41
CA GLU B 154 24.09 12.77 -25.48
C GLU B 154 25.25 12.59 -24.50
N SER B 155 25.04 11.72 -23.52
CA SER B 155 26.05 11.45 -22.52
C SER B 155 26.65 10.07 -22.76
N GLY B 156 26.28 9.48 -23.89
CA GLY B 156 26.78 8.17 -24.27
C GLY B 156 26.38 7.01 -23.38
N LEU B 157 25.08 6.80 -23.19
CA LEU B 157 24.63 5.73 -22.32
C LEU B 157 23.68 4.77 -23.02
N PRO B 158 23.70 3.49 -22.62
CA PRO B 158 22.87 2.41 -23.17
C PRO B 158 21.36 2.55 -22.90
N VAL B 159 20.64 3.11 -23.85
CA VAL B 159 19.21 3.28 -23.70
C VAL B 159 18.52 1.90 -23.68
N ARG B 160 18.48 1.29 -22.51
CA ARG B 160 17.89 -0.03 -22.26
C ARG B 160 16.36 -0.04 -22.38
N ASP B 161 15.83 -0.72 -23.38
CA ASP B 161 14.38 -0.78 -23.56
C ASP B 161 13.62 -1.25 -22.33
N SER B 162 14.24 -2.11 -21.52
CA SER B 162 13.57 -2.61 -20.32
C SER B 162 13.77 -1.68 -19.12
N TYR B 163 14.39 -0.53 -19.35
CA TYR B 163 14.62 0.46 -18.29
C TYR B 163 13.54 1.54 -18.41
N ILE B 164 12.62 1.34 -19.35
CA ILE B 164 11.53 2.26 -19.59
C ILE B 164 10.25 1.51 -19.24
N VAL B 165 9.77 1.63 -18.00
CA VAL B 165 8.56 0.92 -17.60
C VAL B 165 7.35 1.82 -17.64
N GLU B 166 6.26 1.29 -18.19
CA GLU B 166 5.01 2.05 -18.30
C GLU B 166 4.07 1.74 -17.13
N GLY B 167 3.82 2.76 -16.33
CA GLY B 167 2.90 2.62 -15.21
C GLY B 167 1.63 3.30 -15.66
N ASP B 168 0.70 3.50 -14.74
CA ASP B 168 -0.57 4.14 -15.09
C ASP B 168 -0.87 5.36 -14.23
N TYR B 169 0.17 6.10 -13.85
CA TYR B 169 -0.01 7.31 -13.04
C TYR B 169 -0.49 7.05 -11.61
N THR B 170 -0.79 5.80 -11.27
CA THR B 170 -1.22 5.50 -9.92
C THR B 170 -0.04 5.13 -9.03
N TYR B 171 -0.13 5.51 -7.76
CA TYR B 171 0.90 5.22 -6.79
C TYR B 171 1.28 3.74 -6.87
N ASP B 172 0.31 2.88 -7.16
CA ASP B 172 0.59 1.46 -7.22
C ASP B 172 1.50 0.99 -8.36
N SER B 173 1.26 1.48 -9.57
CA SER B 173 2.08 1.07 -10.71
C SER B 173 3.54 1.43 -10.50
N GLY B 174 3.80 2.42 -9.65
CA GLY B 174 5.15 2.84 -9.35
C GLY B 174 5.83 1.82 -8.46
N ILE B 175 5.03 1.13 -7.65
CA ILE B 175 5.53 0.09 -6.76
C ILE B 175 5.92 -1.05 -7.68
N GLU B 176 4.96 -1.45 -8.50
CA GLU B 176 5.13 -2.52 -9.45
C GLU B 176 6.35 -2.27 -10.32
N ALA B 177 6.43 -1.08 -10.91
CA ALA B 177 7.55 -0.77 -11.77
C ALA B 177 8.91 -0.98 -11.10
N VAL B 178 9.01 -0.74 -9.79
CA VAL B 178 10.30 -0.92 -9.11
C VAL B 178 10.62 -2.39 -9.08
N GLU B 179 9.67 -3.17 -8.58
CA GLU B 179 9.85 -4.61 -8.50
C GLU B 179 10.36 -5.10 -9.84
N LYS B 180 9.68 -4.70 -10.91
CA LYS B 180 10.09 -5.10 -12.25
C LYS B 180 11.53 -4.69 -12.54
N LEU B 181 11.84 -3.42 -12.27
CA LEU B 181 13.20 -2.94 -12.50
C LEU B 181 14.19 -3.73 -11.66
N LEU B 182 13.76 -4.18 -10.49
CA LEU B 182 14.65 -4.94 -9.63
C LEU B 182 14.80 -6.37 -10.10
N GLU B 183 13.93 -6.79 -11.00
CA GLU B 183 13.99 -8.15 -11.52
C GLU B 183 14.94 -8.14 -12.71
N GLU B 184 15.40 -6.96 -13.08
CA GLU B 184 16.31 -6.80 -14.20
C GLU B 184 17.68 -7.41 -13.86
N ASP B 185 18.36 -7.96 -14.87
CA ASP B 185 19.68 -8.55 -14.66
C ASP B 185 20.64 -7.45 -14.27
N GLU B 186 20.52 -6.32 -14.97
CA GLU B 186 21.33 -5.17 -14.69
C GLU B 186 20.44 -4.20 -13.92
N LYS B 187 20.69 -4.07 -12.61
CA LYS B 187 19.84 -3.21 -11.80
C LYS B 187 20.17 -1.71 -11.92
N PRO B 188 19.15 -0.86 -12.11
CA PRO B 188 19.37 0.58 -12.23
C PRO B 188 19.98 1.15 -10.96
N THR B 189 20.89 2.10 -11.14
CA THR B 189 21.57 2.74 -10.03
C THR B 189 20.71 3.95 -9.60
N ALA B 190 19.73 4.29 -10.42
CA ALA B 190 18.82 5.40 -10.15
C ALA B 190 17.58 5.30 -11.04
N ILE B 191 16.52 6.03 -10.68
CA ILE B 191 15.27 6.03 -11.44
C ILE B 191 14.60 7.41 -11.54
N PHE B 192 14.27 7.80 -12.77
CA PHE B 192 13.58 9.07 -13.00
C PHE B 192 12.11 8.65 -13.14
N VAL B 193 11.21 9.31 -12.42
CA VAL B 193 9.79 8.97 -12.50
C VAL B 193 8.95 10.10 -13.09
N GLY B 194 8.00 9.75 -13.96
CA GLY B 194 7.13 10.73 -14.61
C GLY B 194 6.24 11.62 -13.75
N THR B 195 5.67 11.09 -12.67
CA THR B 195 4.82 11.89 -11.77
C THR B 195 5.28 11.68 -10.33
N ASP B 196 4.85 12.53 -9.42
CA ASP B 196 5.26 12.37 -8.03
C ASP B 196 4.55 11.17 -7.45
N GLU B 197 3.26 11.01 -7.77
CA GLU B 197 2.50 9.89 -7.24
C GLU B 197 3.19 8.57 -7.52
N MET B 198 3.71 8.40 -8.72
CA MET B 198 4.40 7.15 -9.03
C MET B 198 5.73 7.13 -8.33
N ALA B 199 6.35 8.30 -8.19
CA ALA B 199 7.64 8.37 -7.52
C ALA B 199 7.50 7.84 -6.09
N LEU B 200 6.46 8.26 -5.39
CA LEU B 200 6.26 7.79 -4.03
C LEU B 200 6.19 6.27 -4.06
N GLY B 201 5.49 5.75 -5.06
CA GLY B 201 5.34 4.32 -5.19
C GLY B 201 6.68 3.64 -5.37
N VAL B 202 7.56 4.31 -6.11
CA VAL B 202 8.88 3.77 -6.39
C VAL B 202 9.75 3.70 -5.15
N ILE B 203 9.76 4.79 -4.39
CA ILE B 203 10.53 4.85 -3.18
C ILE B 203 10.08 3.74 -2.24
N HIS B 204 8.77 3.62 -2.02
CA HIS B 204 8.23 2.58 -1.11
C HIS B 204 8.55 1.17 -1.59
N GLY B 205 8.21 0.86 -2.84
CA GLY B 205 8.52 -0.46 -3.37
C GLY B 205 9.97 -0.81 -3.03
N ALA B 206 10.89 0.07 -3.38
CA ALA B 206 12.30 -0.12 -3.10
C ALA B 206 12.55 -0.37 -1.62
N GLN B 207 12.14 0.57 -0.77
CA GLN B 207 12.35 0.40 0.65
C GLN B 207 11.77 -0.94 1.09
N ASP B 208 10.58 -1.27 0.60
CA ASP B 208 9.92 -2.52 0.98
C ASP B 208 10.69 -3.78 0.60
N ARG B 209 11.62 -3.67 -0.35
CA ARG B 209 12.43 -4.82 -0.75
C ARG B 209 13.72 -4.75 0.02
N GLY B 210 13.78 -3.77 0.92
CA GLY B 210 14.96 -3.59 1.75
C GLY B 210 15.99 -2.57 1.30
N LEU B 211 15.72 -1.83 0.23
CA LEU B 211 16.70 -0.83 -0.25
C LEU B 211 16.60 0.57 0.32
N ASN B 212 17.72 1.30 0.25
CA ASN B 212 17.78 2.66 0.77
C ASN B 212 17.84 3.74 -0.29
N VAL B 213 17.03 4.77 -0.10
CA VAL B 213 17.03 5.88 -1.03
C VAL B 213 17.63 6.98 -0.16
N PRO B 214 18.63 7.71 -0.66
CA PRO B 214 19.27 7.64 -1.97
C PRO B 214 20.54 6.80 -2.03
N ASN B 215 20.90 6.18 -0.91
CA ASN B 215 22.12 5.40 -0.91
C ASN B 215 22.17 4.16 -1.82
N ASP B 216 21.04 3.48 -2.01
CA ASP B 216 20.95 2.28 -2.87
C ASP B 216 20.24 2.59 -4.18
N LEU B 217 19.52 3.70 -4.20
CA LEU B 217 18.76 4.07 -5.38
C LEU B 217 18.35 5.52 -5.29
N GLU B 218 18.77 6.30 -6.26
CA GLU B 218 18.38 7.70 -6.27
C GLU B 218 17.09 7.76 -7.10
N ILE B 219 16.16 8.63 -6.69
CA ILE B 219 14.89 8.74 -7.40
C ILE B 219 14.55 10.20 -7.61
N ILE B 220 14.25 10.57 -8.85
CA ILE B 220 13.87 11.94 -9.16
C ILE B 220 12.48 11.93 -9.72
N GLY B 221 11.58 12.69 -9.09
CA GLY B 221 10.19 12.77 -9.54
C GLY B 221 9.94 13.93 -10.47
N PHE B 222 8.68 14.20 -10.79
CA PHE B 222 8.34 15.28 -11.70
C PHE B 222 6.99 15.84 -11.34
N ASP B 223 6.93 17.15 -11.14
CA ASP B 223 5.75 17.95 -10.78
C ASP B 223 5.99 18.82 -9.54
N ASN B 224 6.63 18.24 -8.53
CA ASN B 224 6.88 18.94 -7.29
C ASN B 224 5.57 19.36 -6.63
N THR B 225 4.69 18.39 -6.43
CA THR B 225 3.42 18.65 -5.75
C THR B 225 3.77 18.58 -4.25
N ARG B 226 2.77 18.70 -3.39
CA ARG B 226 3.04 18.64 -1.95
C ARG B 226 3.35 17.20 -1.56
N LEU B 227 3.03 16.27 -2.46
CA LEU B 227 3.32 14.85 -2.24
C LEU B 227 4.82 14.66 -2.18
N SER B 228 5.53 15.61 -2.77
CA SER B 228 6.97 15.56 -2.83
C SER B 228 7.57 15.66 -1.44
N THR B 229 6.86 16.35 -0.54
CA THR B 229 7.32 16.54 0.83
C THR B 229 6.61 15.62 1.82
N MET B 230 5.73 14.75 1.31
CA MET B 230 5.00 13.82 2.13
C MET B 230 5.57 12.41 2.05
N VAL B 231 6.89 12.31 1.89
CA VAL B 231 7.56 11.01 1.82
C VAL B 231 8.88 11.13 2.54
N ARG B 232 9.36 9.99 3.01
CA ARG B 232 10.63 9.89 3.70
C ARG B 232 11.39 8.79 2.96
N PRO B 233 12.52 9.15 2.32
CA PRO B 233 13.11 10.49 2.25
C PRO B 233 12.28 11.40 1.35
N GLN B 234 12.40 12.72 1.53
CA GLN B 234 11.63 13.65 0.70
C GLN B 234 12.05 13.65 -0.76
N LEU B 235 11.05 13.57 -1.64
CA LEU B 235 11.26 13.49 -3.07
C LEU B 235 11.86 14.67 -3.82
N THR B 236 12.96 14.41 -4.50
CA THR B 236 13.65 15.38 -5.33
C THR B 236 12.77 15.30 -6.57
N SER B 237 12.23 16.44 -7.00
CA SER B 237 11.30 16.45 -8.11
C SER B 237 11.46 17.64 -9.04
N VAL B 238 11.09 17.45 -10.29
CA VAL B 238 11.16 18.54 -11.27
C VAL B 238 9.95 19.41 -11.00
N VAL B 239 10.18 20.71 -10.88
CA VAL B 239 9.08 21.62 -10.61
C VAL B 239 8.29 22.06 -11.88
N GLN B 240 7.01 21.76 -11.96
CA GLN B 240 6.21 22.30 -13.07
C GLN B 240 5.12 22.94 -12.22
N PRO B 241 5.31 24.23 -11.87
CA PRO B 241 4.36 24.99 -11.05
C PRO B 241 2.94 25.02 -11.56
N MET B 242 2.20 24.00 -11.18
CA MET B 242 0.83 23.84 -11.62
C MET B 242 -0.01 25.06 -11.26
N TYR B 243 0.17 25.58 -10.05
CA TYR B 243 -0.58 26.77 -9.61
C TYR B 243 -0.36 27.97 -10.52
N ASP B 244 0.89 28.22 -10.89
CA ASP B 244 1.18 29.31 -11.78
C ASP B 244 0.53 29.11 -13.13
N ILE B 245 0.77 27.94 -13.71
CA ILE B 245 0.22 27.59 -15.01
C ILE B 245 -1.25 27.97 -15.03
N GLY B 246 -1.99 27.49 -14.02
CA GLY B 246 -3.41 27.78 -13.92
C GLY B 246 -3.77 29.24 -13.72
N ALA B 247 -3.05 29.92 -12.84
CA ALA B 247 -3.31 31.33 -12.61
C ALA B 247 -3.12 32.01 -13.96
N VAL B 248 -1.98 31.71 -14.59
CA VAL B 248 -1.65 32.28 -15.88
C VAL B 248 -2.67 31.93 -16.96
N ALA B 249 -3.10 30.66 -16.98
CA ALA B 249 -4.06 30.20 -17.96
C ALA B 249 -5.35 31.00 -17.84
N MET B 250 -5.71 31.35 -16.61
CA MET B 250 -6.92 32.12 -16.39
C MET B 250 -6.74 33.52 -16.91
N ARG B 251 -5.61 34.13 -16.59
CA ARG B 251 -5.41 35.49 -17.05
C ARG B 251 -5.37 35.60 -18.57
N LEU B 252 -4.84 34.57 -19.23
CA LEU B 252 -4.78 34.55 -20.68
C LEU B 252 -6.19 34.39 -21.24
N LEU B 253 -6.97 33.52 -20.60
CA LEU B 253 -8.33 33.29 -21.03
C LEU B 253 -9.11 34.59 -20.86
N THR B 254 -8.93 35.25 -19.72
CA THR B 254 -9.64 36.49 -19.44
C THR B 254 -9.43 37.52 -20.53
N LYS B 255 -8.19 37.71 -20.97
CA LYS B 255 -7.92 38.66 -22.04
C LYS B 255 -8.86 38.34 -23.20
N TYR B 256 -8.81 37.11 -23.70
CA TYR B 256 -9.68 36.71 -24.81
C TYR B 256 -11.13 37.06 -24.56
N MET B 257 -11.70 36.48 -23.51
CA MET B 257 -13.09 36.71 -23.14
C MET B 257 -13.46 38.19 -23.17
N ASN B 258 -12.50 39.04 -22.82
CA ASN B 258 -12.72 40.47 -22.80
C ASN B 258 -12.26 41.14 -24.08
N LYS B 259 -11.98 40.32 -25.09
CA LYS B 259 -11.57 40.82 -26.39
C LYS B 259 -10.36 41.72 -26.40
N GLU B 260 -9.39 41.34 -25.54
CA GLU B 260 -8.11 42.10 -25.41
C GLU B 260 -7.09 41.50 -26.30
N THR B 261 -5.89 42.05 -26.29
CA THR B 261 -4.88 41.49 -27.13
C THR B 261 -3.97 40.49 -26.47
N VAL B 262 -3.47 39.54 -27.26
CA VAL B 262 -2.65 38.49 -26.73
C VAL B 262 -1.55 38.32 -27.74
N ASP B 263 -0.46 39.00 -27.44
CA ASP B 263 0.68 38.94 -28.32
C ASP B 263 1.52 37.73 -27.95
N SER B 264 1.00 36.95 -27.01
CA SER B 264 1.68 35.75 -26.56
C SER B 264 0.60 34.67 -26.37
N SER B 265 0.11 34.17 -27.49
CA SER B 265 -0.93 33.14 -27.53
C SER B 265 -0.54 31.85 -26.79
N ILE B 266 0.69 31.39 -26.99
CA ILE B 266 1.12 30.21 -26.28
C ILE B 266 2.25 30.60 -25.33
N VAL B 267 1.94 30.47 -24.04
CA VAL B 267 2.84 30.80 -22.96
C VAL B 267 3.57 29.58 -22.46
N GLN B 268 4.82 29.81 -22.08
CA GLN B 268 5.64 28.74 -21.55
C GLN B 268 6.37 29.26 -20.33
N LEU B 269 6.02 28.72 -19.18
CA LEU B 269 6.65 29.11 -17.93
C LEU B 269 7.96 28.36 -17.77
N PRO B 270 8.86 28.91 -16.96
CA PRO B 270 10.15 28.25 -16.74
C PRO B 270 10.03 27.09 -15.74
N HIS B 271 11.07 26.25 -15.67
CA HIS B 271 11.09 25.11 -14.74
C HIS B 271 12.44 25.00 -14.03
N ARG B 272 12.50 24.14 -13.02
CA ARG B 272 13.73 23.89 -12.25
C ARG B 272 13.58 22.57 -11.51
N ILE B 273 14.59 22.17 -10.75
CA ILE B 273 14.53 20.92 -10.00
C ILE B 273 14.68 21.15 -8.49
N GLU B 274 13.67 20.77 -7.71
CA GLU B 274 13.78 20.91 -6.27
C GLU B 274 14.53 19.68 -5.76
N PHE B 275 15.75 19.87 -5.29
CA PHE B 275 16.54 18.76 -4.78
C PHE B 275 16.19 18.53 -3.31
N ARG B 276 15.95 17.28 -2.96
CA ARG B 276 15.60 16.93 -1.59
C ARG B 276 16.43 15.75 -1.08
N GLN B 277 15.84 14.75 -0.42
CA GLN B 277 16.67 13.65 0.06
C GLN B 277 16.52 12.35 -0.69
N SER B 278 15.87 12.45 -1.85
CA SER B 278 15.65 11.31 -2.74
C SER B 278 16.91 11.20 -3.60
N THR B 279 17.71 12.26 -3.60
CA THR B 279 18.95 12.34 -4.37
C THR B 279 20.13 12.56 -3.42
N LYS B 280 20.99 11.54 -3.34
CA LYS B 280 22.18 11.57 -2.49
C LYS B 280 23.10 12.70 -2.94
N THR C 8 -73.52 2.13 97.18
CA THR C 8 -74.78 2.62 96.54
C THR C 8 -75.97 1.77 96.98
N THR C 9 -77.06 2.45 97.30
CA THR C 9 -78.27 1.79 97.77
C THR C 9 -78.93 1.03 96.64
N THR C 10 -79.55 -0.10 96.99
CA THR C 10 -80.24 -0.98 96.03
C THR C 10 -81.53 -1.49 96.65
N VAL C 11 -82.70 -1.13 96.11
CA VAL C 11 -83.93 -1.65 96.70
C VAL C 11 -84.50 -2.70 95.76
N GLY C 12 -84.93 -3.80 96.37
CA GLY C 12 -85.49 -4.91 95.64
C GLY C 12 -86.98 -4.75 95.61
N VAL C 13 -87.55 -4.95 94.44
CA VAL C 13 -88.98 -4.83 94.28
C VAL C 13 -89.44 -6.19 93.76
N ILE C 14 -90.54 -6.70 94.28
CA ILE C 14 -91.06 -7.96 93.79
C ILE C 14 -92.58 -7.89 93.67
N ILE C 15 -93.07 -7.82 92.43
CA ILE C 15 -94.50 -7.77 92.15
C ILE C 15 -94.92 -9.17 91.72
N PRO C 16 -96.24 -9.44 91.73
CA PRO C 16 -96.65 -10.79 91.32
C PRO C 16 -96.53 -11.03 89.81
N ASP C 17 -97.20 -10.19 89.02
CA ASP C 17 -97.17 -10.35 87.57
C ASP C 17 -96.75 -9.09 86.83
N ILE C 18 -95.58 -9.13 86.20
CA ILE C 18 -95.08 -7.99 85.45
C ILE C 18 -95.94 -7.85 84.18
N SER C 19 -96.65 -8.92 83.85
CA SER C 19 -97.50 -8.90 82.66
C SER C 19 -98.95 -8.53 82.95
N ASN C 20 -99.09 -7.50 83.77
CA ASN C 20 -100.36 -6.93 84.20
C ASN C 20 -99.99 -5.46 84.27
N ILE C 21 -100.44 -4.67 83.29
CA ILE C 21 -100.07 -3.26 83.26
C ILE C 21 -100.11 -2.55 84.59
N PHE C 22 -101.04 -2.89 85.48
CA PHE C 22 -101.09 -2.23 86.76
C PHE C 22 -99.77 -2.42 87.53
N TYR C 23 -99.28 -3.65 87.56
CA TYR C 23 -98.03 -3.93 88.25
C TYR C 23 -96.84 -3.39 87.51
N ALA C 24 -96.91 -3.41 86.19
CA ALA C 24 -95.82 -2.92 85.36
C ALA C 24 -95.67 -1.40 85.48
N GLU C 25 -96.78 -0.68 85.46
CA GLU C 25 -96.76 0.77 85.57
C GLU C 25 -96.40 1.18 86.98
N LEU C 26 -96.90 0.43 87.96
CA LEU C 26 -96.55 0.70 89.35
C LEU C 26 -95.05 0.61 89.42
N ALA C 27 -94.54 -0.52 88.96
CA ALA C 27 -93.12 -0.83 88.93
C ALA C 27 -92.29 0.19 88.18
N ARG C 28 -92.87 0.76 87.12
CA ARG C 28 -92.17 1.75 86.33
C ARG C 28 -92.08 3.05 87.13
N GLY C 29 -93.04 3.28 88.01
CA GLY C 29 -92.99 4.47 88.82
C GLY C 29 -91.86 4.32 89.82
N ILE C 30 -91.86 3.19 90.53
CA ILE C 30 -90.84 2.87 91.52
C ILE C 30 -89.46 2.98 90.88
N GLU C 31 -89.45 2.86 89.56
CA GLU C 31 -88.23 2.90 88.77
C GLU C 31 -87.77 4.34 88.61
N ASP C 32 -88.69 5.17 88.15
CA ASP C 32 -88.44 6.58 87.91
C ASP C 32 -88.07 7.28 89.19
N ILE C 33 -88.83 6.97 90.23
CA ILE C 33 -88.60 7.55 91.54
C ILE C 33 -87.23 7.09 92.05
N ALA C 34 -86.83 5.88 91.66
CA ALA C 34 -85.54 5.36 92.09
C ALA C 34 -84.39 6.10 91.41
N THR C 35 -84.59 6.54 90.18
CA THR C 35 -83.53 7.27 89.51
C THR C 35 -83.30 8.55 90.29
N MET C 36 -84.38 9.13 90.80
CA MET C 36 -84.29 10.34 91.58
C MET C 36 -83.52 10.09 92.87
N TYR C 37 -83.97 9.12 93.64
CA TYR C 37 -83.31 8.79 94.87
C TYR C 37 -81.91 8.21 94.61
N LYS C 38 -81.57 8.02 93.35
CA LYS C 38 -80.27 7.45 93.00
C LYS C 38 -80.10 6.08 93.63
N TYR C 39 -81.05 5.19 93.31
CA TYR C 39 -81.08 3.83 93.81
C TYR C 39 -81.05 2.81 92.66
N ASN C 40 -80.54 1.62 92.94
CA ASN C 40 -80.53 0.56 91.97
C ASN C 40 -81.81 -0.21 92.26
N ILE C 41 -82.38 -0.85 91.25
CA ILE C 41 -83.60 -1.62 91.46
C ILE C 41 -83.46 -3.04 90.94
N ILE C 42 -83.89 -3.99 91.77
CA ILE C 42 -83.87 -5.41 91.41
C ILE C 42 -85.34 -5.82 91.42
N LEU C 43 -85.86 -6.19 90.26
CA LEU C 43 -87.27 -6.56 90.15
C LEU C 43 -87.41 -8.04 89.85
N SER C 44 -88.47 -8.67 90.38
CA SER C 44 -88.72 -10.10 90.13
C SER C 44 -90.19 -10.46 90.39
N ASN C 45 -90.71 -11.45 89.65
CA ASN C 45 -92.11 -11.86 89.80
C ASN C 45 -92.30 -13.09 90.65
N SER C 46 -93.39 -13.10 91.41
CA SER C 46 -93.72 -14.25 92.28
C SER C 46 -94.85 -15.01 91.62
N ASP C 47 -95.36 -14.45 90.54
CA ASP C 47 -96.45 -15.05 89.78
C ASP C 47 -97.67 -15.30 90.65
N GLN C 48 -97.82 -14.48 91.69
CA GLN C 48 -98.93 -14.59 92.62
C GLN C 48 -98.86 -15.79 93.56
N ASN C 49 -97.88 -16.66 93.34
CA ASN C 49 -97.73 -17.85 94.17
C ASN C 49 -96.95 -17.58 95.45
N GLN C 50 -97.55 -17.97 96.57
CA GLN C 50 -96.97 -17.78 97.89
C GLN C 50 -95.59 -18.43 98.10
N ASP C 51 -95.46 -19.67 97.65
CA ASP C 51 -94.19 -20.36 97.81
C ASP C 51 -93.05 -19.57 97.16
N LYS C 52 -93.35 -18.92 96.03
CA LYS C 52 -92.36 -18.14 95.31
C LYS C 52 -92.19 -16.76 95.93
N GLU C 53 -93.27 -16.24 96.52
CA GLU C 53 -93.20 -14.93 97.16
C GLU C 53 -92.16 -15.01 98.28
N LEU C 54 -92.31 -15.97 99.20
CA LEU C 54 -91.36 -16.13 100.30
C LEU C 54 -89.98 -16.55 99.82
N HIS C 55 -89.93 -17.29 98.72
CA HIS C 55 -88.64 -17.72 98.21
C HIS C 55 -87.86 -16.50 97.70
N LEU C 56 -88.51 -15.67 96.88
CA LEU C 56 -87.88 -14.46 96.32
C LEU C 56 -87.39 -13.52 97.41
N LEU C 57 -88.16 -13.43 98.50
CA LEU C 57 -87.79 -12.58 99.62
C LEU C 57 -86.38 -12.95 100.07
N ASN C 58 -86.15 -14.26 100.22
CA ASN C 58 -84.85 -14.79 100.64
C ASN C 58 -83.78 -14.48 99.59
N ASN C 59 -84.16 -14.54 98.32
CA ASN C 59 -83.22 -14.26 97.25
C ASN C 59 -82.84 -12.80 97.30
N MET C 60 -83.84 -11.97 97.54
CA MET C 60 -83.64 -10.54 97.63
C MET C 60 -82.61 -10.23 98.72
N LEU C 61 -82.91 -10.60 99.96
CA LEU C 61 -81.97 -10.36 101.05
C LEU C 61 -80.65 -11.03 100.68
N GLY C 62 -80.78 -12.20 100.06
CA GLY C 62 -79.60 -12.96 99.66
C GLY C 62 -78.70 -12.17 98.73
N LYS C 63 -79.29 -11.19 98.05
CA LYS C 63 -78.55 -10.33 97.13
C LYS C 63 -78.20 -9.01 97.81
N GLN C 64 -78.38 -8.95 99.13
CA GLN C 64 -78.10 -7.76 99.93
C GLN C 64 -78.85 -6.50 99.54
N VAL C 65 -80.16 -6.59 99.35
CA VAL C 65 -80.96 -5.42 98.99
C VAL C 65 -81.12 -4.64 100.28
N ASP C 66 -80.88 -3.34 100.25
CA ASP C 66 -81.00 -2.53 101.45
C ASP C 66 -82.42 -2.39 101.93
N GLY C 67 -83.35 -2.40 100.99
CA GLY C 67 -84.77 -2.30 101.30
C GLY C 67 -85.56 -3.12 100.30
N ILE C 68 -86.85 -3.28 100.55
CA ILE C 68 -87.69 -4.04 99.64
C ILE C 68 -89.08 -3.44 99.54
N ILE C 69 -89.57 -3.24 98.31
CA ILE C 69 -90.93 -2.79 98.14
C ILE C 69 -91.53 -4.14 97.76
N PHE C 70 -92.64 -4.52 98.37
CA PHE C 70 -93.26 -5.80 98.09
C PHE C 70 -94.73 -5.59 97.80
N MET C 71 -95.21 -6.21 96.73
CA MET C 71 -96.61 -6.10 96.35
C MET C 71 -97.16 -7.53 96.23
N SER C 72 -98.31 -7.80 96.85
CA SER C 72 -98.91 -9.15 96.81
C SER C 72 -100.41 -9.19 96.95
N GLY C 73 -101.02 -10.09 96.20
CA GLY C 73 -102.47 -10.24 96.23
C GLY C 73 -102.96 -10.72 97.57
N ASN C 74 -102.06 -11.32 98.34
CA ASN C 74 -102.44 -11.82 99.65
C ASN C 74 -101.29 -11.93 100.64
N VAL C 75 -101.20 -10.96 101.55
CA VAL C 75 -100.14 -10.99 102.55
C VAL C 75 -100.70 -11.69 103.79
N THR C 76 -100.70 -13.02 103.73
CA THR C 76 -101.22 -13.85 104.81
C THR C 76 -100.41 -13.76 106.08
N GLU C 77 -101.03 -14.24 107.15
CA GLU C 77 -100.46 -14.30 108.49
C GLU C 77 -99.01 -14.80 108.42
N GLU C 78 -98.79 -15.75 107.51
CA GLU C 78 -97.49 -16.39 107.32
C GLU C 78 -96.35 -15.50 106.80
N HIS C 79 -96.62 -14.68 105.78
CA HIS C 79 -95.60 -13.79 105.24
C HIS C 79 -95.31 -12.82 106.36
N VAL C 80 -96.39 -12.31 106.95
CA VAL C 80 -96.27 -11.35 108.04
C VAL C 80 -95.30 -11.88 109.09
N GLU C 81 -95.61 -13.04 109.67
CA GLU C 81 -94.68 -13.57 110.65
C GLU C 81 -93.26 -13.67 110.05
N GLU C 82 -93.21 -14.06 108.79
CA GLU C 82 -91.95 -14.20 108.08
C GLU C 82 -91.10 -12.96 107.80
N LEU C 83 -91.66 -11.97 107.11
CA LEU C 83 -90.89 -10.77 106.75
C LEU C 83 -90.76 -9.88 107.97
N LYS C 84 -91.38 -10.32 109.05
CA LYS C 84 -91.32 -9.61 110.31
C LYS C 84 -89.87 -9.72 110.76
N LYS C 85 -89.23 -10.84 110.44
CA LYS C 85 -87.84 -11.04 110.83
C LYS C 85 -86.88 -10.74 109.70
N SER C 86 -87.30 -9.84 108.81
CA SER C 86 -86.50 -9.42 107.69
C SER C 86 -85.36 -8.54 108.15
N PRO C 87 -84.13 -8.98 107.91
CA PRO C 87 -82.92 -8.24 108.30
C PRO C 87 -82.83 -6.85 107.66
N VAL C 88 -83.78 -6.53 106.80
CA VAL C 88 -83.81 -5.23 106.11
C VAL C 88 -85.25 -4.79 105.93
N PRO C 89 -85.47 -3.48 105.78
CA PRO C 89 -86.85 -2.99 105.60
C PRO C 89 -87.55 -3.53 104.36
N VAL C 90 -88.86 -3.61 104.47
CA VAL C 90 -89.70 -4.07 103.38
C VAL C 90 -91.05 -3.40 103.63
N VAL C 91 -91.57 -2.71 102.62
CA VAL C 91 -92.84 -2.01 102.75
C VAL C 91 -93.77 -2.47 101.64
N LEU C 92 -95.05 -2.61 101.96
CA LEU C 92 -96.03 -3.07 100.97
C LEU C 92 -96.45 -1.92 100.09
N ALA C 93 -96.96 -2.25 98.91
CA ALA C 93 -97.41 -1.24 97.98
C ALA C 93 -98.65 -1.73 97.24
N ALA C 94 -99.69 -0.90 97.25
CA ALA C 94 -100.95 -1.24 96.61
C ALA C 94 -101.41 -2.65 97.04
N SER C 95 -100.95 -3.08 98.21
CA SER C 95 -101.32 -4.38 98.74
C SER C 95 -101.80 -4.22 100.17
N ILE C 96 -102.56 -5.18 100.69
CA ILE C 96 -103.03 -5.11 102.06
C ILE C 96 -102.49 -6.24 102.92
N GLU C 97 -102.57 -6.04 104.23
CA GLU C 97 -102.11 -6.99 105.22
C GLU C 97 -102.86 -6.53 106.47
N SER C 98 -104.16 -6.85 106.48
CA SER C 98 -105.11 -6.51 107.53
C SER C 98 -104.68 -6.34 108.97
N THR C 99 -103.61 -7.02 109.37
CA THR C 99 -103.11 -6.88 110.74
C THR C 99 -102.45 -5.52 110.98
N ASN C 100 -102.14 -4.83 109.89
CA ASN C 100 -101.46 -3.55 109.92
C ASN C 100 -100.12 -3.59 110.65
N GLN C 101 -99.37 -4.66 110.48
CA GLN C 101 -98.08 -4.80 111.17
C GLN C 101 -97.05 -4.21 110.24
N ILE C 102 -96.67 -5.00 109.23
CA ILE C 102 -95.72 -4.59 108.20
C ILE C 102 -96.18 -3.27 107.57
N PRO C 103 -95.25 -2.30 107.40
CA PRO C 103 -95.59 -0.99 106.81
C PRO C 103 -96.26 -1.12 105.45
N SER C 104 -97.24 -0.26 105.14
CA SER C 104 -97.91 -0.35 103.85
C SER C 104 -98.56 0.94 103.39
N VAL C 105 -98.47 1.21 102.09
CA VAL C 105 -99.09 2.40 101.52
C VAL C 105 -100.07 1.95 100.43
N THR C 106 -101.35 2.19 100.70
CA THR C 106 -102.43 1.78 99.84
C THR C 106 -103.39 2.94 99.57
N ILE C 107 -104.61 2.60 99.20
CA ILE C 107 -105.66 3.55 98.92
C ILE C 107 -106.86 2.82 99.51
N ASP C 108 -107.97 3.52 99.79
CA ASP C 108 -109.11 2.82 100.38
C ASP C 108 -109.94 2.02 99.39
N TYR C 109 -109.62 0.74 99.27
CA TYR C 109 -110.30 -0.15 98.35
C TYR C 109 -111.81 -0.26 98.59
N GLU C 110 -112.22 -0.30 99.85
CA GLU C 110 -113.64 -0.40 100.20
C GLU C 110 -114.44 0.82 99.72
N GLN C 111 -113.94 2.01 99.99
CA GLN C 111 -114.63 3.21 99.57
C GLN C 111 -114.48 3.45 98.07
N ALA C 112 -113.37 2.97 97.52
CA ALA C 112 -113.15 3.11 96.09
C ALA C 112 -114.22 2.27 95.41
N ALA C 113 -114.45 1.08 95.97
CA ALA C 113 -115.47 0.18 95.46
C ALA C 113 -116.83 0.79 95.75
N PHE C 114 -116.95 1.42 96.91
CA PHE C 114 -118.19 2.06 97.32
C PHE C 114 -118.59 3.08 96.25
N ASP C 115 -117.76 4.12 96.13
CA ASP C 115 -118.02 5.22 95.19
C ASP C 115 -118.19 4.78 93.75
N ALA C 116 -117.45 3.75 93.34
CA ALA C 116 -117.54 3.26 91.98
C ALA C 116 -118.97 2.84 91.73
N VAL C 117 -119.43 1.90 92.55
CA VAL C 117 -120.77 1.37 92.46
C VAL C 117 -121.80 2.51 92.52
N GLN C 118 -121.65 3.35 93.55
CA GLN C 118 -122.52 4.51 93.79
C GLN C 118 -122.72 5.35 92.53
N SER C 119 -121.66 5.46 91.73
CA SER C 119 -121.73 6.23 90.49
C SER C 119 -122.84 5.72 89.58
N LEU C 120 -123.04 4.42 89.58
CA LEU C 120 -124.05 3.81 88.75
C LEU C 120 -125.44 4.00 89.34
N ILE C 121 -125.53 3.91 90.67
CA ILE C 121 -126.81 4.11 91.35
C ILE C 121 -127.40 5.43 90.85
N ASP C 122 -126.66 6.50 91.14
CA ASP C 122 -127.01 7.87 90.76
C ASP C 122 -127.33 7.99 89.27
N SER C 123 -126.81 7.06 88.46
CA SER C 123 -127.05 7.09 87.02
C SER C 123 -128.43 6.52 86.74
N GLY C 124 -128.93 5.73 87.69
CA GLY C 124 -130.24 5.11 87.52
C GLY C 124 -130.01 3.64 87.22
N HIS C 125 -129.47 2.93 88.20
CA HIS C 125 -129.18 1.51 88.05
C HIS C 125 -129.43 0.79 89.38
N LYS C 126 -130.19 -0.31 89.34
CA LYS C 126 -130.48 -1.11 90.54
C LYS C 126 -129.74 -2.44 90.43
N ASN C 127 -129.76 -3.00 89.23
CA ASN C 127 -129.10 -4.27 88.96
C ASN C 127 -127.69 -4.03 88.39
N ILE C 128 -126.74 -4.01 89.32
CA ILE C 128 -125.33 -3.78 89.06
C ILE C 128 -124.59 -5.02 89.56
N ALA C 129 -123.95 -5.72 88.65
CA ALA C 129 -123.20 -6.92 89.03
C ALA C 129 -121.76 -6.54 89.42
N PHE C 130 -120.97 -7.54 89.79
CA PHE C 130 -119.58 -7.28 90.18
C PHE C 130 -118.60 -8.35 89.66
N VAL C 131 -117.85 -7.99 88.61
CA VAL C 131 -116.86 -8.89 88.04
C VAL C 131 -115.60 -8.68 88.88
N SER C 132 -115.43 -9.52 89.89
CA SER C 132 -114.29 -9.38 90.79
C SER C 132 -113.12 -10.28 90.47
N GLY C 133 -112.03 -10.08 91.21
CA GLY C 133 -110.84 -10.88 91.04
C GLY C 133 -111.00 -12.05 91.98
N THR C 134 -110.05 -12.99 91.97
CA THR C 134 -110.15 -14.16 92.83
C THR C 134 -110.67 -13.78 94.21
N LEU C 135 -111.92 -14.12 94.48
CA LEU C 135 -112.55 -13.80 95.75
C LEU C 135 -111.77 -14.30 96.96
N GLU C 136 -110.87 -15.25 96.73
CA GLU C 136 -110.05 -15.81 97.82
C GLU C 136 -109.04 -14.77 98.29
N GLU C 137 -109.01 -13.61 97.64
CA GLU C 137 -108.08 -12.57 98.02
C GLU C 137 -108.70 -11.42 98.81
N PRO C 138 -108.07 -11.09 99.95
CA PRO C 138 -108.43 -10.04 100.90
C PRO C 138 -108.95 -8.74 100.26
N ILE C 139 -108.17 -8.16 99.34
CA ILE C 139 -108.57 -6.91 98.70
C ILE C 139 -109.94 -7.09 98.08
N ASN C 140 -110.22 -8.32 97.64
CA ASN C 140 -111.49 -8.58 96.99
C ASN C 140 -112.68 -8.77 97.92
N HIS C 141 -112.68 -9.87 98.65
CA HIS C 141 -113.80 -10.14 99.54
C HIS C 141 -113.97 -9.11 100.66
N ALA C 142 -112.91 -8.88 101.41
CA ALA C 142 -112.96 -7.92 102.52
C ALA C 142 -113.20 -6.47 102.11
N LYS C 143 -112.40 -5.96 101.18
CA LYS C 143 -112.52 -4.57 100.74
C LYS C 143 -113.50 -4.27 99.59
N LYS C 144 -113.17 -4.73 98.38
CA LYS C 144 -114.01 -4.46 97.21
C LYS C 144 -115.43 -5.03 97.27
N VAL C 145 -115.56 -6.35 97.25
CA VAL C 145 -116.88 -7.00 97.33
C VAL C 145 -117.73 -6.21 98.32
N LYS C 146 -117.27 -6.23 99.58
CA LYS C 146 -117.90 -5.56 100.69
C LYS C 146 -118.25 -4.11 100.37
N GLY C 147 -117.25 -3.38 99.85
CA GLY C 147 -117.45 -1.99 99.51
C GLY C 147 -118.55 -1.81 98.48
N TYR C 148 -118.80 -2.86 97.70
CA TYR C 148 -119.82 -2.84 96.64
C TYR C 148 -121.21 -3.21 97.18
N LYS C 149 -121.23 -4.05 98.21
CA LYS C 149 -122.49 -4.45 98.84
C LYS C 149 -123.05 -3.14 99.40
N ARG C 150 -122.31 -2.60 100.37
CA ARG C 150 -122.68 -1.36 101.04
C ARG C 150 -123.31 -0.40 100.06
N ALA C 151 -122.76 -0.35 98.85
CA ALA C 151 -123.30 0.55 97.85
C ALA C 151 -124.77 0.22 97.61
N LEU C 152 -125.01 -0.87 96.89
CA LEU C 152 -126.36 -1.32 96.57
C LEU C 152 -127.31 -1.24 97.78
N THR C 153 -126.91 -1.82 98.91
CA THR C 153 -127.71 -1.82 100.12
C THR C 153 -128.10 -0.40 100.62
N GLU C 154 -127.12 0.47 100.81
CA GLU C 154 -127.38 1.83 101.28
C GLU C 154 -128.31 2.65 100.41
N SER C 155 -128.82 2.08 99.33
CA SER C 155 -129.74 2.81 98.45
C SER C 155 -130.96 1.92 98.21
N GLY C 156 -131.11 0.91 99.07
CA GLY C 156 -132.22 -0.01 98.97
C GLY C 156 -132.19 -0.90 97.75
N LEU C 157 -131.09 -1.65 97.58
CA LEU C 157 -130.95 -2.53 96.43
C LEU C 157 -130.54 -3.96 96.81
N PRO C 158 -130.93 -4.96 95.98
CA PRO C 158 -130.66 -6.39 96.15
C PRO C 158 -129.20 -6.81 96.08
N VAL C 159 -128.76 -7.58 97.07
CA VAL C 159 -127.40 -8.07 97.09
C VAL C 159 -127.39 -9.51 96.58
N ARG C 160 -127.69 -9.64 95.29
CA ARG C 160 -127.76 -10.92 94.58
C ARG C 160 -126.35 -11.54 94.41
N ASP C 161 -126.15 -12.73 94.98
CA ASP C 161 -124.84 -13.40 94.90
C ASP C 161 -124.44 -13.80 93.46
N SER C 162 -125.41 -14.23 92.66
CA SER C 162 -125.14 -14.62 91.27
C SER C 162 -124.55 -13.44 90.52
N TYR C 163 -124.85 -12.25 91.04
CA TYR C 163 -124.40 -11.01 90.44
C TYR C 163 -122.91 -10.70 90.67
N ILE C 164 -122.19 -11.55 91.39
CA ILE C 164 -120.77 -11.29 91.57
C ILE C 164 -119.96 -12.50 91.08
N VAL C 165 -119.65 -12.48 89.78
CA VAL C 165 -118.87 -13.56 89.16
C VAL C 165 -117.40 -13.29 89.40
N GLU C 166 -116.59 -14.35 89.53
CA GLU C 166 -115.16 -14.20 89.78
C GLU C 166 -114.22 -14.50 88.60
N GLY C 167 -113.47 -13.48 88.18
CA GLY C 167 -112.53 -13.65 87.11
C GLY C 167 -111.17 -13.90 87.74
N ASP C 168 -110.11 -14.01 86.93
CA ASP C 168 -108.79 -14.26 87.47
C ASP C 168 -107.79 -13.20 87.05
N TYR C 169 -108.23 -11.94 86.99
CA TYR C 169 -107.36 -10.83 86.63
C TYR C 169 -106.93 -10.84 85.17
N THR C 170 -107.47 -11.78 84.41
CA THR C 170 -107.15 -11.94 83.00
C THR C 170 -108.24 -11.37 82.12
N TYR C 171 -107.83 -10.83 80.97
CA TYR C 171 -108.77 -10.24 80.03
C TYR C 171 -109.77 -11.27 79.52
N ASP C 172 -109.31 -12.51 79.39
CA ASP C 172 -110.18 -13.61 78.95
C ASP C 172 -111.22 -13.88 80.03
N SER C 173 -110.77 -13.93 81.28
CA SER C 173 -111.71 -14.15 82.38
C SER C 173 -112.74 -13.02 82.38
N GLY C 174 -112.43 -11.95 81.67
CA GLY C 174 -113.34 -10.83 81.62
C GLY C 174 -114.48 -11.15 80.68
N ILE C 175 -114.15 -11.68 79.50
CA ILE C 175 -115.15 -12.04 78.51
C ILE C 175 -116.11 -13.08 79.12
N GLU C 176 -115.56 -14.05 79.84
CA GLU C 176 -116.38 -15.10 80.46
C GLU C 176 -117.30 -14.58 81.57
N ALA C 177 -116.84 -13.54 82.26
CA ALA C 177 -117.63 -12.96 83.33
C ALA C 177 -118.91 -12.33 82.76
N VAL C 178 -118.82 -11.73 81.59
CA VAL C 178 -120.00 -11.11 80.99
C VAL C 178 -120.89 -12.05 80.20
N GLU C 179 -120.29 -13.03 79.52
CA GLU C 179 -121.11 -13.98 78.77
C GLU C 179 -122.03 -14.62 79.83
N LYS C 180 -121.43 -14.92 80.98
CA LYS C 180 -122.14 -15.50 82.11
C LYS C 180 -123.27 -14.54 82.53
N LEU C 181 -122.90 -13.35 82.96
CA LEU C 181 -123.86 -12.36 83.40
C LEU C 181 -124.92 -11.99 82.37
N LEU C 182 -124.69 -12.32 81.09
CA LEU C 182 -125.67 -12.01 80.07
C LEU C 182 -126.67 -13.15 79.91
N GLU C 183 -126.50 -14.16 80.76
CA GLU C 183 -127.39 -15.31 80.76
C GLU C 183 -128.36 -15.18 81.93
N GLU C 184 -128.03 -14.31 82.86
CA GLU C 184 -128.88 -14.06 84.01
C GLU C 184 -130.19 -13.58 83.39
N ASP C 185 -131.30 -14.22 83.72
CA ASP C 185 -132.60 -13.83 83.18
C ASP C 185 -132.76 -12.33 83.39
N GLU C 186 -132.30 -11.88 84.55
CA GLU C 186 -132.34 -10.47 84.93
C GLU C 186 -130.93 -9.89 84.69
N LYS C 187 -130.66 -9.51 83.45
CA LYS C 187 -129.38 -8.95 83.07
C LYS C 187 -129.14 -7.61 83.74
N PRO C 188 -127.92 -7.37 84.25
CA PRO C 188 -127.61 -6.11 84.92
C PRO C 188 -127.42 -5.02 83.87
N THR C 189 -127.66 -3.76 84.22
CA THR C 189 -127.45 -2.69 83.26
C THR C 189 -126.03 -2.11 83.39
N ALA C 190 -125.27 -2.60 84.38
CA ALA C 190 -123.90 -2.13 84.59
C ALA C 190 -123.09 -3.03 85.50
N ILE C 191 -121.82 -3.23 85.12
CA ILE C 191 -120.89 -4.06 85.87
C ILE C 191 -119.70 -3.28 86.41
N PHE C 192 -119.29 -3.58 87.63
CA PHE C 192 -118.14 -2.90 88.23
C PHE C 192 -117.04 -3.94 88.26
N VAL C 193 -116.05 -3.77 87.38
CA VAL C 193 -114.94 -4.72 87.31
C VAL C 193 -113.80 -4.35 88.24
N GLY C 194 -113.19 -5.34 88.87
CA GLY C 194 -112.09 -5.05 89.78
C GLY C 194 -110.78 -4.57 89.17
N THR C 195 -110.58 -4.85 87.89
CA THR C 195 -109.35 -4.47 87.20
C THR C 195 -109.65 -4.03 85.78
N ASP C 196 -108.80 -3.16 85.23
CA ASP C 196 -109.02 -2.69 83.87
C ASP C 196 -108.84 -3.83 82.88
N GLU C 197 -108.05 -4.81 83.26
CA GLU C 197 -107.79 -5.93 82.39
C GLU C 197 -109.09 -6.70 82.19
N MET C 198 -109.71 -7.12 83.29
CA MET C 198 -110.96 -7.85 83.21
C MET C 198 -112.11 -6.95 82.73
N ALA C 199 -111.86 -5.65 82.73
CA ALA C 199 -112.85 -4.69 82.29
C ALA C 199 -112.89 -4.58 80.76
N LEU C 200 -111.74 -4.62 80.11
CA LEU C 200 -111.73 -4.58 78.66
C LEU C 200 -112.44 -5.84 78.17
N GLY C 201 -112.22 -6.95 78.88
CA GLY C 201 -112.84 -8.21 78.54
C GLY C 201 -114.35 -8.14 78.67
N VAL C 202 -114.81 -7.55 79.76
CA VAL C 202 -116.24 -7.38 79.99
C VAL C 202 -116.82 -6.55 78.84
N ILE C 203 -116.18 -5.42 78.58
CA ILE C 203 -116.61 -4.52 77.51
C ILE C 203 -116.67 -5.21 76.15
N HIS C 204 -115.61 -5.92 75.78
CA HIS C 204 -115.60 -6.64 74.49
C HIS C 204 -116.51 -7.85 74.60
N GLY C 205 -116.63 -8.36 75.83
CA GLY C 205 -117.48 -9.51 76.07
C GLY C 205 -118.86 -9.13 75.59
N ALA C 206 -119.38 -8.03 76.14
CA ALA C 206 -120.69 -7.52 75.78
C ALA C 206 -120.74 -7.23 74.29
N GLN C 207 -119.91 -6.29 73.85
CA GLN C 207 -119.82 -5.89 72.45
C GLN C 207 -119.95 -7.06 71.46
N ASP C 208 -119.18 -8.13 71.68
CA ASP C 208 -119.25 -9.27 70.79
C ASP C 208 -120.69 -9.72 70.63
N ARG C 209 -121.36 -9.88 71.77
CA ARG C 209 -122.76 -10.33 71.83
C ARG C 209 -123.70 -9.35 71.14
N GLY C 210 -123.20 -8.17 70.79
CA GLY C 210 -124.02 -7.17 70.13
C GLY C 210 -124.52 -6.05 71.01
N LEU C 211 -124.18 -6.09 72.30
CA LEU C 211 -124.60 -5.04 73.23
C LEU C 211 -123.78 -3.80 72.95
N ASN C 212 -124.29 -2.65 73.39
CA ASN C 212 -123.55 -1.41 73.16
C ASN C 212 -123.17 -0.71 74.44
N VAL C 213 -121.93 -0.27 74.52
CA VAL C 213 -121.51 0.45 75.70
C VAL C 213 -121.41 1.91 75.27
N PRO C 214 -122.01 2.82 76.05
CA PRO C 214 -122.78 2.60 77.28
C PRO C 214 -124.29 2.45 77.07
N ASN C 215 -124.78 2.84 75.90
CA ASN C 215 -126.21 2.79 75.61
C ASN C 215 -126.98 1.53 76.08
N ASP C 216 -126.29 0.41 76.31
CA ASP C 216 -126.94 -0.81 76.79
C ASP C 216 -126.52 -1.03 78.22
N LEU C 217 -125.32 -1.55 78.43
CA LEU C 217 -124.80 -1.75 79.77
C LEU C 217 -123.55 -0.91 79.91
N GLU C 218 -123.35 -0.38 81.11
CA GLU C 218 -122.21 0.47 81.43
C GLU C 218 -121.20 -0.30 82.26
N ILE C 219 -119.93 0.02 82.08
CA ILE C 219 -118.88 -0.65 82.83
C ILE C 219 -117.90 0.35 83.44
N ILE C 220 -117.48 0.07 84.66
CA ILE C 220 -116.52 0.91 85.34
C ILE C 220 -115.37 0.06 85.86
N GLY C 221 -114.17 0.44 85.45
CA GLY C 221 -112.99 -0.30 85.85
C GLY C 221 -112.40 0.12 87.17
N PHE C 222 -111.15 -0.27 87.36
CA PHE C 222 -110.41 0.02 88.58
C PHE C 222 -108.91 0.10 88.25
N ASP C 223 -108.21 1.00 88.92
CA ASP C 223 -106.76 1.23 88.76
C ASP C 223 -106.42 2.42 87.87
N ASN C 224 -107.25 2.67 86.88
CA ASN C 224 -106.98 3.75 85.95
C ASN C 224 -105.58 3.48 85.41
N THR C 225 -105.53 2.53 84.51
CA THR C 225 -104.32 2.07 83.87
C THR C 225 -104.24 2.67 82.48
N ARG C 226 -103.12 2.49 81.81
CA ARG C 226 -102.98 2.98 80.46
C ARG C 226 -104.08 2.32 79.61
N LEU C 227 -104.42 1.08 79.94
CA LEU C 227 -105.43 0.35 79.21
C LEU C 227 -106.82 0.98 79.18
N SER C 228 -107.14 1.78 80.19
CA SER C 228 -108.45 2.42 80.27
C SER C 228 -108.71 3.33 79.10
N THR C 229 -107.62 3.81 78.52
CA THR C 229 -107.69 4.72 77.40
C THR C 229 -107.48 3.97 76.11
N MET C 230 -107.26 2.66 76.23
CA MET C 230 -106.99 1.82 75.08
C MET C 230 -108.11 0.94 74.56
N VAL C 231 -109.33 1.19 75.06
CA VAL C 231 -110.51 0.46 74.62
C VAL C 231 -111.39 1.48 73.95
N ARG C 232 -112.52 1.02 73.44
CA ARG C 232 -113.47 1.93 72.84
C ARG C 232 -114.83 1.34 73.15
N PRO C 233 -115.68 2.10 73.87
CA PRO C 233 -115.40 3.43 74.39
C PRO C 233 -114.40 3.38 75.55
N GLN C 234 -113.70 4.49 75.77
CA GLN C 234 -112.72 4.55 76.85
C GLN C 234 -113.38 4.20 78.17
N LEU C 235 -112.68 3.40 78.96
CA LEU C 235 -113.15 2.92 80.26
C LEU C 235 -113.05 3.94 81.40
N THR C 236 -114.17 4.20 82.08
CA THR C 236 -114.14 5.12 83.20
C THR C 236 -113.66 4.21 84.34
N SER C 237 -112.62 4.63 85.04
CA SER C 237 -112.03 3.78 86.07
C SER C 237 -111.63 4.44 87.39
N VAL C 238 -111.65 3.64 88.45
CA VAL C 238 -111.27 4.11 89.77
C VAL C 238 -109.78 4.45 89.76
N VAL C 239 -109.46 5.74 89.79
CA VAL C 239 -108.07 6.12 89.79
C VAL C 239 -107.32 5.62 91.01
N GLN C 240 -106.13 5.07 90.78
CA GLN C 240 -105.29 4.62 91.86
C GLN C 240 -103.98 5.29 91.52
N PRO C 241 -103.55 6.30 92.30
CA PRO C 241 -102.29 7.03 92.06
C PRO C 241 -101.04 6.16 92.21
N MET C 242 -100.71 5.48 91.13
CA MET C 242 -99.57 4.58 91.11
C MET C 242 -98.26 5.26 91.43
N TYR C 243 -98.03 6.41 90.81
CA TYR C 243 -96.81 7.14 91.09
C TYR C 243 -96.66 7.41 92.58
N ASP C 244 -97.66 8.07 93.18
CA ASP C 244 -97.64 8.43 94.61
C ASP C 244 -97.36 7.23 95.49
N ILE C 245 -98.09 6.14 95.24
CA ILE C 245 -97.91 4.93 96.02
C ILE C 245 -96.44 4.56 96.01
N GLY C 246 -95.90 4.38 94.82
CA GLY C 246 -94.49 4.03 94.71
C GLY C 246 -93.60 5.02 95.43
N ALA C 247 -93.91 6.30 95.27
CA ALA C 247 -93.12 7.37 95.89
C ALA C 247 -93.16 7.32 97.40
N VAL C 248 -94.36 7.37 97.98
CA VAL C 248 -94.52 7.34 99.43
C VAL C 248 -93.88 6.09 99.96
N ALA C 249 -94.18 4.97 99.30
CA ALA C 249 -93.64 3.68 99.66
C ALA C 249 -92.12 3.76 99.69
N MET C 250 -91.57 4.53 98.75
CA MET C 250 -90.11 4.70 98.65
C MET C 250 -89.51 5.56 99.77
N ARG C 251 -90.08 6.75 100.04
CA ARG C 251 -89.55 7.59 101.10
C ARG C 251 -89.70 6.81 102.39
N LEU C 252 -90.79 6.04 102.48
CA LEU C 252 -91.07 5.21 103.64
C LEU C 252 -89.91 4.25 103.82
N LEU C 253 -89.64 3.47 102.77
CA LEU C 253 -88.54 2.52 102.78
C LEU C 253 -87.25 3.25 103.13
N THR C 254 -87.08 4.45 102.59
CA THR C 254 -85.89 5.26 102.83
C THR C 254 -85.72 5.58 104.30
N LYS C 255 -86.76 6.18 104.89
CA LYS C 255 -86.73 6.53 106.30
C LYS C 255 -86.34 5.31 107.11
N TYR C 256 -87.02 4.19 106.88
CA TYR C 256 -86.69 2.96 107.59
C TYR C 256 -85.25 2.56 107.32
N MET C 257 -84.84 2.54 106.06
CA MET C 257 -83.48 2.16 105.70
C MET C 257 -82.48 3.13 106.32
N ASN C 258 -82.99 4.22 106.89
CA ASN C 258 -82.14 5.22 107.48
C ASN C 258 -82.26 5.30 108.99
N LYS C 259 -83.20 4.52 109.54
CA LYS C 259 -83.47 4.44 110.98
C LYS C 259 -84.25 5.63 111.55
N GLU C 260 -84.83 6.42 110.64
CA GLU C 260 -85.64 7.60 110.99
C GLU C 260 -87.05 7.22 111.54
N THR C 261 -87.66 8.13 112.31
CA THR C 261 -88.98 7.86 112.84
C THR C 261 -89.99 8.01 111.72
N VAL C 262 -91.04 7.22 111.81
CA VAL C 262 -92.11 7.22 110.84
C VAL C 262 -93.40 7.33 111.64
N ASP C 263 -93.92 8.53 111.76
CA ASP C 263 -95.13 8.66 112.57
C ASP C 263 -96.40 8.17 111.91
N SER C 264 -96.31 7.12 111.09
CA SER C 264 -97.43 6.53 110.39
C SER C 264 -96.89 5.52 109.37
N SER C 265 -96.83 4.29 109.85
CA SER C 265 -96.40 3.16 109.03
C SER C 265 -97.49 2.59 108.10
N ILE C 266 -98.68 3.18 108.11
CA ILE C 266 -99.79 2.72 107.27
C ILE C 266 -100.35 3.96 106.56
N VAL C 267 -99.88 4.20 105.35
CA VAL C 267 -100.35 5.36 104.58
C VAL C 267 -101.61 4.95 103.83
N GLN C 268 -102.31 5.94 103.29
CA GLN C 268 -103.53 5.66 102.56
C GLN C 268 -103.84 6.84 101.66
N LEU C 269 -103.36 6.78 100.43
CA LEU C 269 -103.55 7.83 99.45
C LEU C 269 -105.01 8.00 99.02
N PRO C 270 -105.39 9.24 98.68
CA PRO C 270 -106.76 9.49 98.26
C PRO C 270 -106.95 8.93 96.86
N HIS C 271 -108.18 8.56 96.55
CA HIS C 271 -108.51 8.01 95.23
C HIS C 271 -109.53 8.94 94.61
N ARG C 272 -109.92 8.64 93.38
CA ARG C 272 -110.95 9.41 92.70
C ARG C 272 -111.49 8.56 91.54
N ILE C 273 -112.48 9.08 90.81
CA ILE C 273 -113.04 8.31 89.70
C ILE C 273 -112.89 9.01 88.37
N GLU C 274 -112.03 8.49 87.51
CA GLU C 274 -111.86 9.09 86.19
C GLU C 274 -112.99 8.56 85.30
N PHE C 275 -113.78 9.49 84.74
CA PHE C 275 -114.91 9.15 83.87
C PHE C 275 -114.59 9.35 82.40
N ARG C 276 -114.86 8.34 81.59
CA ARG C 276 -114.64 8.42 80.14
C ARG C 276 -116.01 8.23 79.46
N GLN C 277 -116.04 7.41 78.40
CA GLN C 277 -117.27 7.13 77.64
C GLN C 277 -117.97 5.82 77.99
N SER C 278 -117.28 4.91 78.67
CA SER C 278 -117.91 3.64 78.98
C SER C 278 -119.15 3.80 79.83
N THR C 279 -119.30 4.95 80.46
CA THR C 279 -120.48 5.19 81.28
C THR C 279 -121.21 6.46 80.86
N LYS C 280 -122.40 6.63 81.42
CA LYS C 280 -123.26 7.78 81.14
C LYS C 280 -123.55 8.56 82.43
N LYS D 6 -73.56 -27.16 91.65
CA LYS D 6 -74.71 -27.26 92.60
C LYS D 6 -75.08 -25.91 93.21
N LYS D 7 -74.24 -24.90 92.98
CA LYS D 7 -74.51 -23.55 93.50
C LYS D 7 -75.62 -22.98 92.62
N THR D 8 -76.63 -22.38 93.26
CA THR D 8 -77.75 -21.83 92.51
C THR D 8 -77.30 -20.84 91.43
N THR D 9 -77.95 -20.88 90.28
CA THR D 9 -77.61 -19.94 89.22
C THR D 9 -78.71 -18.90 89.11
N THR D 10 -78.31 -17.68 88.86
CA THR D 10 -79.28 -16.61 88.73
C THR D 10 -78.87 -15.79 87.53
N VAL D 11 -79.79 -15.63 86.60
CA VAL D 11 -79.51 -14.84 85.41
C VAL D 11 -80.33 -13.57 85.51
N GLY D 12 -79.74 -12.46 85.10
CA GLY D 12 -80.48 -11.22 85.15
C GLY D 12 -80.90 -10.86 83.74
N VAL D 13 -82.08 -10.30 83.59
CA VAL D 13 -82.54 -9.90 82.27
C VAL D 13 -82.74 -8.38 82.29
N ILE D 14 -82.30 -7.73 81.22
CA ILE D 14 -82.41 -6.29 81.11
C ILE D 14 -83.41 -5.89 80.05
N ILE D 15 -84.56 -5.36 80.48
CA ILE D 15 -85.57 -4.88 79.53
C ILE D 15 -85.45 -3.36 79.57
N PRO D 16 -85.62 -2.70 78.43
CA PRO D 16 -85.51 -1.25 78.38
C PRO D 16 -86.67 -0.46 78.94
N ASP D 17 -87.87 -1.06 78.95
CA ASP D 17 -89.05 -0.37 79.44
C ASP D 17 -90.13 -1.34 79.92
N ILE D 18 -90.14 -1.56 81.24
CA ILE D 18 -91.08 -2.47 81.86
C ILE D 18 -92.55 -2.14 81.55
N SER D 19 -92.81 -0.94 81.07
CA SER D 19 -94.17 -0.54 80.73
C SER D 19 -94.60 -1.06 79.37
N ASN D 20 -93.63 -1.39 78.53
CA ASN D 20 -93.94 -1.90 77.19
C ASN D 20 -94.40 -3.36 77.26
N ILE D 21 -95.58 -3.63 76.72
CA ILE D 21 -96.11 -4.98 76.76
C ILE D 21 -95.19 -6.03 76.17
N PHE D 22 -94.55 -5.73 75.04
CA PHE D 22 -93.68 -6.70 74.42
C PHE D 22 -92.51 -7.16 75.32
N TYR D 23 -91.72 -6.21 75.81
CA TYR D 23 -90.60 -6.56 76.67
C TYR D 23 -91.04 -7.28 77.94
N ALA D 24 -92.20 -6.91 78.47
CA ALA D 24 -92.71 -7.56 79.68
C ALA D 24 -93.10 -8.97 79.32
N GLU D 25 -93.89 -9.10 78.28
CA GLU D 25 -94.33 -10.40 77.83
C GLU D 25 -93.10 -11.27 77.56
N LEU D 26 -92.12 -10.73 76.87
CA LEU D 26 -90.93 -11.51 76.61
C LEU D 26 -90.32 -11.92 77.95
N ALA D 27 -89.95 -10.95 78.78
CA ALA D 27 -89.37 -11.22 80.10
C ALA D 27 -90.13 -12.32 80.82
N ARG D 28 -91.45 -12.19 80.83
CA ARG D 28 -92.34 -13.16 81.45
C ARG D 28 -92.00 -14.59 80.99
N GLY D 29 -91.86 -14.75 79.68
CA GLY D 29 -91.52 -16.05 79.13
C GLY D 29 -90.13 -16.50 79.55
N ILE D 30 -89.23 -15.54 79.69
CA ILE D 30 -87.86 -15.82 80.10
C ILE D 30 -87.83 -16.47 81.48
N GLU D 31 -88.56 -15.91 82.43
CA GLU D 31 -88.57 -16.45 83.78
C GLU D 31 -89.27 -17.79 83.88
N ASP D 32 -90.18 -18.08 82.96
CA ASP D 32 -90.86 -19.37 82.95
C ASP D 32 -89.80 -20.39 82.54
N ILE D 33 -89.00 -20.03 81.52
CA ILE D 33 -87.94 -20.90 81.07
C ILE D 33 -87.01 -21.13 82.27
N ALA D 34 -86.63 -20.04 82.91
CA ALA D 34 -85.74 -20.08 84.06
C ALA D 34 -86.11 -21.11 85.13
N THR D 35 -87.40 -21.25 85.43
CA THR D 35 -87.79 -22.21 86.44
C THR D 35 -87.64 -23.65 85.95
N MET D 36 -87.77 -23.85 84.64
CA MET D 36 -87.61 -25.17 84.06
C MET D 36 -86.11 -25.52 84.18
N TYR D 37 -85.29 -24.48 84.27
CA TYR D 37 -83.84 -24.62 84.38
C TYR D 37 -83.37 -24.37 85.79
N LYS D 38 -84.32 -24.13 86.70
CA LYS D 38 -84.04 -23.84 88.11
C LYS D 38 -83.14 -22.64 88.35
N TYR D 39 -83.15 -21.68 87.42
CA TYR D 39 -82.35 -20.46 87.58
C TYR D 39 -83.22 -19.40 88.23
N ASN D 40 -82.57 -18.43 88.86
CA ASN D 40 -83.29 -17.32 89.47
C ASN D 40 -83.23 -16.14 88.53
N ILE D 41 -84.26 -15.32 88.56
CA ILE D 41 -84.28 -14.19 87.65
C ILE D 41 -84.40 -12.80 88.29
N ILE D 42 -83.71 -11.86 87.66
CA ILE D 42 -83.68 -10.47 88.09
C ILE D 42 -83.90 -9.56 86.89
N LEU D 43 -84.98 -8.78 86.93
CA LEU D 43 -85.28 -7.82 85.87
C LEU D 43 -84.88 -6.41 86.29
N SER D 44 -84.25 -5.67 85.38
CA SER D 44 -83.88 -4.32 85.70
C SER D 44 -84.24 -3.42 84.52
N ASN D 45 -84.64 -2.19 84.83
CA ASN D 45 -85.01 -1.21 83.82
C ASN D 45 -83.77 -0.41 83.43
N SER D 46 -83.64 -0.06 82.16
CA SER D 46 -82.51 0.72 81.68
C SER D 46 -83.02 2.04 81.07
N ASP D 47 -84.35 2.12 80.92
CA ASP D 47 -85.04 3.28 80.35
C ASP D 47 -84.55 3.64 78.97
N GLN D 48 -84.03 2.65 78.25
CA GLN D 48 -83.54 2.88 76.89
C GLN D 48 -82.40 3.90 76.95
N ASN D 49 -81.62 3.85 78.02
CA ASN D 49 -80.51 4.77 78.23
C ASN D 49 -79.14 4.06 78.06
N GLN D 50 -78.37 4.52 77.10
CA GLN D 50 -77.06 3.93 76.82
C GLN D 50 -76.18 3.80 78.07
N ASP D 51 -76.30 4.73 79.00
CA ASP D 51 -75.50 4.66 80.21
C ASP D 51 -76.03 3.63 81.20
N LYS D 52 -77.35 3.55 81.34
CA LYS D 52 -77.99 2.59 82.26
C LYS D 52 -77.79 1.14 81.82
N GLU D 53 -77.99 0.88 80.54
CA GLU D 53 -77.83 -0.46 79.98
C GLU D 53 -76.40 -0.89 80.27
N LEU D 54 -75.51 0.07 80.09
CA LEU D 54 -74.09 -0.11 80.28
C LEU D 54 -73.78 -0.21 81.78
N HIS D 55 -74.46 0.62 82.58
CA HIS D 55 -74.27 0.62 84.02
C HIS D 55 -74.70 -0.75 84.50
N LEU D 56 -75.92 -1.11 84.14
CA LEU D 56 -76.52 -2.40 84.50
C LEU D 56 -75.66 -3.58 84.07
N LEU D 57 -75.12 -3.53 82.85
CA LEU D 57 -74.30 -4.63 82.34
C LEU D 57 -72.98 -4.76 83.10
N ASN D 58 -72.64 -3.74 83.85
CA ASN D 58 -71.42 -3.80 84.64
C ASN D 58 -71.80 -3.89 86.15
N ASN D 59 -73.03 -3.45 86.47
CA ASN D 59 -73.50 -3.41 87.85
C ASN D 59 -74.23 -4.71 88.16
N MET D 60 -74.68 -5.42 87.12
CA MET D 60 -75.41 -6.72 87.27
C MET D 60 -74.58 -7.92 87.76
N LEU D 61 -73.50 -8.15 87.03
CA LEU D 61 -72.52 -9.18 87.35
C LEU D 61 -72.12 -8.84 88.79
N GLY D 62 -72.06 -7.54 89.07
CA GLY D 62 -71.73 -7.09 90.40
C GLY D 62 -72.78 -7.59 91.39
N LYS D 63 -74.06 -7.21 91.20
CA LYS D 63 -75.13 -7.66 92.11
C LYS D 63 -75.41 -9.15 91.93
N GLN D 64 -74.34 -9.84 91.53
CA GLN D 64 -74.30 -11.29 91.35
C GLN D 64 -75.26 -11.94 90.38
N VAL D 65 -74.77 -12.20 89.17
CA VAL D 65 -75.53 -12.91 88.15
C VAL D 65 -74.51 -13.70 87.38
N ASP D 66 -74.92 -14.88 86.90
CA ASP D 66 -74.03 -15.74 86.14
C ASP D 66 -74.15 -15.44 84.65
N GLY D 67 -75.27 -14.83 84.25
CA GLY D 67 -75.50 -14.51 82.86
C GLY D 67 -76.57 -13.45 82.60
N ILE D 68 -76.64 -12.97 81.36
CA ILE D 68 -77.61 -11.93 81.05
C ILE D 68 -78.24 -11.99 79.67
N ILE D 69 -79.57 -11.92 79.66
CA ILE D 69 -80.31 -11.84 78.41
C ILE D 69 -80.59 -10.32 78.33
N PHE D 70 -80.05 -9.68 77.29
CA PHE D 70 -80.18 -8.25 77.14
C PHE D 70 -81.14 -7.91 76.01
N MET D 71 -82.02 -6.94 76.27
CA MET D 71 -82.97 -6.47 75.30
C MET D 71 -82.76 -4.97 75.25
N SER D 72 -82.60 -4.40 74.05
CA SER D 72 -82.34 -2.97 73.98
C SER D 72 -83.21 -2.11 73.07
N GLY D 73 -83.09 -2.31 71.77
CA GLY D 73 -83.86 -1.47 70.87
C GLY D 73 -82.85 -0.62 70.14
N ASN D 74 -81.64 -0.61 70.67
CA ASN D 74 -80.53 0.11 70.04
C ASN D 74 -79.17 -0.32 70.62
N VAL D 75 -78.63 -1.42 70.12
CA VAL D 75 -77.35 -1.92 70.59
C VAL D 75 -76.26 -1.36 69.70
N THR D 76 -75.72 -0.23 70.12
CA THR D 76 -74.68 0.47 69.39
C THR D 76 -73.29 -0.17 69.41
N GLU D 77 -72.41 0.40 68.59
CA GLU D 77 -71.01 -0.01 68.45
C GLU D 77 -70.33 0.05 69.81
N GLU D 78 -70.68 1.06 70.59
CA GLU D 78 -70.11 1.23 71.91
C GLU D 78 -70.60 0.04 72.72
N HIS D 79 -71.91 -0.19 72.67
CA HIS D 79 -72.53 -1.30 73.37
C HIS D 79 -71.79 -2.62 73.17
N VAL D 80 -71.81 -3.12 71.93
CA VAL D 80 -71.17 -4.39 71.58
C VAL D 80 -69.71 -4.52 72.02
N GLU D 81 -68.92 -3.48 71.75
CA GLU D 81 -67.52 -3.49 72.14
C GLU D 81 -67.39 -3.56 73.66
N GLU D 82 -68.36 -3.00 74.36
CA GLU D 82 -68.36 -3.02 75.81
C GLU D 82 -68.92 -4.35 76.26
N LEU D 83 -69.93 -4.80 75.54
CA LEU D 83 -70.61 -6.06 75.81
C LEU D 83 -69.64 -7.24 75.94
N LYS D 84 -68.71 -7.38 74.97
CA LYS D 84 -67.73 -8.46 74.99
C LYS D 84 -66.92 -8.44 76.30
N LYS D 85 -66.38 -7.27 76.62
CA LYS D 85 -65.56 -7.05 77.82
C LYS D 85 -66.27 -7.51 79.09
N SER D 86 -67.59 -7.66 79.03
CA SER D 86 -68.33 -8.09 80.19
C SER D 86 -67.88 -9.45 80.69
N PRO D 87 -67.83 -9.62 82.01
CA PRO D 87 -67.43 -10.85 82.70
C PRO D 87 -68.36 -12.00 82.31
N VAL D 88 -69.56 -11.95 82.86
CA VAL D 88 -70.57 -12.96 82.63
C VAL D 88 -71.08 -12.95 81.19
N PRO D 89 -71.45 -14.12 80.65
CA PRO D 89 -71.95 -14.20 79.28
C PRO D 89 -73.24 -13.38 79.10
N VAL D 90 -73.35 -12.76 77.93
CA VAL D 90 -74.51 -11.94 77.62
C VAL D 90 -75.01 -12.28 76.21
N VAL D 91 -76.30 -12.56 76.09
CA VAL D 91 -76.89 -12.85 74.80
C VAL D 91 -78.16 -11.98 74.64
N LEU D 92 -78.32 -11.36 73.48
CA LEU D 92 -79.48 -10.50 73.23
C LEU D 92 -80.73 -11.29 72.85
N ALA D 93 -81.89 -10.66 73.01
CA ALA D 93 -83.15 -11.32 72.67
C ALA D 93 -84.13 -10.36 72.03
N ALA D 94 -84.47 -10.61 70.76
CA ALA D 94 -85.43 -9.75 70.06
C ALA D 94 -84.92 -8.33 69.89
N SER D 95 -83.61 -8.21 69.79
CA SER D 95 -82.94 -6.92 69.59
C SER D 95 -81.70 -7.22 68.75
N ILE D 96 -81.43 -6.39 67.75
CA ILE D 96 -80.30 -6.64 66.85
C ILE D 96 -79.07 -5.76 66.97
N GLU D 97 -77.98 -6.21 66.36
CA GLU D 97 -76.73 -5.47 66.36
C GLU D 97 -75.96 -5.73 65.04
N SER D 98 -75.57 -4.66 64.35
CA SER D 98 -74.90 -4.75 63.06
C SER D 98 -73.68 -5.68 62.93
N THR D 99 -72.72 -5.56 63.83
CA THR D 99 -71.52 -6.35 63.75
C THR D 99 -71.78 -7.85 63.91
N ASN D 100 -72.97 -8.19 64.42
CA ASN D 100 -73.43 -9.56 64.72
C ASN D 100 -72.33 -10.46 65.29
N GLN D 101 -71.66 -9.92 66.30
CA GLN D 101 -70.59 -10.56 67.02
C GLN D 101 -71.11 -11.14 68.31
N ILE D 102 -72.11 -10.50 68.90
CA ILE D 102 -72.68 -10.97 70.16
C ILE D 102 -73.91 -11.88 69.95
N PRO D 103 -74.04 -12.96 70.76
CA PRO D 103 -75.13 -13.94 70.69
C PRO D 103 -76.50 -13.27 70.70
N SER D 104 -77.33 -13.56 69.71
CA SER D 104 -78.65 -12.94 69.65
C SER D 104 -79.70 -13.78 68.96
N VAL D 105 -80.74 -14.16 69.69
CA VAL D 105 -81.83 -14.90 69.11
C VAL D 105 -82.90 -13.88 68.74
N THR D 106 -83.22 -13.85 67.45
CA THR D 106 -84.14 -12.90 66.85
C THR D 106 -84.94 -13.59 65.73
N ILE D 107 -85.64 -12.78 64.93
CA ILE D 107 -86.36 -13.29 63.77
C ILE D 107 -85.87 -12.36 62.64
N ASP D 108 -86.34 -12.58 61.42
CA ASP D 108 -85.94 -11.75 60.29
C ASP D 108 -86.89 -10.56 60.13
N TYR D 109 -86.71 -9.58 61.02
CA TYR D 109 -87.50 -8.36 61.05
C TYR D 109 -87.78 -7.76 59.68
N GLU D 110 -86.77 -7.72 58.84
CA GLU D 110 -86.92 -7.18 57.49
C GLU D 110 -87.91 -8.04 56.70
N GLN D 111 -87.69 -9.36 56.71
CA GLN D 111 -88.57 -10.25 55.97
C GLN D 111 -89.98 -10.14 56.52
N ALA D 112 -90.08 -10.21 57.85
CA ALA D 112 -91.38 -10.11 58.49
C ALA D 112 -92.05 -8.84 57.98
N ALA D 113 -91.41 -7.71 58.16
CA ALA D 113 -91.96 -6.43 57.68
C ALA D 113 -92.44 -6.57 56.24
N PHE D 114 -91.64 -7.26 55.43
CA PHE D 114 -91.94 -7.46 54.01
C PHE D 114 -93.18 -8.32 53.78
N ASP D 115 -93.20 -9.52 54.37
CA ASP D 115 -94.32 -10.42 54.19
C ASP D 115 -95.61 -9.74 54.60
N ALA D 116 -95.56 -8.91 55.64
CA ALA D 116 -96.74 -8.20 56.14
C ALA D 116 -97.34 -7.28 55.07
N VAL D 117 -96.57 -6.33 54.60
CA VAL D 117 -97.06 -5.42 53.57
C VAL D 117 -97.45 -6.19 52.31
N GLN D 118 -96.66 -7.20 51.96
CA GLN D 118 -96.95 -8.02 50.79
C GLN D 118 -98.36 -8.58 50.95
N SER D 119 -98.67 -8.99 52.18
CA SER D 119 -99.97 -9.53 52.51
C SER D 119 -101.03 -8.51 52.11
N LEU D 120 -100.69 -7.24 52.24
CA LEU D 120 -101.62 -6.18 51.91
C LEU D 120 -101.76 -6.00 50.40
N ILE D 121 -100.63 -6.02 49.69
CA ILE D 121 -100.63 -5.86 48.25
C ILE D 121 -101.43 -6.96 47.58
N ASP D 122 -101.18 -8.19 48.01
CA ASP D 122 -101.85 -9.36 47.46
C ASP D 122 -103.36 -9.29 47.66
N SER D 123 -103.80 -8.40 48.54
CA SER D 123 -105.22 -8.28 48.80
C SER D 123 -105.82 -7.10 48.02
N GLY D 124 -105.01 -6.46 47.19
CA GLY D 124 -105.50 -5.34 46.41
C GLY D 124 -105.45 -3.98 47.10
N HIS D 125 -104.26 -3.59 47.55
CA HIS D 125 -104.06 -2.29 48.21
C HIS D 125 -102.90 -1.64 47.46
N LYS D 126 -103.01 -0.35 47.20
CA LYS D 126 -101.96 0.37 46.47
C LYS D 126 -101.29 1.39 47.38
N ASN D 127 -102.12 2.04 48.18
CA ASN D 127 -101.64 3.05 49.09
C ASN D 127 -101.45 2.50 50.49
N ILE D 128 -100.32 1.87 50.76
CA ILE D 128 -100.08 1.34 52.09
C ILE D 128 -99.03 2.11 52.89
N ALA D 129 -99.43 2.58 54.07
CA ALA D 129 -98.55 3.34 54.94
C ALA D 129 -97.79 2.47 55.92
N PHE D 130 -96.97 3.10 56.75
CA PHE D 130 -96.17 2.41 57.76
C PHE D 130 -95.94 3.27 59.01
N VAL D 131 -96.48 2.84 60.14
CA VAL D 131 -96.26 3.56 61.38
C VAL D 131 -95.14 2.80 62.10
N SER D 132 -93.95 3.39 62.10
CA SER D 132 -92.77 2.78 62.70
C SER D 132 -92.42 3.28 64.09
N GLY D 133 -91.53 2.56 64.76
CA GLY D 133 -91.10 2.99 66.06
C GLY D 133 -90.09 4.08 65.78
N THR D 134 -89.37 4.58 66.77
CA THR D 134 -88.41 5.64 66.50
C THR D 134 -87.43 5.19 65.42
N LEU D 135 -87.27 6.02 64.40
CA LEU D 135 -86.40 5.70 63.27
C LEU D 135 -84.90 5.64 63.52
N GLU D 136 -84.42 6.10 64.66
CA GLU D 136 -82.99 6.03 64.90
C GLU D 136 -82.59 4.66 65.42
N GLU D 137 -83.58 3.81 65.70
CA GLU D 137 -83.29 2.46 66.17
C GLU D 137 -82.98 1.60 64.96
N PRO D 138 -81.78 0.97 64.94
CA PRO D 138 -81.39 0.13 63.82
C PRO D 138 -82.52 -0.78 63.33
N ILE D 139 -83.21 -1.43 64.26
CA ILE D 139 -84.32 -2.32 63.93
C ILE D 139 -85.35 -1.69 62.98
N ASN D 140 -85.67 -0.43 63.24
CA ASN D 140 -86.65 0.30 62.44
C ASN D 140 -86.05 0.79 61.11
N HIS D 141 -85.07 1.69 61.16
CA HIS D 141 -84.50 2.19 59.90
C HIS D 141 -83.76 1.16 59.07
N ALA D 142 -83.07 0.22 59.73
CA ALA D 142 -82.30 -0.76 58.97
C ALA D 142 -83.03 -2.03 58.58
N LYS D 143 -84.11 -2.36 59.27
CA LYS D 143 -84.80 -3.60 58.91
C LYS D 143 -86.27 -3.45 58.56
N LYS D 144 -87.08 -2.95 59.49
CA LYS D 144 -88.49 -2.81 59.21
C LYS D 144 -88.83 -1.90 58.03
N VAL D 145 -88.45 -0.63 58.08
CA VAL D 145 -88.77 0.25 56.96
C VAL D 145 -88.23 -0.32 55.65
N LYS D 146 -86.99 -0.78 55.67
CA LYS D 146 -86.38 -1.37 54.48
C LYS D 146 -87.23 -2.55 53.99
N GLY D 147 -87.86 -3.25 54.93
CA GLY D 147 -88.69 -4.38 54.56
C GLY D 147 -90.01 -3.91 54.00
N TYR D 148 -90.43 -2.72 54.42
CA TYR D 148 -91.67 -2.13 53.94
C TYR D 148 -91.38 -1.57 52.55
N LYS D 149 -90.29 -0.84 52.44
CA LYS D 149 -89.91 -0.24 51.16
C LYS D 149 -89.70 -1.31 50.09
N ARG D 150 -89.10 -2.43 50.45
CA ARG D 150 -88.89 -3.50 49.47
C ARG D 150 -90.22 -4.06 48.97
N ALA D 151 -91.04 -4.59 49.87
CA ALA D 151 -92.31 -5.15 49.45
C ALA D 151 -93.09 -4.18 48.59
N LEU D 152 -92.96 -2.89 48.89
CA LEU D 152 -93.68 -1.86 48.16
C LEU D 152 -93.11 -1.63 46.76
N THR D 153 -91.80 -1.42 46.64
CA THR D 153 -91.22 -1.19 45.32
C THR D 153 -91.23 -2.39 44.37
N GLU D 154 -90.92 -3.58 44.89
CA GLU D 154 -90.89 -4.77 44.04
C GLU D 154 -92.20 -4.95 43.29
N SER D 155 -93.31 -4.58 43.92
CA SER D 155 -94.62 -4.71 43.30
C SER D 155 -94.88 -3.43 42.48
N GLY D 156 -93.79 -2.76 42.12
CA GLY D 156 -93.87 -1.54 41.33
C GLY D 156 -94.36 -0.27 42.02
N LEU D 157 -95.10 -0.43 43.11
CA LEU D 157 -95.64 0.69 43.86
C LEU D 157 -94.58 1.76 44.16
N PRO D 158 -95.02 3.01 44.39
CA PRO D 158 -94.10 4.10 44.70
C PRO D 158 -94.00 4.33 46.20
N VAL D 159 -92.80 4.63 46.68
CA VAL D 159 -92.60 4.87 48.10
C VAL D 159 -92.82 6.34 48.46
N ARG D 160 -93.69 6.59 49.43
CA ARG D 160 -93.98 7.95 49.88
C ARG D 160 -93.50 8.22 51.32
N ASP D 161 -92.55 9.13 51.48
CA ASP D 161 -92.02 9.49 52.80
C ASP D 161 -93.16 9.91 53.70
N SER D 162 -94.16 10.53 53.09
CA SER D 162 -95.33 10.99 53.81
C SER D 162 -96.14 9.84 54.37
N TYR D 163 -95.87 8.64 53.86
CA TYR D 163 -96.58 7.42 54.27
C TYR D 163 -95.88 6.72 55.40
N ILE D 164 -94.66 7.16 55.70
CA ILE D 164 -93.86 6.60 56.79
C ILE D 164 -93.91 7.57 57.96
N VAL D 165 -94.81 7.33 58.90
CA VAL D 165 -94.93 8.20 60.07
C VAL D 165 -94.33 7.55 61.31
N GLU D 166 -93.61 8.34 62.10
CA GLU D 166 -92.94 7.88 63.32
C GLU D 166 -93.73 8.02 64.62
N GLY D 167 -93.82 6.93 65.36
CA GLY D 167 -94.49 6.95 66.64
C GLY D 167 -93.40 6.83 67.68
N ASP D 168 -93.76 6.63 68.94
CA ASP D 168 -92.75 6.48 69.98
C ASP D 168 -93.12 5.24 70.80
N TYR D 169 -93.71 4.28 70.10
CA TYR D 169 -94.14 3.01 70.65
C TYR D 169 -95.34 3.11 71.56
N THR D 170 -95.88 4.31 71.71
CA THR D 170 -97.04 4.47 72.58
C THR D 170 -98.36 4.35 71.85
N TYR D 171 -99.39 3.99 72.61
CA TYR D 171 -100.71 3.88 72.07
C TYR D 171 -101.07 5.23 71.48
N ASP D 172 -100.84 6.29 72.25
CA ASP D 172 -101.17 7.64 71.79
C ASP D 172 -100.37 8.07 70.56
N SER D 173 -99.10 7.68 70.49
CA SER D 173 -98.33 8.03 69.31
C SER D 173 -98.98 7.35 68.11
N GLY D 174 -99.87 6.41 68.38
CA GLY D 174 -100.58 5.67 67.33
C GLY D 174 -101.79 6.40 66.79
N ILE D 175 -102.60 6.97 67.66
CA ILE D 175 -103.74 7.72 67.18
C ILE D 175 -103.14 8.87 66.37
N GLU D 176 -102.11 9.51 66.92
CA GLU D 176 -101.45 10.61 66.25
C GLU D 176 -100.84 10.28 64.91
N ALA D 177 -100.61 8.99 64.66
CA ALA D 177 -100.02 8.60 63.39
C ALA D 177 -101.10 8.43 62.33
N VAL D 178 -102.29 7.99 62.73
CA VAL D 178 -103.37 7.83 61.76
C VAL D 178 -104.00 9.19 61.49
N GLU D 179 -104.15 10.02 62.52
CA GLU D 179 -104.74 11.35 62.34
C GLU D 179 -103.95 12.09 61.29
N LYS D 180 -102.64 11.92 61.30
CA LYS D 180 -101.78 12.58 60.33
C LYS D 180 -101.87 11.94 58.93
N LEU D 181 -102.22 10.66 58.89
CA LEU D 181 -102.32 9.97 57.60
C LEU D 181 -103.74 10.08 57.05
N LEU D 182 -104.72 10.20 57.93
CA LEU D 182 -106.10 10.34 57.51
C LEU D 182 -106.31 11.77 57.02
N GLU D 183 -105.20 12.42 56.67
CA GLU D 183 -105.25 13.79 56.19
C GLU D 183 -104.20 14.04 55.12
N GLU D 184 -103.68 12.96 54.55
CA GLU D 184 -102.72 13.07 53.47
C GLU D 184 -103.65 13.25 52.28
N ASP D 185 -103.09 13.54 51.10
CA ASP D 185 -103.94 13.72 49.93
C ASP D 185 -104.66 12.41 49.63
N GLU D 186 -103.86 11.37 49.46
CA GLU D 186 -104.40 10.04 49.20
C GLU D 186 -104.31 9.28 50.53
N LYS D 187 -105.43 9.20 51.22
CA LYS D 187 -105.49 8.48 52.48
C LYS D 187 -105.20 7.02 52.16
N PRO D 188 -104.27 6.41 52.91
CA PRO D 188 -103.92 5.00 52.69
C PRO D 188 -105.09 4.08 52.95
N THR D 189 -105.07 2.93 52.28
CA THR D 189 -106.12 1.95 52.47
C THR D 189 -105.66 0.93 53.50
N ALA D 190 -104.35 0.89 53.76
CA ALA D 190 -103.83 -0.04 54.74
C ALA D 190 -102.60 0.50 55.46
N ILE D 191 -102.53 0.22 56.75
CA ILE D 191 -101.40 0.64 57.55
C ILE D 191 -100.68 -0.58 58.11
N PHE D 192 -99.36 -0.53 58.08
CA PHE D 192 -98.54 -1.60 58.66
C PHE D 192 -97.90 -0.87 59.83
N VAL D 193 -98.23 -1.32 61.04
CA VAL D 193 -97.71 -0.71 62.25
C VAL D 193 -96.66 -1.63 62.84
N GLY D 194 -95.49 -1.08 63.13
CA GLY D 194 -94.40 -1.87 63.67
C GLY D 194 -94.53 -2.39 65.09
N THR D 195 -95.64 -2.09 65.73
CA THR D 195 -95.84 -2.53 67.11
C THR D 195 -97.31 -2.65 67.44
N ASP D 196 -97.67 -3.71 68.15
CA ASP D 196 -99.06 -3.92 68.56
C ASP D 196 -99.63 -2.72 69.31
N GLU D 197 -98.89 -2.20 70.29
CA GLU D 197 -99.38 -1.08 71.07
C GLU D 197 -99.67 0.13 70.19
N MET D 198 -98.85 0.33 69.17
CA MET D 198 -99.09 1.45 68.27
C MET D 198 -100.24 1.11 67.33
N ALA D 199 -100.28 -0.14 66.87
CA ALA D 199 -101.34 -0.63 65.99
C ALA D 199 -102.72 -0.39 66.59
N LEU D 200 -102.86 -0.60 67.89
CA LEU D 200 -104.16 -0.39 68.52
C LEU D 200 -104.48 1.10 68.46
N GLY D 201 -103.44 1.92 68.60
CA GLY D 201 -103.64 3.37 68.54
C GLY D 201 -104.05 3.73 67.12
N VAL D 202 -103.61 2.94 66.16
CA VAL D 202 -103.95 3.17 64.77
C VAL D 202 -105.38 2.73 64.49
N ILE D 203 -105.83 1.69 65.18
CA ILE D 203 -107.19 1.19 64.98
C ILE D 203 -108.23 2.08 65.63
N HIS D 204 -107.96 2.56 66.84
CA HIS D 204 -108.91 3.42 67.50
C HIS D 204 -108.91 4.80 66.84
N GLY D 205 -107.73 5.35 66.61
CA GLY D 205 -107.63 6.64 65.97
C GLY D 205 -108.36 6.67 64.64
N ALA D 206 -108.20 5.59 63.88
CA ALA D 206 -108.84 5.46 62.58
C ALA D 206 -110.37 5.34 62.70
N GLN D 207 -110.84 4.53 63.64
CA GLN D 207 -112.27 4.38 63.78
C GLN D 207 -112.91 5.54 64.53
N ASP D 208 -112.07 6.33 65.22
CA ASP D 208 -112.59 7.49 65.96
C ASP D 208 -113.11 8.49 64.93
N ARG D 209 -112.51 8.44 63.76
CA ARG D 209 -112.85 9.32 62.66
C ARG D 209 -114.02 8.76 61.86
N GLY D 210 -114.64 7.71 62.37
CA GLY D 210 -115.77 7.11 61.68
C GLY D 210 -115.38 5.96 60.77
N LEU D 211 -114.17 6.02 60.25
CA LEU D 211 -113.64 4.98 59.36
C LEU D 211 -113.81 3.59 59.99
N ASN D 212 -113.97 2.56 59.15
CA ASN D 212 -114.15 1.20 59.65
C ASN D 212 -113.03 0.23 59.29
N VAL D 213 -112.62 -0.56 60.28
CA VAL D 213 -111.58 -1.57 60.06
C VAL D 213 -112.25 -2.96 60.11
N PRO D 214 -111.91 -3.84 59.15
CA PRO D 214 -110.97 -3.65 58.04
C PRO D 214 -111.57 -3.24 56.71
N ASN D 215 -112.88 -3.05 56.66
CA ASN D 215 -113.50 -2.68 55.40
C ASN D 215 -112.94 -1.39 54.81
N ASP D 216 -112.97 -0.31 55.57
CA ASP D 216 -112.46 0.95 55.06
C ASP D 216 -110.97 1.16 55.24
N LEU D 217 -110.32 0.36 56.07
CA LEU D 217 -108.89 0.53 56.32
C LEU D 217 -108.35 -0.72 56.99
N GLU D 218 -107.42 -1.40 56.33
CA GLU D 218 -106.86 -2.61 56.88
C GLU D 218 -105.54 -2.31 57.55
N ILE D 219 -105.36 -2.88 58.73
CA ILE D 219 -104.16 -2.70 59.55
C ILE D 219 -103.48 -4.02 59.97
N ILE D 220 -102.16 -4.04 59.99
CA ILE D 220 -101.41 -5.23 60.42
C ILE D 220 -100.38 -4.81 61.45
N GLY D 221 -100.41 -5.47 62.61
CA GLY D 221 -99.48 -5.14 63.68
C GLY D 221 -98.21 -5.97 63.69
N PHE D 222 -97.49 -5.96 64.82
CA PHE D 222 -96.24 -6.70 64.90
C PHE D 222 -95.93 -7.07 66.35
N ASP D 223 -95.51 -8.32 66.54
CA ASP D 223 -95.15 -8.94 67.83
C ASP D 223 -96.13 -10.05 68.21
N ASN D 224 -97.41 -9.80 67.95
CA ASN D 224 -98.48 -10.73 68.30
C ASN D 224 -98.49 -10.87 69.82
N THR D 225 -98.47 -9.73 70.49
CA THR D 225 -98.50 -9.69 71.94
C THR D 225 -99.90 -10.11 72.33
N ARG D 226 -100.17 -10.15 73.63
CA ARG D 226 -101.49 -10.51 74.09
C ARG D 226 -102.48 -9.40 73.70
N LEU D 227 -101.97 -8.19 73.46
CA LEU D 227 -102.83 -7.06 73.07
C LEU D 227 -103.58 -7.29 71.76
N SER D 228 -103.08 -8.21 70.95
CA SER D 228 -103.67 -8.53 69.67
C SER D 228 -105.08 -9.09 69.75
N THR D 229 -105.42 -9.73 70.86
CA THR D 229 -106.76 -10.27 71.01
C THR D 229 -107.53 -9.38 71.97
N MET D 230 -106.91 -8.25 72.30
CA MET D 230 -107.49 -7.27 73.20
C MET D 230 -108.02 -6.02 72.50
N VAL D 231 -108.36 -6.17 71.23
CA VAL D 231 -108.93 -5.08 70.44
C VAL D 231 -110.07 -5.66 69.65
N ARG D 232 -110.82 -4.75 69.02
CA ARG D 232 -111.94 -5.10 68.16
C ARG D 232 -111.87 -4.11 67.01
N PRO D 233 -111.62 -4.60 65.80
CA PRO D 233 -111.38 -6.01 65.44
C PRO D 233 -110.05 -6.55 66.02
N GLN D 234 -109.96 -7.85 66.27
CA GLN D 234 -108.72 -8.41 66.81
C GLN D 234 -107.67 -8.17 65.75
N LEU D 235 -106.49 -7.77 66.20
CA LEU D 235 -105.39 -7.43 65.31
C LEU D 235 -104.63 -8.55 64.60
N THR D 236 -104.35 -8.36 63.31
CA THR D 236 -103.55 -9.31 62.55
C THR D 236 -102.16 -8.79 62.85
N SER D 237 -101.36 -9.59 63.52
CA SER D 237 -100.03 -9.13 63.85
C SER D 237 -99.01 -10.13 63.38
N VAL D 238 -97.78 -9.66 63.20
CA VAL D 238 -96.68 -10.50 62.78
C VAL D 238 -96.20 -11.21 64.04
N VAL D 239 -96.17 -12.54 63.99
CA VAL D 239 -95.77 -13.36 65.12
C VAL D 239 -94.27 -13.39 65.41
N GLN D 240 -93.92 -13.08 66.65
CA GLN D 240 -92.54 -13.16 67.07
C GLN D 240 -92.73 -14.16 68.18
N PRO D 241 -92.20 -15.38 67.99
CA PRO D 241 -92.30 -16.48 68.96
C PRO D 241 -91.54 -16.22 70.25
N MET D 242 -92.10 -15.33 71.07
CA MET D 242 -91.50 -14.93 72.33
C MET D 242 -91.01 -16.07 73.18
N TYR D 243 -91.77 -17.16 73.23
CA TYR D 243 -91.33 -18.29 74.02
C TYR D 243 -90.10 -18.95 73.43
N ASP D 244 -90.16 -19.25 72.13
CA ASP D 244 -89.02 -19.89 71.47
C ASP D 244 -87.76 -19.03 71.67
N ILE D 245 -87.92 -17.70 71.58
CA ILE D 245 -86.79 -16.78 71.77
C ILE D 245 -86.18 -16.88 73.16
N GLY D 246 -87.01 -16.85 74.20
CA GLY D 246 -86.48 -16.98 75.54
C GLY D 246 -85.79 -18.34 75.62
N ALA D 247 -86.52 -19.38 75.20
CA ALA D 247 -86.01 -20.75 75.19
C ALA D 247 -84.61 -20.86 74.58
N VAL D 248 -84.47 -20.37 73.36
CA VAL D 248 -83.20 -20.42 72.65
C VAL D 248 -82.14 -19.51 73.26
N ALA D 249 -82.54 -18.39 73.82
CA ALA D 249 -81.58 -17.49 74.41
C ALA D 249 -81.00 -18.11 75.70
N MET D 250 -81.86 -18.76 76.48
CA MET D 250 -81.40 -19.40 77.71
C MET D 250 -80.46 -20.53 77.35
N ARG D 251 -80.88 -21.34 76.38
CA ARG D 251 -80.07 -22.48 75.91
C ARG D 251 -78.72 -21.91 75.54
N LEU D 252 -78.73 -20.88 74.71
CA LEU D 252 -77.51 -20.25 74.27
C LEU D 252 -76.70 -19.79 75.50
N LEU D 253 -77.37 -19.09 76.42
CA LEU D 253 -76.70 -18.60 77.63
C LEU D 253 -76.13 -19.71 78.49
N THR D 254 -76.88 -20.79 78.64
CA THR D 254 -76.38 -21.87 79.46
C THR D 254 -75.07 -22.40 78.87
N LYS D 255 -75.01 -22.55 77.56
CA LYS D 255 -73.78 -23.05 76.98
C LYS D 255 -72.60 -22.15 77.32
N TYR D 256 -72.80 -20.83 77.25
CA TYR D 256 -71.72 -19.89 77.58
C TYR D 256 -71.37 -19.88 79.06
N MET D 257 -72.37 -20.09 79.90
CA MET D 257 -72.13 -20.14 81.33
C MET D 257 -71.50 -21.50 81.60
N ASN D 258 -71.21 -22.25 80.54
CA ASN D 258 -70.64 -23.58 80.69
C ASN D 258 -69.47 -23.87 79.76
N LYS D 259 -68.91 -22.84 79.18
CA LYS D 259 -67.77 -23.04 78.30
C LYS D 259 -67.99 -24.18 77.30
N GLU D 260 -69.20 -24.29 76.78
CA GLU D 260 -69.50 -25.31 75.78
C GLU D 260 -69.54 -24.56 74.45
N THR D 261 -68.86 -25.07 73.44
CA THR D 261 -68.85 -24.38 72.14
C THR D 261 -70.25 -24.15 71.62
N VAL D 262 -70.36 -23.27 70.63
CA VAL D 262 -71.66 -22.92 70.05
C VAL D 262 -71.62 -22.72 68.54
N ASP D 263 -72.02 -23.74 67.79
CA ASP D 263 -72.03 -23.61 66.33
C ASP D 263 -73.31 -22.95 65.83
N SER D 264 -73.68 -21.84 66.48
CA SER D 264 -74.85 -21.02 66.15
C SER D 264 -74.86 -19.85 67.13
N SER D 265 -74.08 -18.84 66.82
CA SER D 265 -73.98 -17.67 67.67
C SER D 265 -75.25 -16.83 67.58
N ILE D 266 -75.53 -16.32 66.38
CA ILE D 266 -76.72 -15.51 66.19
C ILE D 266 -77.79 -16.31 65.44
N VAL D 267 -78.93 -16.51 66.11
CA VAL D 267 -80.08 -17.29 65.59
C VAL D 267 -81.30 -16.49 65.11
N GLN D 268 -81.90 -16.92 64.00
CA GLN D 268 -83.08 -16.24 63.47
C GLN D 268 -84.27 -17.20 63.36
N LEU D 269 -85.12 -17.21 64.39
CA LEU D 269 -86.28 -18.07 64.39
C LEU D 269 -87.32 -17.68 63.34
N PRO D 270 -88.08 -18.67 62.86
CA PRO D 270 -89.15 -18.48 61.87
C PRO D 270 -90.23 -17.57 62.41
N HIS D 271 -90.86 -16.82 61.51
CA HIS D 271 -91.94 -15.96 61.92
C HIS D 271 -93.14 -16.34 61.09
N ARG D 272 -94.28 -15.74 61.39
CA ARG D 272 -95.50 -16.04 60.67
C ARG D 272 -96.47 -14.89 60.91
N ILE D 273 -97.48 -14.75 60.06
CA ILE D 273 -98.44 -13.71 60.32
C ILE D 273 -99.66 -14.43 60.87
N GLU D 274 -100.13 -13.99 62.02
CA GLU D 274 -101.31 -14.59 62.60
C GLU D 274 -102.43 -13.64 62.12
N PHE D 275 -103.30 -14.11 61.22
CA PHE D 275 -104.37 -13.27 60.69
C PHE D 275 -105.64 -13.32 61.52
N ARG D 276 -106.23 -12.16 61.75
CA ARG D 276 -107.46 -12.05 62.52
C ARG D 276 -108.48 -11.16 61.81
N GLN D 277 -109.17 -10.27 62.53
CA GLN D 277 -110.16 -9.44 61.87
C GLN D 277 -109.76 -8.01 61.46
N SER D 278 -108.59 -7.56 61.87
CA SER D 278 -108.14 -6.22 61.52
C SER D 278 -107.75 -6.21 60.04
N THR D 279 -107.84 -7.38 59.42
CA THR D 279 -107.47 -7.51 58.03
C THR D 279 -108.62 -8.15 57.27
N LYS D 280 -108.64 -7.94 55.95
CA LYS D 280 -109.69 -8.48 55.09
C LYS D 280 -109.61 -10.01 55.05
N THR E 8 103.12 18.12 -77.60
CA THR E 8 101.97 17.71 -78.46
C THR E 8 102.50 17.10 -79.75
N THR E 9 103.81 16.82 -79.78
CA THR E 9 104.43 16.21 -80.95
C THR E 9 104.30 14.68 -80.81
N THR E 10 103.65 14.04 -81.77
CA THR E 10 103.44 12.60 -81.70
C THR E 10 104.39 11.83 -82.62
N VAL E 11 105.20 10.96 -82.02
CA VAL E 11 106.17 10.14 -82.76
C VAL E 11 105.50 8.85 -83.22
N GLY E 12 105.86 8.40 -84.42
CA GLY E 12 105.28 7.17 -84.92
C GLY E 12 106.29 6.06 -85.07
N VAL E 13 105.97 4.88 -84.55
CA VAL E 13 106.90 3.77 -84.66
C VAL E 13 106.34 2.67 -85.55
N ILE E 14 107.22 2.04 -86.31
CA ILE E 14 106.85 0.96 -87.20
C ILE E 14 107.58 -0.27 -86.68
N ILE E 15 106.86 -1.35 -86.45
CA ILE E 15 107.49 -2.55 -85.96
C ILE E 15 107.16 -3.74 -86.85
N PRO E 16 108.15 -4.62 -87.09
CA PRO E 16 108.00 -5.82 -87.93
C PRO E 16 106.77 -6.65 -87.57
N ASP E 17 106.94 -7.56 -86.63
CA ASP E 17 105.85 -8.42 -86.20
C ASP E 17 105.62 -8.32 -84.71
N ILE E 18 104.43 -7.84 -84.32
CA ILE E 18 104.09 -7.68 -82.93
C ILE E 18 104.06 -8.99 -82.15
N SER E 19 104.26 -10.10 -82.86
CA SER E 19 104.26 -11.40 -82.21
C SER E 19 105.67 -11.69 -81.69
N ASN E 20 106.63 -10.85 -82.06
CA ASN E 20 108.02 -11.00 -81.64
C ASN E 20 108.17 -10.33 -80.27
N ILE E 21 108.32 -11.15 -79.23
CA ILE E 21 108.44 -10.60 -77.89
C ILE E 21 109.41 -9.45 -77.76
N PHE E 22 110.53 -9.52 -78.49
CA PHE E 22 111.53 -8.45 -78.42
C PHE E 22 110.98 -7.13 -78.96
N TYR E 23 110.42 -7.16 -80.17
CA TYR E 23 109.87 -5.94 -80.76
C TYR E 23 108.70 -5.40 -79.97
N ALA E 24 108.00 -6.27 -79.27
CA ALA E 24 106.88 -5.83 -78.46
C ALA E 24 107.39 -5.12 -77.21
N GLU E 25 108.46 -5.63 -76.63
CA GLU E 25 108.99 -5.00 -75.42
C GLU E 25 109.74 -3.71 -75.78
N LEU E 26 110.50 -3.75 -76.88
CA LEU E 26 111.24 -2.56 -77.25
C LEU E 26 110.25 -1.45 -77.46
N ALA E 27 109.18 -1.73 -78.19
CA ALA E 27 108.16 -0.72 -78.43
C ALA E 27 107.65 -0.17 -77.10
N ARG E 28 107.36 -1.05 -76.14
CA ARG E 28 106.86 -0.68 -74.82
C ARG E 28 107.87 0.24 -74.15
N GLY E 29 109.15 -0.11 -74.27
CA GLY E 29 110.21 0.72 -73.70
C GLY E 29 110.14 2.11 -74.36
N ILE E 30 109.80 2.13 -75.64
CA ILE E 30 109.67 3.37 -76.36
C ILE E 30 108.49 4.15 -75.79
N GLU E 31 107.47 3.44 -75.32
CA GLU E 31 106.30 4.10 -74.72
C GLU E 31 106.77 4.87 -73.49
N ASP E 32 107.39 4.14 -72.56
CA ASP E 32 107.87 4.71 -71.32
C ASP E 32 108.78 5.90 -71.55
N ILE E 33 109.65 5.80 -72.54
CA ILE E 33 110.56 6.89 -72.83
C ILE E 33 109.78 8.09 -73.41
N ALA E 34 108.79 7.81 -74.24
CA ALA E 34 107.98 8.86 -74.85
C ALA E 34 107.28 9.75 -73.81
N THR E 35 106.67 9.15 -72.80
CA THR E 35 105.99 9.94 -71.78
C THR E 35 106.96 10.91 -71.11
N MET E 36 108.17 10.43 -70.83
CA MET E 36 109.20 11.24 -70.20
C MET E 36 109.58 12.40 -71.11
N TYR E 37 109.29 12.25 -72.40
CA TYR E 37 109.58 13.26 -73.40
C TYR E 37 108.30 13.99 -73.78
N LYS E 38 107.21 13.73 -73.05
CA LYS E 38 105.91 14.34 -73.34
C LYS E 38 105.50 14.20 -74.81
N TYR E 39 105.65 12.98 -75.34
CA TYR E 39 105.27 12.68 -76.72
C TYR E 39 104.20 11.60 -76.67
N ASN E 40 103.29 11.60 -77.64
CA ASN E 40 102.27 10.55 -77.68
C ASN E 40 102.89 9.55 -78.60
N ILE E 41 102.22 8.41 -78.82
CA ILE E 41 102.81 7.41 -79.69
C ILE E 41 101.82 6.69 -80.60
N ILE E 42 101.95 6.95 -81.90
CA ILE E 42 101.10 6.30 -82.90
C ILE E 42 101.98 5.14 -83.34
N LEU E 43 101.44 3.92 -83.32
CA LEU E 43 102.22 2.76 -83.67
C LEU E 43 101.56 1.90 -84.74
N SER E 44 102.34 1.47 -85.72
CA SER E 44 101.85 0.64 -86.83
C SER E 44 102.70 -0.63 -87.04
N ASN E 45 102.00 -1.75 -87.30
CA ASN E 45 102.64 -3.06 -87.54
C ASN E 45 102.73 -3.30 -89.04
N SER E 46 103.85 -3.87 -89.46
CA SER E 46 104.05 -4.13 -90.89
C SER E 46 104.02 -5.60 -91.28
N ASP E 47 103.82 -6.49 -90.31
CA ASP E 47 103.78 -7.94 -90.58
C ASP E 47 104.99 -8.37 -91.40
N GLN E 48 106.06 -7.58 -91.32
CA GLN E 48 107.26 -7.89 -92.08
C GLN E 48 106.83 -7.96 -93.55
N ASN E 49 106.67 -6.80 -94.17
CA ASN E 49 106.26 -6.71 -95.57
C ASN E 49 106.78 -5.45 -96.27
N GLN E 50 107.67 -5.66 -97.25
CA GLN E 50 108.28 -4.60 -98.05
C GLN E 50 107.38 -3.38 -98.30
N ASP E 51 106.24 -3.63 -98.95
CA ASP E 51 105.32 -2.56 -99.29
C ASP E 51 104.58 -1.93 -98.10
N LYS E 52 104.19 -2.75 -97.13
CA LYS E 52 103.50 -2.22 -95.96
C LYS E 52 104.50 -1.37 -95.17
N GLU E 53 105.79 -1.68 -95.32
CA GLU E 53 106.82 -0.92 -94.63
C GLU E 53 107.00 0.44 -95.31
N LEU E 54 106.86 0.48 -96.63
CA LEU E 54 106.98 1.74 -97.35
C LEU E 54 105.63 2.45 -97.29
N HIS E 55 104.55 1.67 -97.23
CA HIS E 55 103.20 2.22 -97.13
C HIS E 55 103.04 2.92 -95.77
N LEU E 56 103.29 2.16 -94.71
CA LEU E 56 103.21 2.71 -93.35
C LEU E 56 104.22 3.85 -93.19
N LEU E 57 105.21 3.88 -94.08
CA LEU E 57 106.27 4.89 -94.05
C LEU E 57 105.72 6.25 -94.49
N ASN E 58 104.70 6.24 -95.35
CA ASN E 58 104.07 7.46 -95.84
C ASN E 58 102.74 7.75 -95.16
N ASN E 59 102.23 6.75 -94.43
CA ASN E 59 100.97 6.87 -93.68
C ASN E 59 101.19 7.67 -92.41
N MET E 60 102.44 7.67 -91.95
CA MET E 60 102.84 8.40 -90.75
C MET E 60 102.94 9.90 -91.05
N LEU E 61 103.32 10.23 -92.29
CA LEU E 61 103.41 11.63 -92.69
C LEU E 61 101.97 12.15 -92.88
N GLY E 62 101.12 11.31 -93.44
CA GLY E 62 99.74 11.69 -93.65
C GLY E 62 99.12 12.03 -92.30
N LYS E 63 99.63 11.35 -91.27
CA LYS E 63 99.17 11.55 -89.89
C LYS E 63 99.99 12.59 -89.14
N GLN E 64 100.54 13.54 -89.88
CA GLN E 64 101.34 14.61 -89.30
C GLN E 64 102.19 14.17 -88.09
N VAL E 65 102.92 13.07 -88.21
CA VAL E 65 103.78 12.63 -87.10
C VAL E 65 105.09 13.41 -87.22
N ASP E 66 105.58 13.94 -86.11
CA ASP E 66 106.81 14.75 -86.12
C ASP E 66 108.12 13.99 -86.29
N GLY E 67 108.08 12.68 -86.04
CA GLY E 67 109.26 11.84 -86.19
C GLY E 67 108.85 10.38 -86.30
N ILE E 68 109.81 9.52 -86.62
CA ILE E 68 109.54 8.09 -86.75
C ILE E 68 110.69 7.22 -86.30
N ILE E 69 110.34 6.14 -85.61
CA ILE E 69 111.32 5.17 -85.17
C ILE E 69 110.89 3.97 -85.95
N PHE E 70 111.77 3.54 -86.85
CA PHE E 70 111.48 2.42 -87.73
C PHE E 70 112.32 1.21 -87.35
N MET E 71 111.67 0.07 -87.31
CA MET E 71 112.30 -1.20 -87.00
C MET E 71 112.04 -2.12 -88.18
N SER E 72 113.06 -2.85 -88.59
CA SER E 72 112.89 -3.74 -89.71
C SER E 72 113.92 -4.85 -89.55
N GLY E 73 113.56 -6.07 -89.92
CA GLY E 73 114.51 -7.16 -89.82
C GLY E 73 115.31 -7.12 -91.09
N ASN E 74 114.83 -6.35 -92.05
CA ASN E 74 115.48 -6.25 -93.35
C ASN E 74 115.25 -4.88 -93.99
N VAL E 75 116.18 -3.95 -93.78
CA VAL E 75 116.08 -2.62 -94.37
C VAL E 75 116.75 -2.65 -95.73
N THR E 76 115.94 -2.58 -96.79
CA THR E 76 116.47 -2.63 -98.14
C THR E 76 116.87 -1.27 -98.70
N GLU E 77 117.67 -1.31 -99.77
CA GLU E 77 118.13 -0.11 -100.45
C GLU E 77 116.94 0.56 -101.08
N GLU E 78 115.86 -0.21 -101.26
CA GLU E 78 114.62 0.31 -101.81
C GLU E 78 114.07 1.24 -100.74
N HIS E 79 114.06 0.74 -99.53
CA HIS E 79 113.57 1.50 -98.38
C HIS E 79 114.33 2.81 -98.26
N VAL E 80 115.57 2.70 -97.79
CA VAL E 80 116.46 3.85 -97.58
C VAL E 80 116.34 4.96 -98.62
N GLU E 81 116.01 4.61 -99.86
CA GLU E 81 115.87 5.61 -100.92
C GLU E 81 114.65 6.47 -100.64
N GLU E 82 113.48 5.84 -100.46
CA GLU E 82 112.26 6.58 -100.18
C GLU E 82 112.22 6.95 -98.70
N LEU E 83 113.09 6.30 -97.94
CA LEU E 83 113.20 6.51 -96.51
C LEU E 83 114.20 7.62 -96.22
N LYS E 84 114.65 8.29 -97.27
CA LYS E 84 115.60 9.39 -97.14
C LYS E 84 115.01 10.63 -97.80
N LYS E 85 113.86 10.45 -98.41
CA LYS E 85 113.14 11.53 -99.07
C LYS E 85 111.97 11.91 -98.15
N SER E 86 111.91 11.24 -97.01
CA SER E 86 110.86 11.47 -96.02
C SER E 86 110.78 12.96 -95.68
N PRO E 87 109.57 13.44 -95.39
CA PRO E 87 109.33 14.85 -95.03
C PRO E 87 109.60 15.07 -93.54
N VAL E 88 109.69 13.98 -92.78
CA VAL E 88 109.96 14.02 -91.34
C VAL E 88 111.04 13.01 -90.94
N PRO E 89 111.87 13.36 -89.95
CA PRO E 89 112.95 12.51 -89.47
C PRO E 89 112.57 11.05 -89.28
N VAL E 90 113.58 10.21 -89.11
CA VAL E 90 113.40 8.78 -88.91
C VAL E 90 114.72 8.16 -88.53
N VAL E 91 114.71 7.38 -87.46
CA VAL E 91 115.90 6.69 -86.97
C VAL E 91 115.50 5.24 -86.71
N LEU E 92 116.35 4.32 -87.17
CA LEU E 92 116.09 2.90 -87.00
C LEU E 92 116.49 2.47 -85.61
N ALA E 93 115.76 1.52 -85.06
CA ALA E 93 116.07 1.00 -83.73
C ALA E 93 116.24 -0.51 -83.83
N ALA E 94 117.31 -1.03 -83.25
CA ALA E 94 117.55 -2.48 -83.30
C ALA E 94 117.31 -2.98 -84.72
N SER E 95 117.68 -2.16 -85.70
CA SER E 95 117.51 -2.56 -87.07
C SER E 95 118.84 -2.42 -87.77
N ILE E 96 119.08 -3.24 -88.77
CA ILE E 96 120.31 -3.13 -89.51
C ILE E 96 120.02 -2.81 -90.96
N GLU E 97 120.75 -1.84 -91.47
CA GLU E 97 120.61 -1.45 -92.86
C GLU E 97 122.03 -1.35 -93.42
N SER E 98 122.31 -2.26 -94.35
CA SER E 98 123.59 -2.41 -95.04
C SER E 98 124.49 -1.19 -95.23
N THR E 99 123.89 -0.05 -95.61
CA THR E 99 124.66 1.18 -95.87
C THR E 99 125.14 2.00 -94.68
N ASN E 100 124.55 1.81 -93.51
CA ASN E 100 124.96 2.59 -92.34
C ASN E 100 124.83 4.07 -92.69
N GLN E 101 123.77 4.43 -93.40
CA GLN E 101 123.60 5.83 -93.76
C GLN E 101 122.32 6.43 -93.17
N ILE E 102 121.35 5.58 -92.88
CA ILE E 102 120.12 6.04 -92.24
C ILE E 102 120.45 6.05 -90.74
N PRO E 103 120.15 7.16 -90.04
CA PRO E 103 120.46 7.20 -88.61
C PRO E 103 119.97 5.93 -87.96
N SER E 104 120.70 5.43 -86.98
CA SER E 104 120.30 4.20 -86.34
C SER E 104 121.01 3.95 -85.02
N VAL E 105 120.29 3.28 -84.12
CA VAL E 105 120.83 2.92 -82.84
C VAL E 105 120.53 1.43 -82.73
N THR E 106 121.59 0.66 -82.51
CA THR E 106 121.49 -0.79 -82.41
C THR E 106 122.81 -1.31 -81.89
N ILE E 107 122.80 -2.49 -81.29
CA ILE E 107 124.03 -3.08 -80.78
C ILE E 107 124.77 -3.79 -81.92
N ASP E 108 126.01 -4.22 -81.65
CA ASP E 108 126.82 -4.95 -82.63
C ASP E 108 126.34 -6.41 -82.65
N TYR E 109 125.48 -6.77 -83.60
CA TYR E 109 124.99 -8.13 -83.60
C TYR E 109 126.04 -9.21 -83.83
N GLU E 110 127.12 -8.91 -84.56
CA GLU E 110 128.14 -9.93 -84.80
C GLU E 110 128.98 -10.15 -83.57
N GLN E 111 129.33 -9.09 -82.88
CA GLN E 111 130.14 -9.21 -81.66
C GLN E 111 129.33 -9.75 -80.50
N ALA E 112 128.01 -9.66 -80.62
CA ALA E 112 127.09 -10.14 -79.60
C ALA E 112 126.99 -11.63 -79.74
N ALA E 113 127.02 -12.08 -80.99
CA ALA E 113 126.97 -13.51 -81.29
C ALA E 113 128.32 -14.09 -80.91
N PHE E 114 129.38 -13.40 -81.29
CA PHE E 114 130.72 -13.87 -81.00
C PHE E 114 130.95 -14.07 -79.50
N ASP E 115 130.65 -13.06 -78.70
CA ASP E 115 130.86 -13.17 -77.26
C ASP E 115 130.10 -14.33 -76.66
N ALA E 116 128.85 -14.50 -77.12
CA ALA E 116 128.01 -15.57 -76.62
C ALA E 116 128.69 -16.91 -76.84
N VAL E 117 129.07 -17.17 -78.09
CA VAL E 117 129.74 -18.39 -78.49
C VAL E 117 131.09 -18.47 -77.79
N GLN E 118 131.77 -17.33 -77.66
CA GLN E 118 133.08 -17.27 -77.04
C GLN E 118 133.05 -17.64 -75.56
N SER E 119 131.99 -17.26 -74.85
CA SER E 119 131.89 -17.57 -73.43
C SER E 119 131.71 -19.07 -73.26
N LEU E 120 131.07 -19.70 -74.24
CA LEU E 120 130.84 -21.14 -74.22
C LEU E 120 132.16 -21.87 -74.44
N ILE E 121 133.01 -21.26 -75.27
CA ILE E 121 134.30 -21.85 -75.54
C ILE E 121 135.20 -21.72 -74.31
N ASP E 122 135.11 -20.59 -73.61
CA ASP E 122 135.92 -20.40 -72.41
C ASP E 122 135.46 -21.41 -71.37
N SER E 123 134.19 -21.78 -71.45
CA SER E 123 133.59 -22.74 -70.53
C SER E 123 134.10 -24.14 -70.87
N GLY E 124 134.74 -24.27 -72.02
CA GLY E 124 135.29 -25.55 -72.41
C GLY E 124 134.54 -26.33 -73.47
N HIS E 125 133.65 -25.67 -74.21
CA HIS E 125 132.89 -26.37 -75.25
C HIS E 125 133.63 -26.40 -76.59
N LYS E 126 133.50 -27.53 -77.28
CA LYS E 126 134.14 -27.76 -78.57
C LYS E 126 133.05 -27.94 -79.64
N ASN E 127 132.01 -28.70 -79.33
CA ASN E 127 130.91 -28.90 -80.28
C ASN E 127 129.72 -27.98 -79.94
N ILE E 128 129.76 -26.75 -80.49
CA ILE E 128 128.73 -25.74 -80.29
C ILE E 128 127.89 -25.54 -81.55
N ALA E 129 126.61 -25.90 -81.47
CA ALA E 129 125.67 -25.74 -82.58
C ALA E 129 125.02 -24.35 -82.50
N PHE E 130 124.17 -24.03 -83.46
CA PHE E 130 123.51 -22.72 -83.47
C PHE E 130 122.16 -22.72 -84.16
N VAL E 131 121.14 -22.28 -83.44
CA VAL E 131 119.79 -22.23 -83.98
C VAL E 131 119.49 -20.78 -84.35
N SER E 132 119.28 -20.57 -85.64
CA SER E 132 119.00 -19.26 -86.19
C SER E 132 117.58 -19.08 -86.68
N GLY E 133 117.20 -17.83 -86.88
CA GLY E 133 115.88 -17.54 -87.41
C GLY E 133 116.05 -17.64 -88.92
N THR E 134 115.08 -17.15 -89.68
CA THR E 134 115.20 -17.22 -91.13
C THR E 134 116.54 -16.61 -91.57
N LEU E 135 117.32 -17.41 -92.29
CA LEU E 135 118.64 -17.01 -92.78
C LEU E 135 118.66 -15.89 -93.83
N GLU E 136 117.52 -15.57 -94.42
CA GLU E 136 117.50 -14.54 -95.45
C GLU E 136 117.69 -13.12 -94.92
N GLU E 137 117.61 -12.95 -93.61
CA GLU E 137 117.76 -11.63 -93.04
C GLU E 137 119.21 -11.32 -92.72
N PRO E 138 119.60 -10.05 -92.83
CA PRO E 138 120.99 -9.65 -92.53
C PRO E 138 121.28 -9.92 -91.04
N ILE E 139 120.25 -9.75 -90.22
CA ILE E 139 120.36 -9.96 -88.77
C ILE E 139 121.02 -11.31 -88.51
N ASN E 140 120.65 -12.29 -89.33
CA ASN E 140 121.16 -13.65 -89.19
C ASN E 140 122.36 -13.98 -90.06
N HIS E 141 122.13 -14.03 -91.36
CA HIS E 141 123.19 -14.36 -92.32
C HIS E 141 124.40 -13.43 -92.36
N ALA E 142 124.19 -12.15 -92.07
CA ALA E 142 125.28 -11.19 -92.13
C ALA E 142 125.91 -10.84 -90.79
N LYS E 143 125.20 -11.08 -89.70
CA LYS E 143 125.74 -10.72 -88.39
C LYS E 143 125.81 -11.85 -87.38
N LYS E 144 124.67 -12.44 -87.03
CA LYS E 144 124.66 -13.51 -86.03
C LYS E 144 125.38 -14.75 -86.51
N VAL E 145 125.02 -15.24 -87.69
CA VAL E 145 125.67 -16.43 -88.21
C VAL E 145 127.17 -16.26 -88.22
N LYS E 146 127.64 -15.18 -88.82
CA LYS E 146 129.08 -14.98 -88.89
C LYS E 146 129.77 -14.80 -87.55
N GLY E 147 129.10 -14.18 -86.58
CA GLY E 147 129.73 -14.01 -85.29
C GLY E 147 130.03 -15.38 -84.72
N TYR E 148 129.04 -16.26 -84.84
CA TYR E 148 129.16 -17.62 -84.35
C TYR E 148 130.30 -18.35 -85.04
N LYS E 149 130.30 -18.30 -86.36
CA LYS E 149 131.34 -18.94 -87.15
C LYS E 149 132.70 -18.42 -86.71
N ARG E 150 132.86 -17.11 -86.66
CA ARG E 150 134.13 -16.51 -86.28
C ARG E 150 134.65 -16.85 -84.88
N ALA E 151 133.77 -17.05 -83.91
CA ALA E 151 134.22 -17.39 -82.57
C ALA E 151 134.87 -18.78 -82.63
N LEU E 152 134.22 -19.70 -83.33
CA LEU E 152 134.73 -21.05 -83.49
C LEU E 152 136.04 -20.95 -84.24
N THR E 153 135.97 -20.46 -85.47
CA THR E 153 137.15 -20.30 -86.31
C THR E 153 138.31 -19.87 -85.42
N GLU E 154 138.16 -18.72 -84.78
CA GLU E 154 139.19 -18.18 -83.89
C GLU E 154 139.73 -19.10 -82.80
N SER E 155 138.96 -20.09 -82.37
CA SER E 155 139.48 -20.95 -81.31
C SER E 155 140.13 -22.23 -81.85
N GLY E 156 140.16 -22.36 -83.18
CA GLY E 156 140.76 -23.53 -83.78
C GLY E 156 139.71 -24.60 -83.94
N LEU E 157 138.51 -24.30 -83.45
CA LEU E 157 137.39 -25.23 -83.57
C LEU E 157 136.91 -25.16 -85.01
N PRO E 158 136.27 -26.24 -85.49
CA PRO E 158 135.79 -26.30 -86.86
C PRO E 158 134.41 -25.70 -86.99
N VAL E 159 133.98 -25.49 -88.22
CA VAL E 159 132.67 -24.96 -88.47
C VAL E 159 131.96 -25.93 -89.40
N ARG E 160 131.15 -26.82 -88.80
CA ARG E 160 130.39 -27.81 -89.57
C ARG E 160 129.02 -27.22 -89.95
N ASP E 161 128.56 -27.51 -91.14
CA ASP E 161 127.29 -26.98 -91.61
C ASP E 161 126.11 -27.59 -90.92
N SER E 162 126.29 -28.82 -90.42
CA SER E 162 125.20 -29.51 -89.76
C SER E 162 124.83 -28.80 -88.45
N TYR E 163 125.79 -28.09 -87.87
CA TYR E 163 125.58 -27.37 -86.62
C TYR E 163 124.83 -26.04 -86.71
N ILE E 164 124.43 -25.63 -87.91
CA ILE E 164 123.66 -24.40 -88.09
C ILE E 164 122.29 -24.82 -88.61
N VAL E 165 121.31 -24.93 -87.73
CA VAL E 165 119.97 -25.31 -88.15
C VAL E 165 119.01 -24.10 -88.12
N GLU E 166 118.25 -23.96 -89.20
CA GLU E 166 117.33 -22.86 -89.43
C GLU E 166 115.96 -22.93 -88.77
N GLY E 167 115.63 -21.87 -88.05
CA GLY E 167 114.34 -21.79 -87.42
C GLY E 167 113.52 -20.67 -88.04
N ASP E 168 112.26 -20.53 -87.64
CA ASP E 168 111.41 -19.48 -88.18
C ASP E 168 110.98 -18.55 -87.03
N TYR E 169 111.77 -18.55 -85.95
CA TYR E 169 111.50 -17.74 -84.77
C TYR E 169 110.42 -18.34 -83.88
N THR E 170 109.75 -19.35 -84.41
CA THR E 170 108.69 -20.02 -83.68
C THR E 170 109.25 -20.92 -82.59
N TYR E 171 108.55 -20.99 -81.45
CA TYR E 171 108.97 -21.85 -80.35
C TYR E 171 109.06 -23.27 -80.91
N ASP E 172 108.06 -23.67 -81.68
CA ASP E 172 108.02 -25.01 -82.28
C ASP E 172 109.26 -25.35 -83.09
N SER E 173 109.81 -24.36 -83.77
CA SER E 173 110.98 -24.59 -84.59
C SER E 173 112.15 -24.79 -83.67
N GLY E 174 112.07 -24.24 -82.47
CA GLY E 174 113.13 -24.40 -81.50
C GLY E 174 113.18 -25.88 -81.17
N ILE E 175 112.01 -26.47 -80.98
CA ILE E 175 111.90 -27.89 -80.67
C ILE E 175 112.48 -28.69 -81.84
N GLU E 176 112.00 -28.43 -83.04
CA GLU E 176 112.48 -29.14 -84.23
C GLU E 176 113.97 -28.97 -84.49
N ALA E 177 114.55 -27.89 -83.98
CA ALA E 177 115.96 -27.64 -84.19
C ALA E 177 116.83 -28.55 -83.34
N VAL E 178 116.43 -28.76 -82.09
CA VAL E 178 117.20 -29.62 -81.20
C VAL E 178 117.01 -31.05 -81.68
N GLU E 179 115.81 -31.31 -82.16
CA GLU E 179 115.46 -32.62 -82.68
C GLU E 179 116.57 -32.95 -83.67
N LYS E 180 116.74 -32.09 -84.67
CA LYS E 180 117.76 -32.29 -85.69
C LYS E 180 119.16 -32.44 -85.08
N LEU E 181 119.57 -31.42 -84.35
CA LEU E 181 120.89 -31.42 -83.72
C LEU E 181 121.15 -32.68 -82.91
N LEU E 182 120.17 -33.16 -82.17
CA LEU E 182 120.39 -34.35 -81.37
C LEU E 182 120.53 -35.63 -82.19
N GLU E 183 120.43 -35.51 -83.50
CA GLU E 183 120.56 -36.66 -84.39
C GLU E 183 121.93 -36.69 -85.06
N GLU E 184 122.64 -35.56 -85.06
CA GLU E 184 123.93 -35.49 -85.69
C GLU E 184 124.85 -36.49 -84.97
N ASP E 185 125.86 -37.01 -85.68
CA ASP E 185 126.79 -37.99 -85.11
C ASP E 185 127.53 -37.49 -83.90
N GLU E 186 128.02 -36.26 -84.00
CA GLU E 186 128.71 -35.60 -82.91
C GLU E 186 127.68 -34.67 -82.33
N LYS E 187 127.13 -35.05 -81.18
CA LYS E 187 126.10 -34.25 -80.56
C LYS E 187 126.71 -33.01 -79.93
N PRO E 188 126.11 -31.83 -80.19
CA PRO E 188 126.68 -30.63 -79.58
C PRO E 188 126.48 -30.70 -78.07
N THR E 189 127.31 -29.95 -77.35
CA THR E 189 127.18 -29.91 -75.91
C THR E 189 126.63 -28.54 -75.50
N ALA E 190 126.63 -27.61 -76.45
CA ALA E 190 126.11 -26.27 -76.25
C ALA E 190 125.45 -25.76 -77.55
N ILE E 191 124.34 -25.08 -77.40
CA ILE E 191 123.63 -24.55 -78.55
C ILE E 191 123.46 -23.05 -78.34
N PHE E 192 123.70 -22.27 -79.38
CA PHE E 192 123.54 -20.84 -79.31
C PHE E 192 122.34 -20.49 -80.18
N VAL E 193 121.26 -20.08 -79.52
CA VAL E 193 120.02 -19.70 -80.22
C VAL E 193 119.91 -18.18 -80.42
N GLY E 194 119.60 -17.77 -81.65
CA GLY E 194 119.53 -16.35 -81.96
C GLY E 194 118.34 -15.57 -81.46
N THR E 195 117.44 -16.25 -80.77
CA THR E 195 116.24 -15.63 -80.26
C THR E 195 115.70 -16.36 -79.03
N ASP E 196 115.40 -15.59 -77.99
CA ASP E 196 114.87 -16.15 -76.75
C ASP E 196 113.80 -17.21 -77.03
N GLU E 197 112.68 -16.80 -77.64
CA GLU E 197 111.61 -17.73 -77.90
C GLU E 197 112.02 -19.05 -78.47
N MET E 198 112.94 -19.05 -79.42
CA MET E 198 113.37 -20.33 -79.97
C MET E 198 114.21 -21.07 -78.95
N ALA E 199 114.94 -20.33 -78.13
CA ALA E 199 115.79 -20.92 -77.12
C ALA E 199 114.93 -21.70 -76.14
N LEU E 200 113.72 -21.22 -75.88
CA LEU E 200 112.82 -21.94 -74.98
C LEU E 200 112.41 -23.26 -75.62
N GLY E 201 112.35 -23.25 -76.96
CA GLY E 201 111.98 -24.44 -77.69
C GLY E 201 113.14 -25.42 -77.70
N VAL E 202 114.35 -24.88 -77.68
CA VAL E 202 115.54 -25.71 -77.65
C VAL E 202 115.66 -26.35 -76.26
N ILE E 203 115.51 -25.54 -75.21
CA ILE E 203 115.56 -26.09 -73.86
C ILE E 203 114.58 -27.26 -73.75
N HIS E 204 113.31 -26.98 -74.04
CA HIS E 204 112.26 -27.98 -73.94
C HIS E 204 112.43 -29.18 -74.86
N GLY E 205 112.96 -28.95 -76.05
CA GLY E 205 113.19 -30.04 -76.97
C GLY E 205 114.18 -30.97 -76.32
N ALA E 206 115.28 -30.41 -75.80
CA ALA E 206 116.29 -31.19 -75.14
C ALA E 206 115.67 -32.01 -74.01
N GLN E 207 115.08 -31.33 -73.03
CA GLN E 207 114.46 -32.02 -71.90
C GLN E 207 113.45 -33.08 -72.29
N ASP E 208 112.63 -32.79 -73.29
CA ASP E 208 111.63 -33.75 -73.74
C ASP E 208 112.25 -35.09 -74.16
N ARG E 209 113.48 -35.03 -74.68
CA ARG E 209 114.17 -36.24 -75.10
C ARG E 209 115.13 -36.81 -74.06
N GLY E 210 115.01 -36.36 -72.82
CA GLY E 210 115.84 -36.90 -71.76
C GLY E 210 117.19 -36.29 -71.46
N LEU E 211 117.44 -35.06 -71.86
CA LEU E 211 118.71 -34.42 -71.56
C LEU E 211 118.50 -33.34 -70.51
N ASN E 212 119.57 -32.96 -69.83
CA ASN E 212 119.49 -31.91 -68.83
C ASN E 212 120.20 -30.65 -69.30
N VAL E 213 119.63 -29.50 -68.93
CA VAL E 213 120.22 -28.20 -69.24
C VAL E 213 120.51 -27.72 -67.82
N PRO E 214 121.75 -27.29 -67.52
CA PRO E 214 122.94 -27.20 -68.38
C PRO E 214 123.88 -28.39 -68.33
N ASN E 215 123.50 -29.44 -67.62
CA ASN E 215 124.38 -30.59 -67.50
C ASN E 215 124.75 -31.26 -68.81
N ASP E 216 123.76 -31.64 -69.61
CA ASP E 216 124.05 -32.30 -70.86
C ASP E 216 124.05 -31.34 -72.04
N LEU E 217 123.63 -30.12 -71.82
CA LEU E 217 123.57 -29.18 -72.92
C LEU E 217 123.38 -27.78 -72.39
N GLU E 218 124.33 -26.91 -72.72
CA GLU E 218 124.23 -25.53 -72.29
C GLU E 218 123.59 -24.77 -73.45
N ILE E 219 122.70 -23.83 -73.11
CA ILE E 219 121.97 -23.03 -74.09
C ILE E 219 122.13 -21.50 -73.81
N ILE E 220 122.18 -20.70 -74.87
CA ILE E 220 122.25 -19.25 -74.68
C ILE E 220 121.30 -18.64 -75.72
N GLY E 221 120.44 -17.72 -75.27
CA GLY E 221 119.49 -17.07 -76.17
C GLY E 221 119.93 -15.68 -76.57
N PHE E 222 119.05 -14.93 -77.21
CA PHE E 222 119.37 -13.57 -77.65
C PHE E 222 118.21 -12.60 -77.46
N ASP E 223 118.52 -11.43 -76.90
CA ASP E 223 117.56 -10.34 -76.64
C ASP E 223 117.28 -10.05 -75.17
N ASN E 224 117.43 -11.07 -74.32
CA ASN E 224 117.15 -10.92 -72.90
C ASN E 224 115.72 -10.42 -72.73
N THR E 225 114.82 -11.12 -73.40
CA THR E 225 113.41 -10.81 -73.37
C THR E 225 112.80 -11.28 -72.04
N ARG E 226 111.52 -11.01 -71.84
CA ARG E 226 110.81 -11.42 -70.63
C ARG E 226 110.78 -12.95 -70.45
N LEU E 227 110.74 -13.69 -71.55
CA LEU E 227 110.69 -15.15 -71.51
C LEU E 227 111.92 -15.78 -70.86
N SER E 228 113.06 -15.09 -70.92
CA SER E 228 114.30 -15.56 -70.33
C SER E 228 114.12 -16.09 -68.94
N THR E 229 113.21 -15.48 -68.18
CA THR E 229 112.97 -15.89 -66.81
C THR E 229 111.67 -16.63 -66.56
N MET E 230 110.99 -17.01 -67.63
CA MET E 230 109.75 -17.74 -67.52
C MET E 230 109.95 -19.20 -67.95
N VAL E 231 111.22 -19.63 -67.98
CA VAL E 231 111.60 -20.99 -68.34
C VAL E 231 112.33 -21.57 -67.15
N ARG E 232 112.60 -22.85 -67.23
CA ARG E 232 113.35 -23.56 -66.20
C ARG E 232 114.25 -24.59 -66.92
N PRO E 233 115.59 -24.50 -66.77
CA PRO E 233 116.32 -23.49 -66.00
C PRO E 233 116.24 -22.15 -66.69
N GLN E 234 116.37 -21.07 -65.92
CA GLN E 234 116.30 -19.75 -66.53
C GLN E 234 117.37 -19.60 -67.60
N LEU E 235 116.99 -18.97 -68.70
CA LEU E 235 117.81 -18.73 -69.86
C LEU E 235 118.87 -17.63 -69.78
N THR E 236 120.14 -17.98 -69.97
CA THR E 236 121.18 -16.95 -69.98
C THR E 236 121.06 -16.44 -71.40
N SER E 237 120.96 -15.13 -71.56
CA SER E 237 120.75 -14.58 -72.87
C SER E 237 121.49 -13.28 -73.08
N VAL E 238 121.83 -13.00 -74.34
CA VAL E 238 122.52 -11.78 -74.69
C VAL E 238 121.57 -10.61 -74.47
N VAL E 239 122.04 -9.59 -73.77
CA VAL E 239 121.20 -8.44 -73.52
C VAL E 239 121.31 -7.40 -74.60
N GLN E 240 120.14 -6.97 -75.07
CA GLN E 240 120.05 -5.91 -76.04
C GLN E 240 119.38 -4.90 -75.13
N PRO E 241 120.06 -3.79 -74.83
CA PRO E 241 119.46 -2.77 -73.96
C PRO E 241 118.27 -2.11 -74.64
N MET E 242 117.05 -2.54 -74.30
CA MET E 242 115.85 -1.98 -74.91
C MET E 242 115.64 -0.56 -74.42
N TYR E 243 115.91 -0.35 -73.14
CA TYR E 243 115.77 0.98 -72.54
C TYR E 243 116.81 1.90 -73.16
N ASP E 244 118.04 1.42 -73.30
CA ASP E 244 119.11 2.21 -73.89
C ASP E 244 118.80 2.52 -75.35
N ILE E 245 118.31 1.53 -76.10
CA ILE E 245 117.95 1.75 -77.49
C ILE E 245 116.89 2.84 -77.58
N GLY E 246 115.78 2.67 -76.87
CA GLY E 246 114.72 3.66 -76.94
C GLY E 246 115.16 5.06 -76.53
N ALA E 247 116.00 5.13 -75.51
CA ALA E 247 116.50 6.40 -74.99
C ALA E 247 117.24 7.20 -76.05
N VAL E 248 118.29 6.58 -76.58
CA VAL E 248 119.13 7.20 -77.61
C VAL E 248 118.39 7.41 -78.92
N ALA E 249 117.48 6.51 -79.26
CA ALA E 249 116.72 6.62 -80.49
C ALA E 249 115.82 7.84 -80.36
N MET E 250 115.46 8.16 -79.12
CA MET E 250 114.60 9.29 -78.85
C MET E 250 115.43 10.57 -78.78
N ARG E 251 116.49 10.56 -77.99
CA ARG E 251 117.37 11.72 -77.88
C ARG E 251 117.73 12.14 -79.31
N LEU E 252 118.14 11.14 -80.08
CA LEU E 252 118.55 11.31 -81.47
C LEU E 252 117.39 11.89 -82.30
N LEU E 253 116.26 11.20 -82.31
CA LEU E 253 115.10 11.66 -83.07
C LEU E 253 114.72 13.08 -82.71
N THR E 254 114.73 13.39 -81.42
CA THR E 254 114.35 14.71 -80.94
C THR E 254 115.21 15.82 -81.54
N LYS E 255 116.49 15.56 -81.74
CA LYS E 255 117.34 16.57 -82.33
C LYS E 255 116.91 16.76 -83.78
N TYR E 256 116.76 15.67 -84.51
CA TYR E 256 116.36 15.72 -85.93
C TYR E 256 115.03 16.44 -86.14
N MET E 257 114.14 16.35 -85.16
CA MET E 257 112.83 17.01 -85.25
C MET E 257 113.01 18.52 -85.07
N ASN E 258 113.82 18.92 -84.09
CA ASN E 258 114.10 20.34 -83.84
C ASN E 258 115.10 20.84 -84.89
N LYS E 259 115.54 19.95 -85.77
CA LYS E 259 116.54 20.27 -86.80
C LYS E 259 117.77 20.73 -86.01
N GLU E 260 118.50 19.78 -85.43
CA GLU E 260 119.68 20.12 -84.63
C GLU E 260 121.04 19.67 -85.14
N THR E 261 121.11 19.32 -86.42
CA THR E 261 122.34 18.92 -87.15
C THR E 261 123.40 17.99 -86.55
N VAL E 262 123.25 17.60 -85.28
CA VAL E 262 124.25 16.74 -84.62
C VAL E 262 124.82 15.53 -85.38
N ASP E 263 126.15 15.56 -85.52
CA ASP E 263 126.93 14.51 -86.18
C ASP E 263 126.87 13.24 -85.32
N SER E 264 127.55 12.18 -85.76
CA SER E 264 127.54 10.88 -85.06
C SER E 264 126.14 10.30 -85.26
N SER E 265 125.90 9.84 -86.49
CA SER E 265 124.62 9.31 -86.94
C SER E 265 124.23 7.85 -86.58
N ILE E 266 125.16 6.90 -86.70
CA ILE E 266 124.85 5.52 -86.37
C ILE E 266 125.43 5.16 -85.02
N VAL E 267 124.57 5.15 -84.00
CA VAL E 267 125.04 4.82 -82.66
C VAL E 267 125.04 3.32 -82.44
N GLN E 268 126.16 2.81 -81.91
CA GLN E 268 126.24 1.40 -81.64
C GLN E 268 126.34 1.21 -80.13
N LEU E 269 125.27 0.71 -79.54
CA LEU E 269 125.23 0.50 -78.09
C LEU E 269 125.94 -0.76 -77.62
N PRO E 270 126.49 -0.71 -76.40
CA PRO E 270 127.20 -1.86 -75.83
C PRO E 270 126.25 -2.96 -75.35
N HIS E 271 126.50 -4.18 -75.80
CA HIS E 271 125.67 -5.32 -75.40
C HIS E 271 126.33 -5.99 -74.21
N ARG E 272 125.77 -7.12 -73.79
CA ARG E 272 126.27 -7.88 -72.65
C ARG E 272 125.50 -9.19 -72.56
N ILE E 273 125.90 -10.06 -71.63
CA ILE E 273 125.18 -11.32 -71.44
C ILE E 273 124.70 -11.53 -69.99
N GLU E 274 123.40 -11.74 -69.84
CA GLU E 274 122.83 -12.00 -68.52
C GLU E 274 122.99 -13.49 -68.30
N PHE E 275 123.89 -13.87 -67.39
CA PHE E 275 124.11 -15.28 -67.13
C PHE E 275 123.16 -15.89 -66.12
N ARG E 276 122.51 -16.98 -66.52
CA ARG E 276 121.56 -17.64 -65.64
C ARG E 276 121.84 -19.14 -65.45
N GLN E 277 120.78 -19.94 -65.46
CA GLN E 277 120.92 -21.39 -65.26
C GLN E 277 121.16 -22.27 -66.50
N SER E 278 120.96 -21.72 -67.70
CA SER E 278 121.16 -22.45 -68.97
C SER E 278 122.62 -22.84 -69.16
N THR E 279 123.51 -22.04 -68.59
CA THR E 279 124.93 -22.28 -68.69
C THR E 279 125.47 -22.70 -67.31
N LYS E 280 126.63 -23.34 -67.29
CA LYS E 280 127.26 -23.79 -66.04
C LYS E 280 128.24 -22.74 -65.49
N THR F 8 90.11 2.12 -97.26
CA THR F 8 90.74 3.29 -97.94
C THR F 8 91.15 4.28 -96.85
N THR F 9 90.79 3.94 -95.62
CA THR F 9 91.06 4.79 -94.48
C THR F 9 91.73 4.06 -93.31
N THR F 10 92.04 4.81 -92.26
CA THR F 10 92.68 4.24 -91.08
C THR F 10 91.70 4.10 -89.92
N VAL F 11 91.94 3.09 -89.07
CA VAL F 11 91.11 2.81 -87.89
C VAL F 11 92.05 2.64 -86.70
N GLY F 12 91.69 3.24 -85.56
CA GLY F 12 92.53 3.14 -84.40
C GLY F 12 92.18 2.03 -83.44
N VAL F 13 93.19 1.57 -82.70
CA VAL F 13 93.03 0.52 -81.70
C VAL F 13 93.68 0.97 -80.38
N ILE F 14 92.92 0.92 -79.29
CA ILE F 14 93.47 1.33 -78.01
C ILE F 14 93.58 0.14 -77.09
N ILE F 15 94.75 -0.47 -77.01
CA ILE F 15 94.90 -1.60 -76.10
C ILE F 15 95.83 -1.15 -74.98
N PRO F 16 95.70 -1.77 -73.80
CA PRO F 16 96.54 -1.42 -72.66
C PRO F 16 98.03 -1.73 -72.76
N ASP F 17 98.39 -2.85 -73.39
CA ASP F 17 99.81 -3.19 -73.47
C ASP F 17 100.16 -4.14 -74.60
N ILE F 18 100.73 -3.59 -75.65
CA ILE F 18 101.08 -4.34 -76.84
C ILE F 18 102.08 -5.47 -76.58
N SER F 19 102.95 -5.29 -75.59
CA SER F 19 103.97 -6.30 -75.29
C SER F 19 103.41 -7.54 -74.62
N ASN F 20 102.12 -7.51 -74.29
CA ASN F 20 101.43 -8.62 -73.67
C ASN F 20 101.09 -9.59 -74.81
N ILE F 21 101.48 -10.86 -74.69
CA ILE F 21 101.18 -11.84 -75.76
C ILE F 21 99.69 -11.93 -75.98
N PHE F 22 98.93 -11.82 -74.89
CA PHE F 22 97.49 -11.90 -75.01
C PHE F 22 96.98 -10.93 -76.05
N TYR F 23 97.46 -9.68 -76.02
CA TYR F 23 97.00 -8.66 -76.98
C TYR F 23 97.65 -8.73 -78.35
N ALA F 24 98.65 -9.59 -78.52
CA ALA F 24 99.28 -9.72 -79.82
C ALA F 24 98.27 -10.39 -80.74
N GLU F 25 97.85 -11.58 -80.34
CA GLU F 25 96.88 -12.33 -81.10
C GLU F 25 95.67 -11.47 -81.50
N LEU F 26 95.12 -10.74 -80.55
CA LEU F 26 93.96 -9.92 -80.83
C LEU F 26 94.32 -8.94 -81.91
N ALA F 27 95.41 -8.22 -81.73
CA ALA F 27 95.85 -7.24 -82.73
C ALA F 27 96.06 -7.86 -84.12
N ARG F 28 96.34 -9.17 -84.16
CA ARG F 28 96.55 -9.89 -85.41
C ARG F 28 95.20 -10.07 -86.10
N GLY F 29 94.21 -10.46 -85.31
CA GLY F 29 92.87 -10.66 -85.83
C GLY F 29 92.35 -9.38 -86.45
N ILE F 30 92.63 -8.27 -85.78
CA ILE F 30 92.20 -6.96 -86.25
C ILE F 30 92.86 -6.61 -87.58
N GLU F 31 94.19 -6.68 -87.59
CA GLU F 31 94.99 -6.35 -88.76
C GLU F 31 94.62 -7.16 -89.99
N ASP F 32 94.41 -8.47 -89.83
CA ASP F 32 94.06 -9.32 -90.98
C ASP F 32 92.79 -8.85 -91.69
N ILE F 33 91.72 -8.69 -90.92
CA ILE F 33 90.45 -8.25 -91.50
C ILE F 33 90.64 -6.85 -92.06
N ALA F 34 91.51 -6.08 -91.42
CA ALA F 34 91.78 -4.72 -91.87
C ALA F 34 92.38 -4.77 -93.27
N THR F 35 93.46 -5.51 -93.40
CA THR F 35 94.14 -5.68 -94.68
C THR F 35 93.18 -6.22 -95.72
N MET F 36 92.23 -7.04 -95.27
CA MET F 36 91.24 -7.63 -96.15
C MET F 36 90.30 -6.53 -96.69
N TYR F 37 89.94 -5.59 -95.83
CA TYR F 37 89.05 -4.48 -96.24
C TYR F 37 89.84 -3.24 -96.58
N LYS F 38 91.13 -3.40 -96.83
CA LYS F 38 91.99 -2.27 -97.15
C LYS F 38 91.80 -1.11 -96.17
N TYR F 39 92.07 -1.41 -94.90
CA TYR F 39 91.98 -0.43 -93.82
C TYR F 39 93.35 -0.37 -93.15
N ASN F 40 93.74 0.82 -92.71
CA ASN F 40 95.01 0.98 -92.03
C ASN F 40 94.78 0.62 -90.57
N ILE F 41 95.85 0.49 -89.80
CA ILE F 41 95.68 0.20 -88.40
C ILE F 41 96.61 1.03 -87.53
N ILE F 42 96.00 1.94 -86.77
CA ILE F 42 96.71 2.83 -85.87
C ILE F 42 96.52 2.20 -84.52
N LEU F 43 97.61 2.03 -83.78
CA LEU F 43 97.48 1.40 -82.46
C LEU F 43 98.31 2.13 -81.39
N SER F 44 97.76 2.25 -80.18
CA SER F 44 98.47 2.90 -79.08
C SER F 44 98.14 2.25 -77.75
N ASN F 45 99.16 2.14 -76.90
CA ASN F 45 99.01 1.53 -75.59
C ASN F 45 98.51 2.54 -74.58
N SER F 46 97.63 2.07 -73.70
CA SER F 46 97.03 2.91 -72.68
C SER F 46 97.63 2.62 -71.33
N ASP F 47 98.11 1.41 -71.12
CA ASP F 47 98.69 1.01 -69.85
C ASP F 47 97.56 0.93 -68.81
N GLN F 48 96.32 0.84 -69.27
CA GLN F 48 95.14 0.79 -68.41
C GLN F 48 95.06 1.92 -67.38
N ASN F 49 95.16 3.12 -67.90
CA ASN F 49 95.10 4.38 -67.18
C ASN F 49 93.91 5.07 -67.84
N GLN F 50 92.89 5.39 -67.07
CA GLN F 50 91.71 6.03 -67.66
C GLN F 50 92.08 7.32 -68.40
N ASP F 51 92.81 8.20 -67.74
CA ASP F 51 93.22 9.46 -68.36
C ASP F 51 93.80 9.20 -69.74
N LYS F 52 94.90 8.47 -69.78
CA LYS F 52 95.57 8.16 -71.02
C LYS F 52 94.58 7.61 -72.04
N GLU F 53 93.62 6.82 -71.57
CA GLU F 53 92.62 6.26 -72.47
C GLU F 53 91.77 7.37 -73.06
N LEU F 54 91.33 8.30 -72.23
CA LEU F 54 90.50 9.39 -72.71
C LEU F 54 91.34 10.19 -73.68
N HIS F 55 92.64 10.27 -73.39
CA HIS F 55 93.59 11.00 -74.20
C HIS F 55 93.68 10.33 -75.57
N LEU F 56 94.04 9.06 -75.53
CA LEU F 56 94.18 8.25 -76.72
C LEU F 56 92.95 8.36 -77.61
N LEU F 57 91.78 8.40 -77.01
CA LEU F 57 90.53 8.52 -77.76
C LEU F 57 90.46 9.84 -78.51
N ASN F 58 90.66 10.94 -77.80
CA ASN F 58 90.63 12.24 -78.47
C ASN F 58 91.69 12.22 -79.56
N ASN F 59 92.87 11.69 -79.23
CA ASN F 59 93.93 11.62 -80.22
C ASN F 59 93.53 10.81 -81.43
N MET F 60 92.77 9.73 -81.25
CA MET F 60 92.37 8.94 -82.41
C MET F 60 91.38 9.77 -83.23
N LEU F 61 90.50 10.48 -82.56
CA LEU F 61 89.51 11.32 -83.23
C LEU F 61 90.21 12.47 -83.95
N GLY F 62 91.21 13.05 -83.30
CA GLY F 62 91.95 14.14 -83.90
C GLY F 62 92.73 13.69 -85.12
N LYS F 63 93.10 12.42 -85.18
CA LYS F 63 93.84 11.91 -86.31
C LYS F 63 92.92 11.52 -87.47
N GLN F 64 91.66 11.92 -87.36
CA GLN F 64 90.66 11.67 -88.40
C GLN F 64 90.40 10.22 -88.78
N VAL F 65 90.32 9.35 -87.78
CA VAL F 65 90.07 7.93 -88.03
C VAL F 65 88.61 7.65 -88.40
N ASP F 66 88.33 6.43 -88.84
CA ASP F 66 86.98 6.06 -89.23
C ASP F 66 86.27 5.24 -88.16
N GLY F 67 87.07 4.60 -87.32
CA GLY F 67 86.52 3.79 -86.25
C GLY F 67 87.59 3.56 -85.21
N ILE F 68 87.20 2.92 -84.12
CA ILE F 68 88.12 2.60 -83.03
C ILE F 68 87.71 1.27 -82.40
N ILE F 69 88.70 0.45 -82.09
CA ILE F 69 88.45 -0.80 -81.40
C ILE F 69 89.14 -0.53 -80.07
N PHE F 70 88.36 -0.47 -79.00
CA PHE F 70 88.87 -0.17 -77.68
C PHE F 70 88.91 -1.43 -76.80
N MET F 71 90.00 -1.57 -76.05
CA MET F 71 90.16 -2.70 -75.14
C MET F 71 90.64 -2.10 -73.83
N SER F 72 89.99 -2.44 -72.72
CA SER F 72 90.38 -1.85 -71.45
C SER F 72 90.42 -2.72 -70.20
N GLY F 73 89.52 -3.70 -70.09
CA GLY F 73 89.52 -4.50 -68.89
C GLY F 73 88.63 -3.84 -67.84
N ASN F 74 88.65 -2.51 -67.82
CA ASN F 74 87.82 -1.73 -66.90
C ASN F 74 87.14 -0.59 -67.64
N VAL F 75 86.08 -0.88 -68.39
CA VAL F 75 85.38 0.16 -69.12
C VAL F 75 84.31 0.73 -68.21
N THR F 76 84.62 1.82 -67.51
CA THR F 76 83.66 2.44 -66.59
C THR F 76 82.52 3.17 -67.27
N GLU F 77 81.69 3.83 -66.46
CA GLU F 77 80.55 4.60 -66.95
C GLU F 77 81.03 5.91 -67.54
N GLU F 78 82.08 6.48 -66.94
CA GLU F 78 82.66 7.73 -67.43
C GLU F 78 83.10 7.51 -68.88
N HIS F 79 83.66 6.32 -69.14
CA HIS F 79 84.12 5.97 -70.48
C HIS F 79 82.91 5.82 -71.38
N VAL F 80 81.90 5.09 -70.92
CA VAL F 80 80.70 4.88 -71.71
C VAL F 80 80.04 6.21 -72.06
N GLU F 81 79.97 7.09 -71.08
CA GLU F 81 79.39 8.41 -71.28
C GLU F 81 80.17 9.09 -72.40
N GLU F 82 81.48 8.91 -72.37
CA GLU F 82 82.37 9.49 -73.36
C GLU F 82 82.36 8.79 -74.72
N LEU F 83 82.47 7.46 -74.75
CA LEU F 83 82.46 6.75 -76.03
C LEU F 83 81.14 7.06 -76.77
N LYS F 84 80.02 7.05 -76.05
CA LYS F 84 78.71 7.34 -76.64
C LYS F 84 78.70 8.63 -77.47
N LYS F 85 79.48 9.62 -77.05
CA LYS F 85 79.58 10.90 -77.74
C LYS F 85 80.59 10.84 -78.89
N SER F 86 80.98 9.63 -79.27
CA SER F 86 81.98 9.47 -80.33
C SER F 86 81.47 9.70 -81.75
N PRO F 87 82.14 10.59 -82.50
CA PRO F 87 81.65 10.81 -83.87
C PRO F 87 81.78 9.54 -84.69
N VAL F 88 82.93 8.88 -84.61
CA VAL F 88 83.16 7.65 -85.37
C VAL F 88 82.68 6.42 -84.59
N PRO F 89 82.47 5.29 -85.29
CA PRO F 89 82.00 4.05 -84.67
C PRO F 89 83.05 3.50 -83.68
N VAL F 90 82.57 2.75 -82.68
CA VAL F 90 83.43 2.19 -81.64
C VAL F 90 82.93 0.83 -81.14
N VAL F 91 83.80 -0.18 -81.14
CA VAL F 91 83.45 -1.50 -80.66
C VAL F 91 84.51 -1.91 -79.63
N LEU F 92 84.09 -2.60 -78.57
CA LEU F 92 85.04 -3.04 -77.55
C LEU F 92 85.50 -4.45 -77.90
N ALA F 93 86.70 -4.80 -77.45
CA ALA F 93 87.22 -6.13 -77.73
C ALA F 93 87.74 -6.79 -76.47
N ALA F 94 87.19 -7.96 -76.14
CA ALA F 94 87.61 -8.72 -74.97
C ALA F 94 87.67 -7.88 -73.71
N SER F 95 86.67 -7.06 -73.52
CA SER F 95 86.59 -6.21 -72.35
C SER F 95 85.13 -5.90 -72.11
N ILE F 96 84.68 -6.15 -70.90
CA ILE F 96 83.28 -5.94 -70.55
C ILE F 96 82.93 -4.50 -70.23
N GLU F 97 81.72 -4.10 -70.62
CA GLU F 97 81.25 -2.76 -70.34
C GLU F 97 80.03 -2.93 -69.44
N SER F 98 79.53 -4.15 -69.37
CA SER F 98 78.41 -4.52 -68.48
C SER F 98 77.19 -3.63 -68.49
N THR F 99 76.83 -3.14 -69.67
CA THR F 99 75.67 -2.28 -69.85
C THR F 99 75.28 -2.58 -71.28
N ASN F 100 76.27 -2.93 -72.07
CA ASN F 100 76.05 -3.30 -73.45
C ASN F 100 75.46 -2.20 -74.32
N GLN F 101 75.80 -0.96 -73.98
CA GLN F 101 75.35 0.20 -74.74
C GLN F 101 76.28 0.24 -75.95
N ILE F 102 77.57 0.18 -75.64
CA ILE F 102 78.64 0.19 -76.64
C ILE F 102 78.85 -1.19 -77.24
N PRO F 103 78.95 -1.29 -78.57
CA PRO F 103 79.15 -2.57 -79.28
C PRO F 103 80.41 -3.29 -78.79
N SER F 104 80.28 -4.57 -78.51
CA SER F 104 81.40 -5.32 -78.01
C SER F 104 81.39 -6.73 -78.52
N VAL F 105 82.55 -7.36 -78.42
CA VAL F 105 82.73 -8.74 -78.82
C VAL F 105 83.58 -9.35 -77.71
N THR F 106 83.03 -10.36 -77.04
CA THR F 106 83.72 -11.03 -75.94
C THR F 106 83.25 -12.47 -75.80
N ILE F 107 83.73 -13.13 -74.76
CA ILE F 107 83.35 -14.50 -74.46
C ILE F 107 82.69 -14.43 -73.09
N ASP F 108 81.90 -15.44 -72.76
CA ASP F 108 81.27 -15.45 -71.45
C ASP F 108 82.39 -15.81 -70.47
N TYR F 109 83.05 -14.79 -69.91
CA TYR F 109 84.15 -15.03 -68.97
C TYR F 109 83.68 -15.79 -67.73
N GLU F 110 82.47 -15.47 -67.27
CA GLU F 110 81.95 -16.14 -66.11
C GLU F 110 81.78 -17.62 -66.39
N GLN F 111 81.12 -17.96 -67.49
CA GLN F 111 80.90 -19.37 -67.79
C GLN F 111 82.23 -20.10 -67.94
N ALA F 112 83.15 -19.47 -68.67
CA ALA F 112 84.47 -20.04 -68.90
C ALA F 112 85.14 -20.36 -67.56
N ALA F 113 85.14 -19.38 -66.64
CA ALA F 113 85.72 -19.61 -65.33
C ALA F 113 85.05 -20.87 -64.74
N PHE F 114 83.73 -20.93 -64.86
CA PHE F 114 82.93 -22.04 -64.33
C PHE F 114 83.31 -23.42 -64.86
N ASP F 115 83.39 -23.56 -66.18
CA ASP F 115 83.71 -24.84 -66.78
C ASP F 115 85.12 -25.25 -66.45
N ALA F 116 85.98 -24.27 -66.29
CA ALA F 116 87.35 -24.55 -65.98
C ALA F 116 87.39 -25.26 -64.64
N VAL F 117 86.85 -24.62 -63.61
CA VAL F 117 86.87 -25.20 -62.29
C VAL F 117 85.91 -26.38 -62.21
N GLN F 118 84.88 -26.40 -63.04
CA GLN F 118 83.97 -27.53 -63.04
C GLN F 118 84.67 -28.78 -63.57
N SER F 119 85.63 -28.58 -64.46
CA SER F 119 86.38 -29.70 -65.04
C SER F 119 87.19 -30.40 -63.96
N LEU F 120 87.68 -29.63 -63.00
CA LEU F 120 88.46 -30.18 -61.91
C LEU F 120 87.58 -30.95 -60.93
N ILE F 121 86.36 -30.46 -60.71
CA ILE F 121 85.42 -31.12 -59.80
C ILE F 121 85.07 -32.52 -60.31
N ASP F 122 85.17 -32.74 -61.62
CA ASP F 122 84.85 -34.05 -62.19
C ASP F 122 86.05 -34.99 -62.07
N SER F 123 87.20 -34.45 -61.66
CA SER F 123 88.39 -35.26 -61.52
C SER F 123 88.49 -35.72 -60.09
N GLY F 124 87.67 -35.12 -59.23
CA GLY F 124 87.68 -35.50 -57.85
C GLY F 124 88.44 -34.52 -56.98
N HIS F 125 88.40 -33.25 -57.36
CA HIS F 125 89.07 -32.22 -56.58
C HIS F 125 88.05 -31.57 -55.66
N LYS F 126 88.48 -31.28 -54.44
CA LYS F 126 87.62 -30.66 -53.45
C LYS F 126 88.18 -29.31 -53.06
N ASN F 127 89.51 -29.20 -53.06
CA ASN F 127 90.15 -27.94 -52.72
C ASN F 127 90.77 -27.25 -53.93
N ILE F 128 90.00 -26.39 -54.58
CA ILE F 128 90.44 -25.65 -55.77
C ILE F 128 90.68 -24.19 -55.42
N ALA F 129 91.90 -23.71 -55.60
CA ALA F 129 92.17 -22.30 -55.32
C ALA F 129 91.90 -21.51 -56.61
N PHE F 130 92.16 -20.21 -56.57
CA PHE F 130 91.95 -19.36 -57.71
C PHE F 130 92.90 -18.17 -57.59
N VAL F 131 93.76 -18.02 -58.59
CA VAL F 131 94.70 -16.91 -58.65
C VAL F 131 94.15 -16.03 -59.76
N SER F 132 93.66 -14.86 -59.40
CA SER F 132 93.11 -13.97 -60.42
C SER F 132 93.96 -12.72 -60.56
N GLY F 133 93.69 -11.99 -61.64
CA GLY F 133 94.39 -10.75 -61.90
C GLY F 133 93.87 -9.71 -60.90
N THR F 134 94.17 -8.44 -61.16
CA THR F 134 93.75 -7.36 -60.27
C THR F 134 92.24 -7.44 -59.95
N LEU F 135 91.91 -7.74 -58.70
CA LEU F 135 90.51 -7.86 -58.30
C LEU F 135 89.64 -6.66 -58.64
N GLU F 136 90.23 -5.46 -58.60
CA GLU F 136 89.47 -4.25 -58.90
C GLU F 136 88.82 -4.29 -60.29
N GLU F 137 89.53 -4.89 -61.24
CA GLU F 137 89.04 -5.01 -62.61
C GLU F 137 87.80 -5.89 -62.73
N PRO F 138 86.69 -5.31 -63.20
CA PRO F 138 85.43 -6.00 -63.38
C PRO F 138 85.49 -7.41 -63.95
N ILE F 139 86.40 -7.65 -64.88
CA ILE F 139 86.50 -8.98 -65.46
C ILE F 139 86.79 -10.06 -64.41
N ASN F 140 87.54 -9.71 -63.37
CA ASN F 140 87.87 -10.67 -62.34
C ASN F 140 86.85 -10.77 -61.20
N HIS F 141 86.50 -9.64 -60.61
CA HIS F 141 85.56 -9.65 -59.49
C HIS F 141 84.10 -9.80 -59.85
N ALA F 142 83.77 -9.56 -61.12
CA ALA F 142 82.40 -9.64 -61.58
C ALA F 142 82.15 -10.82 -62.50
N LYS F 143 83.21 -11.57 -62.82
CA LYS F 143 83.09 -12.70 -63.73
C LYS F 143 83.84 -13.96 -63.30
N LYS F 144 85.16 -13.93 -63.39
CA LYS F 144 85.99 -15.09 -63.04
C LYS F 144 85.79 -15.58 -61.61
N VAL F 145 85.86 -14.68 -60.65
CA VAL F 145 85.66 -15.06 -59.26
C VAL F 145 84.30 -15.72 -59.07
N LYS F 146 83.28 -15.12 -59.68
CA LYS F 146 81.92 -15.64 -59.60
C LYS F 146 81.82 -17.00 -60.29
N GLY F 147 82.25 -17.07 -61.54
CA GLY F 147 82.19 -18.34 -62.25
C GLY F 147 82.84 -19.38 -61.37
N TYR F 148 83.95 -18.99 -60.75
CA TYR F 148 84.69 -19.88 -59.86
C TYR F 148 83.82 -20.33 -58.68
N LYS F 149 83.31 -19.38 -57.91
CA LYS F 149 82.49 -19.73 -56.75
C LYS F 149 81.26 -20.52 -57.15
N ARG F 150 80.78 -20.29 -58.36
CA ARG F 150 79.58 -20.97 -58.83
C ARG F 150 79.84 -22.44 -59.09
N ALA F 151 80.96 -22.77 -59.73
CA ALA F 151 81.25 -24.17 -60.02
C ALA F 151 81.33 -24.91 -58.68
N LEU F 152 81.85 -24.20 -57.69
CA LEU F 152 82.05 -24.69 -56.33
C LEU F 152 80.75 -24.94 -55.56
N THR F 153 80.12 -23.88 -55.07
CA THR F 153 78.89 -24.03 -54.31
C THR F 153 77.80 -24.82 -55.06
N GLU F 154 77.76 -24.68 -56.37
CA GLU F 154 76.79 -25.40 -57.21
C GLU F 154 77.12 -26.89 -57.21
N SER F 155 78.28 -27.24 -56.68
CA SER F 155 78.71 -28.64 -56.66
C SER F 155 78.77 -29.21 -55.24
N GLY F 156 78.40 -28.41 -54.26
CA GLY F 156 78.44 -28.89 -52.90
C GLY F 156 79.71 -28.52 -52.17
N LEU F 157 80.75 -28.19 -52.92
CA LEU F 157 82.01 -27.80 -52.31
C LEU F 157 81.86 -26.36 -51.80
N PRO F 158 82.75 -25.93 -50.89
CA PRO F 158 82.66 -24.58 -50.35
C PRO F 158 83.66 -23.57 -50.87
N VAL F 159 83.34 -22.29 -50.74
CA VAL F 159 84.21 -21.21 -51.18
C VAL F 159 85.03 -20.67 -50.01
N ARG F 160 86.32 -20.97 -49.99
CA ARG F 160 87.22 -20.52 -48.92
C ARG F 160 87.91 -19.21 -49.31
N ASP F 161 87.51 -18.13 -48.64
CA ASP F 161 88.07 -16.79 -48.89
C ASP F 161 89.58 -16.75 -49.02
N SER F 162 90.26 -17.76 -48.49
CA SER F 162 91.71 -17.81 -48.56
C SER F 162 92.21 -18.41 -49.88
N TYR F 163 91.40 -19.30 -50.46
CA TYR F 163 91.75 -19.93 -51.72
C TYR F 163 91.60 -19.00 -52.92
N ILE F 164 91.37 -17.70 -52.69
CA ILE F 164 91.25 -16.75 -53.79
C ILE F 164 92.34 -15.70 -53.65
N VAL F 165 93.53 -16.03 -54.11
CA VAL F 165 94.65 -15.10 -54.02
C VAL F 165 94.68 -14.16 -55.21
N GLU F 166 95.11 -12.92 -54.99
CA GLU F 166 95.16 -11.93 -56.06
C GLU F 166 96.59 -11.61 -56.56
N GLY F 167 96.82 -11.86 -57.85
CA GLY F 167 98.12 -11.55 -58.43
C GLY F 167 97.94 -10.32 -59.30
N ASP F 168 98.85 -10.04 -60.21
CA ASP F 168 98.66 -8.86 -61.06
C ASP F 168 99.03 -9.07 -62.52
N TYR F 169 98.79 -10.29 -63.02
CA TYR F 169 99.06 -10.65 -64.40
C TYR F 169 100.54 -10.92 -64.72
N THR F 170 101.44 -10.74 -63.77
CA THR F 170 102.85 -10.99 -64.04
C THR F 170 103.23 -12.41 -63.69
N TYR F 171 104.21 -12.94 -64.39
CA TYR F 171 104.68 -14.29 -64.14
C TYR F 171 105.15 -14.37 -62.70
N ASP F 172 105.86 -13.33 -62.26
CA ASP F 172 106.38 -13.29 -60.90
C ASP F 172 105.29 -13.39 -59.85
N SER F 173 104.30 -12.52 -59.95
CA SER F 173 103.18 -12.50 -59.00
C SER F 173 102.49 -13.85 -58.94
N GLY F 174 102.63 -14.63 -60.02
CA GLY F 174 102.02 -15.93 -60.06
C GLY F 174 102.81 -16.90 -59.21
N ILE F 175 104.11 -16.65 -59.11
CA ILE F 175 104.98 -17.51 -58.30
C ILE F 175 104.57 -17.36 -56.85
N GLU F 176 104.53 -16.11 -56.41
CA GLU F 176 104.17 -15.79 -55.04
C GLU F 176 102.82 -16.36 -54.62
N ALA F 177 101.83 -16.21 -55.48
CA ALA F 177 100.50 -16.72 -55.20
C ALA F 177 100.54 -18.17 -54.76
N VAL F 178 101.34 -18.99 -55.44
CA VAL F 178 101.44 -20.43 -55.12
C VAL F 178 102.15 -20.58 -53.78
N GLU F 179 103.16 -19.76 -53.56
CA GLU F 179 103.89 -19.84 -52.31
C GLU F 179 102.92 -19.52 -51.19
N LYS F 180 102.17 -18.42 -51.32
CA LYS F 180 101.19 -18.06 -50.31
C LYS F 180 100.12 -19.11 -50.23
N LEU F 181 99.71 -19.66 -51.36
CA LEU F 181 98.67 -20.69 -51.37
C LEU F 181 99.10 -21.96 -50.62
N LEU F 182 100.30 -22.45 -50.93
CA LEU F 182 100.82 -23.65 -50.30
C LEU F 182 101.10 -23.39 -48.82
N GLU F 183 101.07 -22.09 -48.49
CA GLU F 183 101.25 -21.59 -47.12
C GLU F 183 99.85 -21.64 -46.56
N GLU F 184 99.32 -22.84 -46.42
CA GLU F 184 97.98 -23.02 -45.93
C GLU F 184 98.03 -24.34 -45.20
N ASP F 185 96.98 -24.62 -44.46
CA ASP F 185 96.91 -25.87 -43.74
C ASP F 185 96.27 -26.83 -44.73
N GLU F 186 95.15 -26.41 -45.31
CA GLU F 186 94.49 -27.21 -46.32
C GLU F 186 95.23 -26.90 -47.61
N LYS F 187 96.02 -27.87 -48.05
CA LYS F 187 96.80 -27.71 -49.28
C LYS F 187 95.87 -28.02 -50.45
N PRO F 188 95.58 -27.01 -51.30
CA PRO F 188 94.71 -27.25 -52.46
C PRO F 188 95.40 -28.18 -53.45
N THR F 189 94.65 -29.12 -54.01
CA THR F 189 95.20 -30.07 -54.97
C THR F 189 95.02 -29.61 -56.43
N ALA F 190 94.31 -28.49 -56.60
CA ALA F 190 94.06 -27.93 -57.93
C ALA F 190 93.98 -26.42 -57.83
N ILE F 191 94.52 -25.72 -58.83
CA ILE F 191 94.45 -24.26 -58.82
C ILE F 191 93.95 -23.78 -60.17
N PHE F 192 93.12 -22.75 -60.16
CA PHE F 192 92.62 -22.16 -61.38
C PHE F 192 93.30 -20.82 -61.43
N VAL F 193 93.87 -20.48 -62.58
CA VAL F 193 94.60 -19.22 -62.75
C VAL F 193 93.96 -18.35 -63.83
N GLY F 194 93.81 -17.07 -63.55
CA GLY F 194 93.18 -16.18 -64.52
C GLY F 194 93.96 -15.77 -65.76
N THR F 195 95.22 -16.17 -65.83
CA THR F 195 96.07 -15.78 -66.94
C THR F 195 97.09 -16.88 -67.17
N ASP F 196 97.47 -17.13 -68.42
CA ASP F 196 98.49 -18.15 -68.71
C ASP F 196 99.83 -17.71 -68.11
N GLU F 197 100.15 -16.43 -68.30
CA GLU F 197 101.39 -15.90 -67.77
C GLU F 197 101.55 -16.17 -66.29
N MET F 198 100.50 -15.88 -65.53
CA MET F 198 100.53 -16.12 -64.10
C MET F 198 100.56 -17.62 -63.87
N ALA F 199 99.85 -18.35 -64.71
CA ALA F 199 99.77 -19.81 -64.62
C ALA F 199 101.14 -20.45 -64.73
N LEU F 200 102.05 -19.81 -65.47
CA LEU F 200 103.40 -20.35 -65.63
C LEU F 200 104.21 -20.30 -64.34
N GLY F 201 104.22 -19.13 -63.70
CA GLY F 201 104.94 -18.97 -62.44
C GLY F 201 104.33 -19.80 -61.33
N VAL F 202 103.02 -20.03 -61.42
CA VAL F 202 102.31 -20.85 -60.45
C VAL F 202 102.73 -22.29 -60.69
N ILE F 203 102.96 -22.62 -61.96
CA ILE F 203 103.42 -23.95 -62.34
C ILE F 203 104.84 -24.13 -61.78
N HIS F 204 105.73 -23.18 -62.10
CA HIS F 204 107.10 -23.25 -61.63
C HIS F 204 107.21 -23.17 -60.10
N GLY F 205 106.55 -22.17 -59.52
CA GLY F 205 106.56 -21.96 -58.08
C GLY F 205 106.20 -23.20 -57.28
N ALA F 206 105.41 -24.09 -57.89
CA ALA F 206 105.01 -25.29 -57.21
C ALA F 206 106.09 -26.36 -57.38
N GLN F 207 106.81 -26.27 -58.50
CA GLN F 207 107.87 -27.22 -58.80
C GLN F 207 109.06 -26.99 -57.89
N ASP F 208 109.44 -25.74 -57.70
CA ASP F 208 110.56 -25.48 -56.82
C ASP F 208 110.26 -26.07 -55.44
N ARG F 209 109.04 -25.87 -54.95
CA ARG F 209 108.64 -26.42 -53.66
C ARG F 209 108.48 -27.96 -53.81
N GLY F 210 109.03 -28.48 -54.90
CA GLY F 210 109.02 -29.90 -55.18
C GLY F 210 107.72 -30.61 -55.46
N LEU F 211 106.67 -29.87 -55.80
CA LEU F 211 105.40 -30.53 -56.13
C LEU F 211 105.50 -30.87 -57.61
N ASN F 212 104.71 -31.85 -58.03
CA ASN F 212 104.71 -32.25 -59.43
C ASN F 212 103.36 -31.96 -60.04
N VAL F 213 103.38 -31.26 -61.16
CA VAL F 213 102.16 -30.94 -61.89
C VAL F 213 102.08 -32.02 -62.98
N PRO F 214 100.95 -32.76 -63.09
CA PRO F 214 99.69 -32.68 -62.32
C PRO F 214 99.53 -33.60 -61.12
N ASN F 215 100.28 -34.71 -61.08
CA ASN F 215 100.13 -35.69 -60.00
C ASN F 215 100.09 -35.20 -58.56
N ASP F 216 100.69 -34.04 -58.28
CA ASP F 216 100.70 -33.47 -56.93
C ASP F 216 99.78 -32.27 -56.86
N LEU F 217 99.68 -31.56 -57.97
CA LEU F 217 98.90 -30.36 -58.00
C LEU F 217 98.77 -29.87 -59.44
N GLU F 218 97.62 -30.13 -60.06
CA GLU F 218 97.40 -29.68 -61.43
C GLU F 218 96.88 -28.24 -61.43
N ILE F 219 96.86 -27.61 -62.59
CA ILE F 219 96.36 -26.25 -62.69
C ILE F 219 95.84 -25.91 -64.07
N ILE F 220 94.83 -25.04 -64.13
CA ILE F 220 94.24 -24.61 -65.39
C ILE F 220 94.48 -23.13 -65.62
N GLY F 221 95.02 -22.79 -66.77
CA GLY F 221 95.27 -21.40 -67.08
C GLY F 221 94.05 -20.81 -67.78
N PHE F 222 94.21 -19.64 -68.39
CA PHE F 222 93.10 -18.99 -69.09
C PHE F 222 93.72 -18.10 -70.20
N ASP F 223 93.13 -18.16 -71.39
CA ASP F 223 93.55 -17.41 -72.58
C ASP F 223 94.02 -18.34 -73.68
N ASN F 224 94.87 -19.30 -73.28
CA ASN F 224 95.44 -20.27 -74.22
C ASN F 224 96.28 -19.55 -75.25
N THR F 225 97.29 -18.81 -74.79
CA THR F 225 98.18 -18.07 -75.68
C THR F 225 99.31 -19.03 -76.00
N ARG F 226 100.33 -18.58 -76.73
CA ARG F 226 101.47 -19.44 -77.05
C ARG F 226 102.12 -19.98 -75.79
N LEU F 227 102.09 -19.17 -74.73
CA LEU F 227 102.68 -19.54 -73.46
C LEU F 227 102.20 -20.88 -72.94
N SER F 228 100.93 -21.18 -73.16
CA SER F 228 100.35 -22.43 -72.69
C SER F 228 101.16 -23.62 -73.11
N THR F 229 101.84 -23.49 -74.25
CA THR F 229 102.63 -24.59 -74.77
C THR F 229 104.12 -24.46 -74.46
N MET F 230 104.51 -23.33 -73.89
CA MET F 230 105.91 -23.07 -73.54
C MET F 230 106.23 -23.26 -72.07
N VAL F 231 105.71 -24.35 -71.50
CA VAL F 231 105.98 -24.72 -70.11
C VAL F 231 105.91 -26.21 -70.07
N ARG F 232 106.42 -26.77 -68.98
CA ARG F 232 106.35 -28.19 -68.79
C ARG F 232 105.90 -28.45 -67.36
N PRO F 233 104.81 -29.22 -67.21
CA PRO F 233 104.08 -29.81 -68.34
C PRO F 233 103.33 -28.72 -69.10
N GLN F 234 103.00 -28.97 -70.37
CA GLN F 234 102.26 -28.00 -71.18
C GLN F 234 100.96 -27.68 -70.45
N LEU F 235 100.74 -26.40 -70.21
CA LEU F 235 99.57 -25.92 -69.48
C LEU F 235 98.20 -26.15 -70.10
N THR F 236 97.24 -26.51 -69.23
CA THR F 236 95.84 -26.67 -69.63
C THR F 236 95.21 -25.29 -69.44
N SER F 237 94.65 -24.74 -70.50
CA SER F 237 94.11 -23.41 -70.41
C SER F 237 92.77 -23.22 -71.10
N VAL F 238 91.98 -22.31 -70.55
CA VAL F 238 90.69 -21.99 -71.12
C VAL F 238 90.95 -21.24 -72.42
N VAL F 239 90.22 -21.62 -73.47
CA VAL F 239 90.41 -21.00 -74.77
C VAL F 239 89.61 -19.73 -75.03
N GLN F 240 90.34 -18.63 -75.18
CA GLN F 240 89.73 -17.35 -75.50
C GLN F 240 90.16 -17.11 -76.94
N PRO F 241 89.24 -17.28 -77.89
CA PRO F 241 89.52 -17.08 -79.32
C PRO F 241 89.98 -15.66 -79.63
N MET F 242 91.13 -15.27 -79.08
CA MET F 242 91.66 -13.93 -79.26
C MET F 242 91.74 -13.47 -80.70
N TYR F 243 92.09 -14.37 -81.61
CA TYR F 243 92.17 -14.02 -83.02
C TYR F 243 90.76 -13.71 -83.55
N ASP F 244 89.84 -14.63 -83.34
CA ASP F 244 88.48 -14.45 -83.78
C ASP F 244 87.88 -13.21 -83.17
N ILE F 245 88.15 -12.97 -81.89
CA ILE F 245 87.62 -11.78 -81.21
C ILE F 245 88.04 -10.53 -81.95
N GLY F 246 89.32 -10.45 -82.29
CA GLY F 246 89.80 -9.31 -83.03
C GLY F 246 89.07 -9.27 -84.36
N ALA F 247 89.17 -10.34 -85.14
CA ALA F 247 88.52 -10.44 -86.44
C ALA F 247 87.05 -10.02 -86.44
N VAL F 248 86.28 -10.53 -85.48
CA VAL F 248 84.86 -10.20 -85.41
C VAL F 248 84.62 -8.73 -85.04
N ALA F 249 85.55 -8.15 -84.29
CA ALA F 249 85.40 -6.76 -83.88
C ALA F 249 85.65 -5.87 -85.10
N MET F 250 86.78 -6.08 -85.75
CA MET F 250 87.11 -5.29 -86.92
C MET F 250 85.95 -5.46 -87.90
N ARG F 251 85.38 -6.66 -87.94
CA ARG F 251 84.25 -6.95 -88.82
C ARG F 251 83.08 -6.06 -88.45
N LEU F 252 82.66 -6.17 -87.20
CA LEU F 252 81.55 -5.40 -86.69
C LEU F 252 81.82 -3.90 -86.83
N LEU F 253 83.08 -3.49 -86.75
CA LEU F 253 83.42 -2.07 -86.88
C LEU F 253 83.15 -1.65 -88.33
N THR F 254 83.66 -2.45 -89.26
CA THR F 254 83.47 -2.23 -90.70
C THR F 254 81.97 -2.12 -90.97
N LYS F 255 81.22 -3.04 -90.37
CA LYS F 255 79.77 -3.07 -90.51
C LYS F 255 79.26 -1.64 -90.26
N TYR F 256 79.59 -1.07 -89.10
CA TYR F 256 79.20 0.30 -88.74
C TYR F 256 79.94 1.34 -89.58
N MET F 257 81.28 1.23 -89.63
CA MET F 257 82.12 2.15 -90.41
C MET F 257 81.48 2.46 -91.76
N ASN F 258 80.96 1.43 -92.47
CA ASN F 258 80.26 1.61 -93.76
C ASN F 258 78.79 1.99 -93.51
N LYS F 259 78.41 2.28 -92.28
CA LYS F 259 77.01 2.59 -91.99
C LYS F 259 76.01 1.48 -92.45
N GLU F 260 76.44 0.19 -92.35
CA GLU F 260 75.68 -1.06 -92.69
C GLU F 260 74.93 -1.55 -91.43
N THR F 261 73.93 -2.42 -91.59
CA THR F 261 73.16 -2.90 -90.42
C THR F 261 73.85 -3.94 -89.53
N VAL F 262 73.50 -3.92 -88.25
CA VAL F 262 74.05 -4.81 -87.23
C VAL F 262 72.95 -5.30 -86.29
N ASP F 263 72.39 -6.50 -86.55
CA ASP F 263 71.31 -7.05 -85.71
C ASP F 263 71.84 -7.83 -84.51
N SER F 264 73.16 -7.80 -84.34
CA SER F 264 73.80 -8.48 -83.23
C SER F 264 74.86 -7.50 -82.77
N SER F 265 74.42 -6.46 -82.05
CA SER F 265 75.28 -5.39 -81.52
C SER F 265 76.35 -5.91 -80.56
N ILE F 266 75.97 -6.76 -79.62
CA ILE F 266 76.97 -7.31 -78.72
C ILE F 266 77.09 -8.79 -79.00
N VAL F 267 78.24 -9.11 -79.58
CA VAL F 267 78.60 -10.45 -79.97
C VAL F 267 79.33 -11.16 -78.82
N GLN F 268 79.00 -12.43 -78.61
CA GLN F 268 79.65 -13.23 -77.57
C GLN F 268 80.07 -14.61 -78.14
N LEU F 269 81.36 -14.71 -78.49
CA LEU F 269 81.93 -15.92 -79.07
C LEU F 269 82.12 -17.03 -78.05
N PRO F 270 81.96 -18.28 -78.50
CA PRO F 270 82.10 -19.47 -77.65
C PRO F 270 83.51 -19.62 -77.10
N HIS F 271 83.62 -20.39 -76.02
CA HIS F 271 84.92 -20.65 -75.43
C HIS F 271 85.06 -22.16 -75.38
N ARG F 272 86.19 -22.65 -74.88
CA ARG F 272 86.45 -24.07 -74.85
C ARG F 272 87.65 -24.23 -73.95
N ILE F 273 87.96 -25.46 -73.57
CA ILE F 273 89.14 -25.70 -72.76
C ILE F 273 90.11 -26.53 -73.61
N GLU F 274 91.40 -26.27 -73.47
CA GLU F 274 92.39 -27.05 -74.20
C GLU F 274 93.17 -27.83 -73.15
N PHE F 275 92.81 -29.09 -72.95
CA PHE F 275 93.49 -29.89 -71.96
C PHE F 275 94.87 -30.33 -72.41
N ARG F 276 95.84 -30.19 -71.51
CA ARG F 276 97.19 -30.59 -71.82
C ARG F 276 97.73 -31.48 -70.72
N GLN F 277 98.93 -31.21 -70.24
CA GLN F 277 99.49 -32.07 -69.20
C GLN F 277 99.61 -31.46 -67.82
N SER F 278 99.29 -30.17 -67.70
CA SER F 278 99.38 -29.52 -66.40
C SER F 278 98.21 -30.03 -65.60
N THR F 279 97.29 -30.63 -66.34
CA THR F 279 96.07 -31.17 -65.77
C THR F 279 96.12 -32.68 -65.93
N LYS F 280 95.56 -33.40 -64.97
CA LYS F 280 95.59 -34.85 -65.05
C LYS F 280 94.61 -35.37 -66.09
#